data_5SJB
#
_entry.id   5SJB
#
_cell.length_a   135.538
_cell.length_b   135.538
_cell.length_c   235.689
_cell.angle_alpha   90.000
_cell.angle_beta   90.000
_cell.angle_gamma   120.000
#
_symmetry.space_group_name_H-M   'H 3'
#
loop_
_entity.id
_entity.type
_entity.pdbx_description
1 polymer "cAMP and cAMP-inhibited cGMP 3',5'-cyclic phosphodiesterase 10A"
2 non-polymer 'ZINC ION'
3 non-polymer 'MAGNESIUM ION'
4 non-polymer 2-{[(4-methoxy-3,5-dimethylpyridin-2-yl)methyl]sulfanyl}-1H-imidazo[4,5-f]quinoline
5 water water
#
_entity_poly.entity_id   1
_entity_poly.type   'polypeptide(L)'
_entity_poly.pdbx_seq_one_letter_code
;GSSICTSEEWQGLMQFTLPVRLCKEIELFHFDIGPFENMWPGIFVYMVHRSCGTSCFELEKL(CME)RFIMSVKKNYRRV
PYHNWKHAVTVAHCMYAILQNNHTLFTDLERKGLLIACLCHDLDHRGFSNSYLQKFDHPLAALYSTSTMEQHHFSQTVSI
LQLEGHNIFSTLSSSEYEQVLEIIRKAIIATDLALYFGNRKQLEEMYQTGSLNLNNQSHRDRVIGLMMTACDLCSVTKLW
PVTKLTANDIYAEFWAEGDEMKKLGIQPIPMMDRDKKDEVPQGQLGFYNAVAIPCYTTLTQILPPTEPLLKACRDNLSQW
EKVIRGEETATWISSPSVAQKAAASED
;
_entity_poly.pdbx_strand_id   A,B,C,D
#
loop_
_chem_comp.id
_chem_comp.type
_chem_comp.name
_chem_comp.formula
K0C non-polymer 2-{[(4-methoxy-3,5-dimethylpyridin-2-yl)methyl]sulfanyl}-1H-imidazo[4,5-f]quinoline 'C19 H18 N4 O S'
MG non-polymer 'MAGNESIUM ION' 'Mg 2'
ZN non-polymer 'ZINC ION' 'Zn 2'
#
# COMPACT_ATOMS: atom_id res chain seq x y z
N GLY A 12 -35.52 22.60 -22.40
CA GLY A 12 -35.50 23.76 -23.35
C GLY A 12 -34.99 25.04 -22.69
N LEU A 13 -35.50 25.35 -21.49
CA LEU A 13 -35.15 26.57 -20.71
C LEU A 13 -34.04 26.28 -19.70
N MET A 14 -33.33 25.15 -19.86
CA MET A 14 -32.23 24.72 -18.96
C MET A 14 -30.89 25.10 -19.59
N GLN A 15 -30.33 26.24 -19.16
CA GLN A 15 -28.93 26.65 -19.45
C GLN A 15 -27.98 25.90 -18.54
N PHE A 16 -26.74 25.72 -18.99
CA PHE A 16 -25.58 25.51 -18.10
C PHE A 16 -25.03 26.89 -17.75
N THR A 17 -24.68 27.07 -16.48
CA THR A 17 -24.02 28.30 -15.96
C THR A 17 -22.73 27.84 -15.28
N LEU A 18 -21.69 28.64 -15.40
CA LEU A 18 -20.38 28.33 -14.80
C LEU A 18 -20.16 29.33 -13.68
N PRO A 19 -19.30 29.02 -12.68
CA PRO A 19 -18.87 30.05 -11.75
C PRO A 19 -18.32 31.28 -12.50
N VAL A 20 -18.40 32.42 -11.83
CA VAL A 20 -18.07 33.75 -12.42
C VAL A 20 -16.69 33.71 -13.09
N ARG A 21 -15.63 33.22 -12.42
CA ARG A 21 -14.26 33.23 -13.01
C ARG A 21 -14.25 32.40 -14.30
N LEU A 22 -14.99 31.28 -14.36
CA LEU A 22 -15.00 30.41 -15.57
C LEU A 22 -15.86 31.08 -16.65
N CYS A 23 -16.99 31.64 -16.24
CA CYS A 23 -17.90 32.39 -17.14
C CYS A 23 -17.10 33.45 -17.93
N LYS A 24 -16.20 34.16 -17.26
CA LYS A 24 -15.35 35.24 -17.86
C LYS A 24 -14.17 34.65 -18.64
N GLU A 25 -13.38 33.77 -18.03
CA GLU A 25 -12.10 33.28 -18.61
C GLU A 25 -12.40 32.36 -19.81
N ILE A 26 -13.50 31.63 -19.84
CA ILE A 26 -13.77 30.63 -20.92
C ILE A 26 -13.81 31.33 -22.30
N GLU A 27 -14.14 32.63 -22.33
CA GLU A 27 -14.24 33.42 -23.58
C GLU A 27 -12.84 33.74 -24.11
N LEU A 28 -11.80 33.60 -23.29
CA LEU A 28 -10.43 34.00 -23.69
C LEU A 28 -9.73 32.80 -24.32
N PHE A 29 -8.87 33.04 -25.31
CA PHE A 29 -8.18 31.96 -26.04
C PHE A 29 -7.36 31.12 -25.05
N HIS A 30 -6.73 31.75 -24.05
CA HIS A 30 -5.72 31.07 -23.19
C HIS A 30 -6.37 30.34 -22.01
N PHE A 31 -7.68 30.27 -21.91
CA PHE A 31 -8.41 29.53 -20.85
C PHE A 31 -7.89 28.08 -20.69
N ASP A 32 -7.64 27.64 -19.45
CA ASP A 32 -7.32 26.25 -19.09
C ASP A 32 -8.57 25.64 -18.42
N ILE A 33 -9.00 24.44 -18.82
CA ILE A 33 -10.31 23.89 -18.38
C ILE A 33 -10.21 23.33 -16.94
N GLY A 34 -9.02 23.32 -16.35
CA GLY A 34 -8.82 23.00 -14.93
C GLY A 34 -8.69 21.51 -14.69
N PRO A 35 -8.41 21.09 -13.43
CA PRO A 35 -8.13 19.71 -13.08
C PRO A 35 -9.37 18.89 -12.68
N PHE A 36 -10.56 19.50 -12.64
CA PHE A 36 -11.82 18.84 -12.22
C PHE A 36 -12.51 18.23 -13.44
N GLU A 37 -12.23 16.95 -13.72
CA GLU A 37 -12.75 16.17 -14.87
C GLU A 37 -14.28 16.26 -14.93
N ASN A 38 -14.95 16.22 -13.78
CA ASN A 38 -16.44 16.14 -13.74
C ASN A 38 -17.06 17.44 -14.25
N MET A 39 -16.33 18.55 -14.31
CA MET A 39 -16.87 19.81 -14.87
C MET A 39 -16.73 19.89 -16.41
N TRP A 40 -15.94 19.05 -17.07
CA TRP A 40 -15.56 19.22 -18.50
C TRP A 40 -16.77 19.03 -19.40
N PRO A 41 -17.66 18.04 -19.17
CA PRO A 41 -18.86 17.87 -19.98
C PRO A 41 -19.74 19.12 -19.98
N GLY A 42 -19.94 19.73 -18.80
CA GLY A 42 -20.77 20.93 -18.65
C GLY A 42 -20.15 22.12 -19.38
N ILE A 43 -18.82 22.25 -19.30
CA ILE A 43 -18.03 23.30 -20.01
C ILE A 43 -18.27 23.15 -21.52
N PHE A 44 -18.26 21.93 -22.02
CA PHE A 44 -18.47 21.65 -23.47
C PHE A 44 -19.90 22.00 -23.83
N VAL A 45 -20.88 21.53 -23.07
CA VAL A 45 -22.31 21.81 -23.35
C VAL A 45 -22.52 23.33 -23.33
N TYR A 46 -21.98 24.01 -22.33
CA TYR A 46 -21.98 25.49 -22.24
C TYR A 46 -21.48 26.08 -23.56
N MET A 47 -20.36 25.59 -24.07
CA MET A 47 -19.73 26.17 -25.30
C MET A 47 -20.64 25.93 -26.50
N VAL A 48 -21.24 24.75 -26.60
CA VAL A 48 -22.22 24.42 -27.68
C VAL A 48 -23.41 25.38 -27.60
N HIS A 49 -24.01 25.56 -26.42
CA HIS A 49 -25.19 26.43 -26.24
C HIS A 49 -24.88 27.86 -26.69
N ARG A 50 -23.72 28.41 -26.32
CA ARG A 50 -23.37 29.82 -26.63
C ARG A 50 -22.93 29.96 -28.09
N SER A 51 -22.41 28.89 -28.69
CA SER A 51 -21.73 28.92 -30.01
C SER A 51 -22.72 28.63 -31.14
N CYS A 52 -23.83 28.00 -30.77
CA CYS A 52 -24.68 27.19 -31.69
C CYS A 52 -26.14 27.46 -31.38
N GLY A 53 -26.50 27.38 -30.10
CA GLY A 53 -27.87 27.60 -29.57
C GLY A 53 -28.27 26.45 -28.65
N THR A 54 -29.20 26.70 -27.73
CA THR A 54 -29.76 25.67 -26.80
C THR A 54 -30.65 24.66 -27.56
N SER A 55 -30.91 24.91 -28.85
CA SER A 55 -31.82 24.13 -29.73
C SER A 55 -31.03 23.24 -30.71
N CYS A 56 -29.75 23.54 -30.96
CA CYS A 56 -28.86 22.81 -31.90
C CYS A 56 -29.00 21.30 -31.71
N PHE A 57 -29.02 20.84 -30.45
CA PHE A 57 -28.98 19.41 -30.10
C PHE A 57 -30.01 19.13 -29.00
N GLU A 58 -30.59 17.94 -28.99
CA GLU A 58 -31.41 17.46 -27.85
C GLU A 58 -30.45 17.14 -26.70
N LEU A 59 -30.66 17.75 -25.53
CA LEU A 59 -29.72 17.72 -24.38
C LEU A 59 -29.52 16.28 -23.89
N GLU A 60 -30.59 15.49 -23.81
CA GLU A 60 -30.59 14.04 -23.49
C GLU A 60 -29.59 13.32 -24.42
N LYS A 61 -29.67 13.57 -25.73
CA LYS A 61 -28.84 12.90 -26.76
C LYS A 61 -27.40 13.45 -26.72
N LEU A 62 -27.22 14.76 -26.55
CA LEU A 62 -25.88 15.38 -26.52
C LEU A 62 -25.11 14.79 -25.33
N CME A 63 -25.74 14.80 -24.15
CA CME A 63 -25.16 14.31 -22.86
CB CME A 63 -26.06 14.56 -21.68
SG CME A 63 -26.05 16.26 -21.07
SD CME A 63 -24.08 16.58 -20.61
CE CME A 63 -23.90 16.18 -18.85
CZ CME A 63 -23.31 17.31 -18.05
OH CME A 63 -22.44 16.85 -17.04
C CME A 63 -24.76 12.84 -23.03
O CME A 63 -23.72 12.46 -22.48
N ARG A 64 -25.54 12.06 -23.77
CA ARG A 64 -25.25 10.63 -23.98
C ARG A 64 -24.13 10.48 -25.02
N PHE A 65 -24.06 11.38 -25.99
CA PHE A 65 -22.95 11.43 -26.98
C PHE A 65 -21.64 11.77 -26.24
N ILE A 66 -21.64 12.84 -25.44
CA ILE A 66 -20.44 13.34 -24.70
C ILE A 66 -19.86 12.21 -23.84
N MET A 67 -20.71 11.45 -23.16
CA MET A 67 -20.26 10.43 -22.18
C MET A 67 -19.71 9.20 -22.92
N SER A 68 -20.28 8.86 -24.07
CA SER A 68 -19.74 7.77 -24.92
C SER A 68 -18.38 8.18 -25.51
N VAL A 69 -18.26 9.43 -25.98
CA VAL A 69 -16.98 9.93 -26.51
C VAL A 69 -15.95 9.86 -25.38
N LYS A 70 -16.30 10.33 -24.18
CA LYS A 70 -15.36 10.31 -23.04
C LYS A 70 -14.87 8.88 -22.80
N LYS A 71 -15.78 7.91 -22.80
CA LYS A 71 -15.46 6.49 -22.52
C LYS A 71 -14.46 5.95 -23.56
N ASN A 72 -14.46 6.45 -24.80
CA ASN A 72 -13.65 5.92 -25.91
C ASN A 72 -12.32 6.67 -26.06
N TYR A 73 -12.03 7.63 -25.18
CA TYR A 73 -10.67 8.18 -24.99
C TYR A 73 -9.99 7.32 -23.94
N ARG A 74 -8.69 7.11 -24.07
CA ARG A 74 -7.93 6.21 -23.19
C ARG A 74 -7.13 7.03 -22.18
N ARG A 75 -6.50 6.31 -21.26
CA ARG A 75 -5.74 6.86 -20.13
C ARG A 75 -4.26 6.97 -20.57
N VAL A 76 -4.03 7.77 -21.60
CA VAL A 76 -2.66 8.05 -22.11
C VAL A 76 -2.29 9.44 -21.59
N PRO A 77 -0.98 9.76 -21.50
CA PRO A 77 -0.54 10.99 -20.86
C PRO A 77 -1.05 12.28 -21.50
N TYR A 78 -1.26 12.30 -22.82
CA TYR A 78 -1.57 13.56 -23.54
C TYR A 78 -2.84 13.43 -24.39
N HIS A 79 -2.92 12.45 -25.29
CA HIS A 79 -4.04 12.27 -26.24
C HIS A 79 -5.27 11.65 -25.54
N ASN A 80 -5.78 12.36 -24.56
CA ASN A 80 -6.81 11.91 -23.60
C ASN A 80 -8.01 12.85 -23.68
N TRP A 81 -9.02 12.55 -22.88
CA TRP A 81 -10.28 13.31 -22.78
C TRP A 81 -10.01 14.80 -22.50
N LYS A 82 -9.05 15.14 -21.65
CA LYS A 82 -8.71 16.56 -21.37
C LYS A 82 -8.28 17.27 -22.67
N HIS A 83 -7.49 16.62 -23.50
CA HIS A 83 -7.04 17.19 -24.80
C HIS A 83 -8.25 17.46 -25.69
N ALA A 84 -9.19 16.52 -25.76
CA ALA A 84 -10.41 16.65 -26.60
C ALA A 84 -11.12 17.95 -26.24
N VAL A 85 -11.34 18.17 -24.94
CA VAL A 85 -12.15 19.33 -24.45
C VAL A 85 -11.31 20.61 -24.62
N THR A 86 -10.01 20.54 -24.41
CA THR A 86 -9.09 21.68 -24.61
C THR A 86 -9.17 22.12 -26.06
N VAL A 87 -9.10 21.18 -27.00
CA VAL A 87 -9.08 21.50 -28.46
C VAL A 87 -10.45 22.07 -28.85
N ALA A 88 -11.53 21.50 -28.33
CA ALA A 88 -12.89 22.04 -28.54
C ALA A 88 -12.99 23.46 -28.00
N HIS A 89 -12.40 23.76 -26.85
CA HIS A 89 -12.52 25.13 -26.29
C HIS A 89 -11.86 26.14 -27.25
N CYS A 90 -10.68 25.81 -27.78
CA CYS A 90 -9.93 26.72 -28.70
C CYS A 90 -10.80 27.00 -29.93
N MET A 91 -11.45 25.97 -30.48
CA MET A 91 -12.41 26.11 -31.60
C MET A 91 -13.56 27.02 -31.17
N TYR A 92 -14.06 26.88 -29.93
CA TYR A 92 -15.16 27.72 -29.42
C TYR A 92 -14.69 29.19 -29.46
N ALA A 93 -13.51 29.47 -28.92
CA ALA A 93 -12.94 30.83 -28.88
C ALA A 93 -12.81 31.39 -30.31
N ILE A 94 -12.34 30.60 -31.27
CA ILE A 94 -12.22 31.04 -32.70
C ILE A 94 -13.62 31.39 -33.24
N LEU A 95 -14.59 30.50 -33.06
CA LEU A 95 -15.95 30.69 -33.62
C LEU A 95 -16.60 31.91 -32.99
N GLN A 96 -16.43 32.11 -31.69
CA GLN A 96 -17.08 33.22 -30.97
C GLN A 96 -16.52 34.55 -31.49
N ASN A 97 -15.21 34.64 -31.73
CA ASN A 97 -14.53 35.87 -32.20
C ASN A 97 -14.72 36.09 -33.71
N ASN A 98 -15.43 35.20 -34.43
CA ASN A 98 -15.63 35.24 -35.91
C ASN A 98 -17.09 34.88 -36.21
N HIS A 99 -18.00 35.52 -35.50
CA HIS A 99 -19.47 35.26 -35.42
C HIS A 99 -20.04 34.92 -36.80
N THR A 100 -19.84 35.82 -37.77
CA THR A 100 -20.63 35.88 -39.03
C THR A 100 -19.98 35.06 -40.14
N LEU A 101 -18.73 34.59 -39.97
CA LEU A 101 -17.98 33.95 -41.07
C LEU A 101 -18.42 32.49 -41.23
N PHE A 102 -19.12 31.88 -40.26
CA PHE A 102 -19.39 30.42 -40.30
C PHE A 102 -20.89 30.17 -40.28
N THR A 103 -21.29 29.13 -41.00
CA THR A 103 -22.69 28.68 -41.18
C THR A 103 -23.15 27.98 -39.90
N ASP A 104 -24.45 27.72 -39.80
CA ASP A 104 -25.07 27.03 -38.64
C ASP A 104 -24.52 25.59 -38.58
N LEU A 105 -24.39 24.93 -39.74
CA LEU A 105 -23.88 23.54 -39.84
C LEU A 105 -22.41 23.47 -39.40
N GLU A 106 -21.61 24.46 -39.78
CA GLU A 106 -20.15 24.45 -39.51
C GLU A 106 -19.91 24.54 -38.00
N ARG A 107 -20.66 25.40 -37.32
CA ARG A 107 -20.52 25.62 -35.86
C ARG A 107 -20.94 24.35 -35.10
N LYS A 108 -22.01 23.69 -35.56
CA LYS A 108 -22.46 22.36 -35.06
C LYS A 108 -21.34 21.33 -35.25
N GLY A 109 -20.80 21.25 -36.47
CA GLY A 109 -19.85 20.20 -36.88
C GLY A 109 -18.50 20.36 -36.22
N LEU A 110 -17.93 21.57 -36.19
CA LEU A 110 -16.50 21.78 -35.80
C LEU A 110 -16.28 21.50 -34.30
N LEU A 111 -17.20 21.89 -33.42
CA LEU A 111 -17.10 21.60 -31.96
C LEU A 111 -17.12 20.09 -31.75
N ILE A 112 -18.04 19.41 -32.42
CA ILE A 112 -18.17 17.93 -32.33
C ILE A 112 -16.89 17.32 -32.91
N ALA A 113 -16.39 17.85 -34.02
CA ALA A 113 -15.17 17.32 -34.69
C ALA A 113 -13.99 17.37 -33.73
N CYS A 114 -13.83 18.49 -33.03
CA CYS A 114 -12.73 18.74 -32.08
C CYS A 114 -12.79 17.77 -30.91
N LEU A 115 -13.98 17.66 -30.32
CA LEU A 115 -14.23 16.68 -29.23
C LEU A 115 -13.83 15.28 -29.68
N CYS A 116 -14.08 14.92 -30.95
CA CYS A 116 -13.91 13.54 -31.45
C CYS A 116 -12.56 13.33 -32.13
N HIS A 117 -11.75 14.37 -32.33
CA HIS A 117 -10.64 14.37 -33.31
C HIS A 117 -9.59 13.32 -32.94
N ASP A 118 -9.49 12.91 -31.68
CA ASP A 118 -8.43 11.94 -31.25
C ASP A 118 -9.06 10.71 -30.59
N LEU A 119 -10.31 10.38 -30.89
CA LEU A 119 -11.02 9.21 -30.30
C LEU A 119 -10.16 7.95 -30.42
N ASP A 120 -9.99 7.23 -29.30
CA ASP A 120 -9.38 5.88 -29.20
C ASP A 120 -7.91 5.96 -29.61
N HIS A 121 -7.26 7.09 -29.33
CA HIS A 121 -5.81 7.26 -29.51
C HIS A 121 -5.08 6.35 -28.54
N ARG A 122 -4.01 5.69 -28.98
CA ARG A 122 -3.28 4.71 -28.14
C ARG A 122 -2.00 5.34 -27.60
N GLY A 123 -1.74 6.61 -27.93
CA GLY A 123 -0.49 7.32 -27.60
C GLY A 123 0.64 7.02 -28.56
N PHE A 124 0.38 6.57 -29.78
CA PHE A 124 1.45 6.29 -30.78
C PHE A 124 1.16 6.98 -32.12
N SER A 125 2.23 7.44 -32.77
CA SER A 125 2.20 8.11 -34.09
C SER A 125 1.83 7.10 -35.19
N ASN A 126 1.42 7.63 -36.34
CA ASN A 126 1.15 6.84 -37.56
C ASN A 126 2.42 6.05 -37.93
N SER A 127 3.62 6.61 -37.73
CA SER A 127 4.92 5.96 -38.05
C SER A 127 5.08 4.69 -37.23
N TYR A 128 4.81 4.80 -35.92
CA TYR A 128 4.99 3.63 -35.02
C TYR A 128 4.00 2.52 -35.43
N LEU A 129 2.75 2.86 -35.75
CA LEU A 129 1.76 1.87 -36.25
C LEU A 129 2.32 1.17 -37.50
N GLN A 130 2.94 1.90 -38.43
CA GLN A 130 3.45 1.32 -39.71
C GLN A 130 4.66 0.42 -39.40
N LYS A 131 5.62 0.88 -38.61
CA LYS A 131 6.81 0.06 -38.28
C LYS A 131 6.40 -1.16 -37.46
N PHE A 132 5.43 -1.03 -36.56
CA PHE A 132 4.89 -2.17 -35.79
C PHE A 132 4.15 -3.15 -36.71
N ASP A 133 3.60 -2.62 -37.81
CA ASP A 133 2.73 -3.37 -38.75
C ASP A 133 1.40 -3.61 -38.03
N HIS A 134 0.86 -2.57 -37.40
CA HIS A 134 -0.43 -2.63 -36.65
C HIS A 134 -1.54 -2.82 -37.67
N PRO A 135 -2.61 -3.60 -37.37
CA PRO A 135 -3.72 -3.80 -38.31
C PRO A 135 -4.34 -2.51 -38.88
N LEU A 136 -4.45 -1.44 -38.09
CA LEU A 136 -4.95 -0.12 -38.56
C LEU A 136 -4.09 0.39 -39.72
N ALA A 137 -2.79 0.08 -39.76
CA ALA A 137 -1.88 0.51 -40.86
C ALA A 137 -2.22 -0.23 -42.16
N ALA A 138 -2.77 -1.44 -42.09
CA ALA A 138 -3.26 -2.19 -43.28
C ALA A 138 -4.61 -1.61 -43.71
N LEU A 139 -5.48 -1.25 -42.78
CA LEU A 139 -6.84 -0.73 -43.13
C LEU A 139 -6.76 0.71 -43.69
N TYR A 140 -5.78 1.52 -43.29
CA TYR A 140 -5.67 2.99 -43.61
C TYR A 140 -4.20 3.37 -43.85
N SER A 141 -3.78 3.41 -45.10
CA SER A 141 -2.34 3.50 -45.48
C SER A 141 -1.79 4.89 -45.17
N THR A 142 -2.61 5.94 -45.28
CA THR A 142 -2.25 7.32 -44.88
C THR A 142 -3.28 7.89 -43.89
N SER A 143 -2.81 8.85 -43.08
CA SER A 143 -3.55 9.44 -41.93
C SER A 143 -4.22 8.33 -41.11
N THR A 144 -3.45 7.31 -40.72
CA THR A 144 -3.95 6.04 -40.12
C THR A 144 -4.85 6.36 -38.93
N MET A 145 -4.31 6.97 -37.87
CA MET A 145 -5.09 7.24 -36.64
C MET A 145 -6.25 8.19 -36.99
N GLU A 146 -6.04 9.15 -37.87
CA GLU A 146 -7.08 10.18 -38.14
C GLU A 146 -8.29 9.51 -38.82
N GLN A 147 -8.04 8.54 -39.69
CA GLN A 147 -9.15 7.77 -40.32
C GLN A 147 -9.84 6.92 -39.23
N HIS A 148 -9.07 6.36 -38.30
CA HIS A 148 -9.64 5.61 -37.15
C HIS A 148 -10.52 6.56 -36.34
N HIS A 149 -10.02 7.75 -36.00
CA HIS A 149 -10.74 8.75 -35.15
C HIS A 149 -12.11 9.04 -35.76
N PHE A 150 -12.17 9.20 -37.08
CA PHE A 150 -13.45 9.49 -37.79
C PHE A 150 -14.35 8.24 -37.79
N SER A 151 -13.77 7.07 -38.03
CA SER A 151 -14.48 5.76 -37.95
C SER A 151 -15.21 5.67 -36.62
N GLN A 152 -14.46 5.87 -35.51
CA GLN A 152 -14.99 5.80 -34.13
C GLN A 152 -16.09 6.83 -33.92
N THR A 153 -15.94 8.03 -34.50
CA THR A 153 -16.94 9.14 -34.38
C THR A 153 -18.25 8.66 -34.99
N VAL A 154 -18.21 8.09 -36.19
CA VAL A 154 -19.39 7.54 -36.91
C VAL A 154 -20.03 6.41 -36.07
N SER A 155 -19.23 5.49 -35.53
CA SER A 155 -19.73 4.36 -34.71
C SER A 155 -20.53 4.86 -33.51
N ILE A 156 -20.05 5.90 -32.84
CA ILE A 156 -20.70 6.45 -31.62
C ILE A 156 -22.00 7.13 -32.05
N LEU A 157 -22.00 7.83 -33.18
CA LEU A 157 -23.21 8.55 -33.70
C LEU A 157 -24.34 7.56 -34.03
N GLN A 158 -24.00 6.29 -34.29
CA GLN A 158 -24.95 5.23 -34.73
C GLN A 158 -25.44 4.35 -33.56
N LEU A 159 -24.87 4.47 -32.35
CA LEU A 159 -25.44 3.84 -31.12
C LEU A 159 -26.87 4.35 -30.93
N GLU A 160 -27.80 3.52 -30.46
CA GLU A 160 -29.22 3.94 -30.20
C GLU A 160 -29.16 5.14 -29.24
N GLY A 161 -29.86 6.23 -29.56
CA GLY A 161 -30.05 7.42 -28.69
C GLY A 161 -28.88 8.40 -28.71
N HIS A 162 -27.88 8.20 -29.59
CA HIS A 162 -26.63 8.99 -29.66
C HIS A 162 -26.58 9.85 -30.92
N ASN A 163 -27.61 9.81 -31.78
CA ASN A 163 -27.57 10.57 -33.05
C ASN A 163 -28.06 12.00 -32.82
N ILE A 164 -27.12 12.85 -32.41
CA ILE A 164 -27.32 14.29 -32.09
C ILE A 164 -27.67 15.07 -33.36
N PHE A 165 -27.57 14.48 -34.54
CA PHE A 165 -27.84 15.17 -35.83
C PHE A 165 -29.19 14.71 -36.43
N SER A 166 -29.98 13.92 -35.69
CA SER A 166 -31.23 13.27 -36.18
C SER A 166 -32.20 14.29 -36.80
N THR A 167 -32.24 15.54 -36.29
CA THR A 167 -33.18 16.60 -36.72
C THR A 167 -32.65 17.38 -37.94
N LEU A 168 -31.57 16.93 -38.59
CA LEU A 168 -31.07 17.51 -39.86
C LEU A 168 -31.71 16.72 -41.01
N SER A 169 -32.01 17.40 -42.12
CA SER A 169 -32.37 16.78 -43.42
C SER A 169 -31.25 15.83 -43.85
N SER A 170 -31.56 14.94 -44.80
CA SER A 170 -30.62 13.93 -45.35
C SER A 170 -29.35 14.62 -45.88
N SER A 171 -29.48 15.80 -46.52
CA SER A 171 -28.35 16.51 -47.17
C SER A 171 -27.58 17.32 -46.14
N GLU A 172 -28.25 17.97 -45.19
CA GLU A 172 -27.59 18.67 -44.06
C GLU A 172 -26.80 17.64 -43.24
N TYR A 173 -27.34 16.43 -43.05
CA TYR A 173 -26.66 15.32 -42.33
C TYR A 173 -25.38 14.97 -43.11
N GLU A 174 -25.47 14.76 -44.42
CA GLU A 174 -24.29 14.39 -45.24
C GLU A 174 -23.26 15.53 -45.22
N GLN A 175 -23.68 16.79 -45.25
CA GLN A 175 -22.77 17.95 -45.22
C GLN A 175 -22.01 17.97 -43.89
N VAL A 176 -22.70 17.77 -42.77
CA VAL A 176 -22.07 17.91 -41.43
C VAL A 176 -21.05 16.76 -41.28
N LEU A 177 -21.36 15.55 -41.76
CA LEU A 177 -20.44 14.40 -41.60
C LEU A 177 -19.21 14.65 -42.46
N GLU A 178 -19.38 15.33 -43.58
CA GLU A 178 -18.26 15.64 -44.50
C GLU A 178 -17.37 16.74 -43.88
N ILE A 179 -17.95 17.75 -43.23
CA ILE A 179 -17.18 18.76 -42.44
C ILE A 179 -16.32 18.08 -41.36
N ILE A 180 -16.92 17.18 -40.58
CA ILE A 180 -16.26 16.48 -39.44
C ILE A 180 -15.10 15.64 -39.99
N ARG A 181 -15.35 14.86 -41.05
CA ARG A 181 -14.33 13.97 -41.68
C ARG A 181 -13.10 14.81 -42.10
N LYS A 182 -13.30 15.82 -42.96
CA LYS A 182 -12.18 16.71 -43.41
C LYS A 182 -11.48 17.33 -42.19
N ALA A 183 -12.26 17.82 -41.22
CA ALA A 183 -11.77 18.43 -39.96
C ALA A 183 -10.82 17.48 -39.25
N ILE A 184 -11.19 16.21 -39.14
CA ILE A 184 -10.42 15.21 -38.34
C ILE A 184 -9.18 14.78 -39.12
N ILE A 185 -9.34 14.46 -40.41
CA ILE A 185 -8.20 14.17 -41.31
C ILE A 185 -7.18 15.32 -41.23
N ALA A 186 -7.63 16.59 -41.18
CA ALA A 186 -6.75 17.77 -41.23
C ALA A 186 -5.85 17.81 -39.98
N THR A 187 -6.22 17.12 -38.90
CA THR A 187 -5.39 17.08 -37.66
C THR A 187 -4.16 16.19 -37.89
N ASP A 188 -4.04 15.52 -39.03
CA ASP A 188 -2.79 14.78 -39.39
C ASP A 188 -1.74 15.84 -39.73
N LEU A 189 -0.76 16.07 -38.86
CA LEU A 189 0.17 17.21 -39.00
C LEU A 189 0.96 17.06 -40.32
N ALA A 190 1.17 15.85 -40.81
CA ALA A 190 1.84 15.58 -42.11
C ALA A 190 1.13 16.40 -43.20
N LEU A 191 -0.19 16.60 -43.08
CA LEU A 191 -0.99 17.33 -44.09
C LEU A 191 -0.96 18.85 -43.88
N TYR A 192 -0.56 19.32 -42.70
CA TYR A 192 -0.62 20.77 -42.34
C TYR A 192 0.28 21.60 -43.25
N PHE A 193 1.51 21.16 -43.49
CA PHE A 193 2.58 21.95 -44.18
C PHE A 193 2.10 22.37 -45.57
N GLY A 194 1.68 21.39 -46.37
CA GLY A 194 1.09 21.65 -47.70
C GLY A 194 -0.11 22.55 -47.58
N ASN A 195 -1.03 22.26 -46.67
CA ASN A 195 -2.29 23.03 -46.56
C ASN A 195 -1.96 24.50 -46.28
N ARG A 196 -1.03 24.78 -45.38
CA ARG A 196 -0.68 26.19 -45.03
C ARG A 196 0.06 26.86 -46.19
N LYS A 197 1.00 26.19 -46.87
CA LYS A 197 1.72 26.79 -48.02
C LYS A 197 0.66 27.27 -49.03
N GLN A 198 -0.29 26.41 -49.37
CA GLN A 198 -1.38 26.75 -50.32
C GLN A 198 -2.15 27.96 -49.79
N LEU A 199 -2.52 27.97 -48.52
CA LEU A 199 -3.32 29.09 -47.95
C LEU A 199 -2.49 30.37 -48.00
N GLU A 200 -1.18 30.25 -47.76
CA GLU A 200 -0.22 31.38 -47.77
C GLU A 200 -0.18 31.96 -49.19
N GLU A 201 -0.05 31.12 -50.23
CA GLU A 201 0.00 31.57 -51.66
C GLU A 201 -1.30 32.28 -52.04
N MET A 202 -2.46 31.70 -51.69
CA MET A 202 -3.80 32.24 -52.02
C MET A 202 -4.01 33.61 -51.37
N TYR A 203 -3.56 33.79 -50.13
CA TYR A 203 -3.79 35.06 -49.38
C TYR A 203 -2.93 36.17 -50.01
N GLN A 204 -1.69 35.83 -50.38
CA GLN A 204 -0.66 36.75 -50.93
C GLN A 204 -0.99 37.17 -52.37
N THR A 205 -1.48 36.26 -53.23
CA THR A 205 -1.89 36.58 -54.62
C THR A 205 -3.36 37.02 -54.66
N GLY A 206 -4.03 37.18 -53.51
CA GLY A 206 -5.40 37.74 -53.42
C GLY A 206 -6.49 36.79 -53.88
N SER A 207 -6.13 35.56 -54.28
CA SER A 207 -7.09 34.57 -54.84
C SER A 207 -7.93 33.87 -53.76
N LEU A 208 -7.66 34.08 -52.46
CA LEU A 208 -8.42 33.39 -51.37
C LEU A 208 -9.87 33.86 -51.40
N ASN A 209 -10.82 32.92 -51.42
CA ASN A 209 -12.27 33.21 -51.60
C ASN A 209 -13.09 32.27 -50.69
N LEU A 210 -13.75 32.81 -49.66
CA LEU A 210 -14.44 32.03 -48.59
C LEU A 210 -15.83 31.54 -49.06
N ASN A 211 -16.25 31.87 -50.28
CA ASN A 211 -17.45 31.25 -50.91
C ASN A 211 -17.02 30.03 -51.73
N ASN A 212 -15.72 29.87 -51.98
CA ASN A 212 -15.15 28.69 -52.68
C ASN A 212 -15.04 27.58 -51.64
N GLN A 213 -15.81 26.50 -51.80
CA GLN A 213 -15.87 25.39 -50.82
C GLN A 213 -14.46 24.81 -50.58
N SER A 214 -13.66 24.58 -51.62
CA SER A 214 -12.30 23.98 -51.48
C SER A 214 -11.40 24.91 -50.66
N HIS A 215 -11.69 26.21 -50.66
CA HIS A 215 -10.94 27.24 -49.89
C HIS A 215 -11.38 27.20 -48.42
N ARG A 216 -12.68 27.07 -48.18
CA ARG A 216 -13.26 26.95 -46.82
C ARG A 216 -12.64 25.74 -46.14
N ASP A 217 -12.64 24.59 -46.84
CA ASP A 217 -12.02 23.34 -46.36
C ASP A 217 -10.60 23.63 -45.86
N ARG A 218 -9.84 24.40 -46.64
CA ARG A 218 -8.40 24.64 -46.33
C ARG A 218 -8.33 25.46 -45.03
N VAL A 219 -9.19 26.46 -44.94
CA VAL A 219 -9.26 27.38 -43.77
C VAL A 219 -9.68 26.58 -42.54
N ILE A 220 -10.71 25.75 -42.69
CA ILE A 220 -11.15 24.85 -41.58
C ILE A 220 -9.98 23.93 -41.19
N GLY A 221 -9.25 23.38 -42.15
CA GLY A 221 -8.08 22.53 -41.87
C GLY A 221 -7.09 23.25 -40.96
N LEU A 222 -6.84 24.52 -41.26
CA LEU A 222 -5.83 25.32 -40.51
C LEU A 222 -6.36 25.64 -39.10
N MET A 223 -7.64 25.96 -38.97
CA MET A 223 -8.29 26.14 -37.64
C MET A 223 -8.08 24.86 -36.81
N MET A 224 -8.22 23.67 -37.43
CA MET A 224 -8.11 22.38 -36.72
C MET A 224 -6.67 22.20 -36.22
N THR A 225 -5.67 22.50 -37.05
CA THR A 225 -4.25 22.46 -36.64
C THR A 225 -4.01 23.47 -35.50
N ALA A 226 -4.52 24.70 -35.63
CA ALA A 226 -4.39 25.77 -34.61
C ALA A 226 -5.00 25.30 -33.28
N CYS A 227 -6.21 24.73 -33.30
CA CYS A 227 -6.87 24.20 -32.07
C CYS A 227 -6.08 23.01 -31.51
N ASP A 228 -5.67 22.09 -32.37
CA ASP A 228 -4.90 20.90 -31.95
C ASP A 228 -3.61 21.31 -31.27
N LEU A 229 -2.98 22.42 -31.68
CA LEU A 229 -1.64 22.79 -31.16
C LEU A 229 -1.76 23.80 -30.00
N CYS A 230 -2.98 24.07 -29.50
CA CYS A 230 -3.26 25.29 -28.68
C CYS A 230 -2.51 25.25 -27.34
N SER A 231 -1.89 24.14 -26.98
CA SER A 231 -0.94 24.05 -25.84
C SER A 231 0.07 25.22 -25.88
N VAL A 232 0.55 25.57 -27.08
CA VAL A 232 1.63 26.58 -27.24
C VAL A 232 1.05 27.98 -27.12
N THR A 233 -0.27 28.16 -26.96
CA THR A 233 -0.93 29.49 -26.90
C THR A 233 -1.45 29.78 -25.49
N LYS A 234 -1.18 28.90 -24.52
CA LYS A 234 -1.61 29.09 -23.11
C LYS A 234 -0.58 29.95 -22.36
N LEU A 235 -0.88 30.25 -21.10
CA LEU A 235 0.11 30.89 -20.22
C LEU A 235 1.25 29.91 -20.01
N TRP A 236 2.45 30.45 -19.85
CA TRP A 236 3.72 29.68 -19.85
C TRP A 236 3.64 28.44 -18.96
N PRO A 237 3.17 28.53 -17.70
CA PRO A 237 3.13 27.35 -16.83
C PRO A 237 2.24 26.21 -17.36
N VAL A 238 1.13 26.53 -18.04
CA VAL A 238 0.24 25.50 -18.67
C VAL A 238 1.01 24.85 -19.83
N THR A 239 1.67 25.68 -20.64
CA THR A 239 2.41 25.26 -21.84
C THR A 239 3.50 24.26 -21.43
N LYS A 240 4.26 24.64 -20.43
CA LYS A 240 5.43 23.93 -19.91
C LYS A 240 4.95 22.60 -19.31
N LEU A 241 3.87 22.62 -18.53
CA LEU A 241 3.36 21.40 -17.86
C LEU A 241 2.70 20.47 -18.89
N THR A 242 2.04 20.98 -19.93
CA THR A 242 1.50 20.14 -21.02
C THR A 242 2.63 19.48 -21.82
N ALA A 243 3.77 20.15 -21.98
CA ALA A 243 4.94 19.59 -22.72
C ALA A 243 5.44 18.32 -22.00
N ASN A 244 5.37 18.25 -20.67
CA ASN A 244 5.72 17.01 -19.93
C ASN A 244 4.83 15.85 -20.40
N ASP A 245 3.54 16.08 -20.57
CA ASP A 245 2.59 15.02 -21.00
C ASP A 245 2.93 14.64 -22.44
N ILE A 246 3.21 15.63 -23.27
CA ILE A 246 3.48 15.40 -24.71
C ILE A 246 4.73 14.50 -24.77
N TYR A 247 5.77 14.82 -24.02
CA TYR A 247 7.05 14.07 -24.11
C TYR A 247 6.90 12.70 -23.46
N ALA A 248 6.03 12.58 -22.45
CA ALA A 248 5.78 11.32 -21.73
C ALA A 248 5.27 10.28 -22.72
N GLU A 249 4.38 10.70 -23.62
CA GLU A 249 3.89 9.84 -24.71
C GLU A 249 5.02 9.58 -25.71
N PHE A 250 5.69 10.63 -26.18
CA PHE A 250 6.73 10.52 -27.22
C PHE A 250 7.83 9.56 -26.76
N TRP A 251 8.28 9.68 -25.52
CA TRP A 251 9.40 8.86 -24.98
C TRP A 251 8.94 7.40 -24.77
N ALA A 252 7.67 7.15 -24.41
CA ALA A 252 7.11 5.77 -24.38
C ALA A 252 7.15 5.19 -25.80
N GLU A 253 6.78 5.96 -26.83
CA GLU A 253 6.85 5.50 -28.24
C GLU A 253 8.30 5.20 -28.60
N GLY A 254 9.24 6.04 -28.19
CA GLY A 254 10.68 5.86 -28.48
C GLY A 254 11.19 4.57 -27.88
N ASP A 255 10.78 4.29 -26.64
CA ASP A 255 11.03 3.00 -25.94
C ASP A 255 10.54 1.84 -26.82
N GLU A 256 9.34 1.95 -27.39
CA GLU A 256 8.74 0.85 -28.20
C GLU A 256 9.48 0.70 -29.53
N MET A 257 9.97 1.82 -30.09
CA MET A 257 10.85 1.78 -31.30
C MET A 257 12.08 0.94 -30.95
N LYS A 258 12.75 1.23 -29.83
CA LYS A 258 13.98 0.53 -29.44
C LYS A 258 13.67 -0.97 -29.34
N LYS A 259 12.49 -1.32 -28.84
CA LYS A 259 12.07 -2.74 -28.69
C LYS A 259 11.95 -3.43 -30.06
N LEU A 260 11.52 -2.71 -31.10
CA LEU A 260 11.56 -3.21 -32.50
C LEU A 260 12.98 -3.12 -33.10
N GLY A 261 14.02 -2.76 -32.34
CA GLY A 261 15.40 -2.59 -32.86
C GLY A 261 15.55 -1.40 -33.81
N ILE A 262 14.80 -0.32 -33.57
CA ILE A 262 14.87 0.93 -34.37
C ILE A 262 15.23 2.09 -33.43
N GLN A 263 16.27 2.87 -33.75
CA GLN A 263 16.62 4.09 -33.00
C GLN A 263 15.49 5.09 -33.25
N PRO A 264 14.79 5.57 -32.20
CA PRO A 264 13.79 6.62 -32.42
C PRO A 264 14.48 7.92 -32.85
N ILE A 265 13.71 8.80 -33.49
CA ILE A 265 14.14 10.20 -33.72
C ILE A 265 14.39 10.84 -32.36
N PRO A 266 15.30 11.83 -32.25
CA PRO A 266 15.66 12.40 -30.94
C PRO A 266 14.44 12.91 -30.13
N MET A 267 13.41 13.45 -30.79
CA MET A 267 12.17 13.96 -30.13
C MET A 267 11.55 12.87 -29.24
N MET A 268 11.71 11.59 -29.58
CA MET A 268 11.07 10.44 -28.90
C MET A 268 12.07 9.68 -28.04
N ASP A 269 13.33 10.09 -28.01
CA ASP A 269 14.38 9.38 -27.26
C ASP A 269 14.54 10.08 -25.92
N ARG A 270 14.18 9.41 -24.83
CA ARG A 270 14.29 9.98 -23.47
C ARG A 270 15.77 10.23 -23.15
N ASP A 271 16.70 9.58 -23.85
CA ASP A 271 18.15 9.82 -23.60
C ASP A 271 18.56 11.22 -24.03
N LYS A 272 17.78 11.87 -24.91
CA LYS A 272 18.08 13.22 -25.46
C LYS A 272 17.12 14.29 -24.93
N LYS A 273 16.66 14.16 -23.68
CA LYS A 273 15.88 15.18 -22.90
C LYS A 273 16.49 16.57 -22.99
N ASP A 274 17.81 16.65 -22.82
CA ASP A 274 18.64 17.89 -22.79
C ASP A 274 18.35 18.76 -24.03
N GLU A 275 18.02 18.15 -25.17
CA GLU A 275 17.81 18.89 -26.45
C GLU A 275 16.35 19.34 -26.60
N VAL A 276 15.52 19.22 -25.56
CA VAL A 276 14.07 19.58 -25.60
C VAL A 276 13.97 21.07 -25.91
N PRO A 277 14.64 21.95 -25.15
CA PRO A 277 14.53 23.40 -25.40
C PRO A 277 14.84 23.78 -26.86
N GLN A 278 15.90 23.21 -27.44
CA GLN A 278 16.25 23.49 -28.85
C GLN A 278 15.17 22.94 -29.80
N GLY A 279 14.68 21.73 -29.54
CA GLY A 279 13.60 21.11 -30.33
C GLY A 279 12.31 21.91 -30.27
N GLN A 280 11.98 22.48 -29.12
CA GLN A 280 10.80 23.37 -28.98
C GLN A 280 10.97 24.61 -29.87
N LEU A 281 12.16 25.20 -29.93
CA LEU A 281 12.47 26.34 -30.85
C LEU A 281 12.17 25.97 -32.31
N GLY A 282 12.72 24.86 -32.81
CA GLY A 282 12.45 24.36 -34.17
C GLY A 282 10.96 24.25 -34.44
N PHE A 283 10.23 23.66 -33.50
CA PHE A 283 8.76 23.42 -33.60
C PHE A 283 8.00 24.76 -33.68
N TYR A 284 8.32 25.73 -32.82
CA TYR A 284 7.61 27.03 -32.81
C TYR A 284 7.86 27.74 -34.16
N ASN A 285 9.11 27.68 -34.65
CA ASN A 285 9.57 28.39 -35.89
C ASN A 285 9.06 27.65 -37.12
N ALA A 286 9.15 26.32 -37.14
CA ALA A 286 8.75 25.47 -38.30
C ALA A 286 7.24 25.25 -38.40
N VAL A 287 6.49 25.20 -37.28
CA VAL A 287 5.07 24.74 -37.27
C VAL A 287 4.16 25.79 -36.63
N ALA A 288 4.33 26.03 -35.32
CA ALA A 288 3.39 26.82 -34.50
C ALA A 288 3.25 28.26 -35.03
N ILE A 289 4.34 29.02 -35.13
CA ILE A 289 4.28 30.47 -35.51
C ILE A 289 3.72 30.61 -36.93
N PRO A 290 4.24 29.86 -37.92
CA PRO A 290 3.66 29.90 -39.27
C PRO A 290 2.16 29.60 -39.30
N CYS A 291 1.71 28.62 -38.50
CA CYS A 291 0.28 28.23 -38.35
C CYS A 291 -0.59 29.41 -37.88
N TYR A 292 -0.25 29.99 -36.74
CA TYR A 292 -1.06 31.09 -36.15
C TYR A 292 -0.86 32.40 -36.96
N THR A 293 0.26 32.56 -37.67
CA THR A 293 0.49 33.74 -38.56
C THR A 293 -0.48 33.67 -39.75
N THR A 294 -0.54 32.54 -40.45
CA THR A 294 -1.47 32.38 -41.60
C THR A 294 -2.91 32.51 -41.11
N LEU A 295 -3.22 31.92 -39.94
CA LEU A 295 -4.61 31.97 -39.42
C LEU A 295 -4.99 33.43 -39.09
N THR A 296 -4.07 34.20 -38.51
CA THR A 296 -4.32 35.61 -38.12
C THR A 296 -4.55 36.48 -39.37
N GLN A 297 -3.80 36.22 -40.44
CA GLN A 297 -4.00 36.88 -41.76
C GLN A 297 -5.39 36.56 -42.30
N ILE A 298 -5.87 35.32 -42.15
CA ILE A 298 -7.19 34.93 -42.72
C ILE A 298 -8.32 35.38 -41.78
N LEU A 299 -8.12 35.26 -40.47
CA LEU A 299 -9.16 35.58 -39.44
C LEU A 299 -8.54 36.53 -38.42
N PRO A 300 -8.55 37.85 -38.70
CA PRO A 300 -7.82 38.80 -37.86
C PRO A 300 -8.09 38.67 -36.37
N PRO A 301 -9.32 38.40 -35.90
CA PRO A 301 -9.56 38.27 -34.46
C PRO A 301 -8.92 37.08 -33.72
N THR A 302 -8.13 36.24 -34.40
CA THR A 302 -7.40 35.11 -33.77
C THR A 302 -5.96 35.54 -33.42
N GLU A 303 -5.67 36.84 -33.49
CA GLU A 303 -4.29 37.38 -33.25
C GLU A 303 -3.81 37.01 -31.84
N PRO A 304 -4.69 36.98 -30.81
CA PRO A 304 -4.25 36.67 -29.45
C PRO A 304 -3.56 35.31 -29.36
N LEU A 305 -3.91 34.35 -30.23
CA LEU A 305 -3.21 33.03 -30.32
C LEU A 305 -1.78 33.26 -30.81
N LEU A 306 -1.58 34.08 -31.85
CA LEU A 306 -0.22 34.34 -32.40
C LEU A 306 0.62 35.06 -31.34
N LYS A 307 0.00 35.97 -30.59
CA LYS A 307 0.72 36.77 -29.56
C LYS A 307 1.15 35.84 -28.42
N ALA A 308 0.25 34.98 -27.95
CA ALA A 308 0.53 33.97 -26.88
C ALA A 308 1.63 33.02 -27.36
N CYS A 309 1.56 32.55 -28.59
CA CYS A 309 2.56 31.62 -29.18
C CYS A 309 3.93 32.29 -29.18
N ARG A 310 4.01 33.55 -29.62
CA ARG A 310 5.31 34.28 -29.65
CA ARG A 310 5.28 34.34 -29.64
C ARG A 310 5.85 34.43 -28.21
N ASP A 311 4.99 34.70 -27.23
CA ASP A 311 5.42 34.82 -25.81
C ASP A 311 6.08 33.53 -25.38
N ASN A 312 5.47 32.39 -25.72
CA ASN A 312 5.98 31.05 -25.34
C ASN A 312 7.27 30.77 -26.10
N LEU A 313 7.40 31.22 -27.36
CA LEU A 313 8.71 31.07 -28.07
C LEU A 313 9.79 31.78 -27.24
N SER A 314 9.48 32.96 -26.74
CA SER A 314 10.44 33.80 -25.98
C SER A 314 10.81 33.08 -24.66
N GLN A 315 9.85 32.46 -23.98
CA GLN A 315 10.11 31.68 -22.74
C GLN A 315 11.06 30.51 -23.03
N TRP A 316 10.89 29.79 -24.15
CA TRP A 316 11.78 28.67 -24.53
C TRP A 316 13.18 29.21 -24.87
N GLU A 317 13.28 30.41 -25.41
CA GLU A 317 14.62 31.03 -25.65
C GLU A 317 15.33 31.31 -24.31
N LYS A 318 14.58 31.68 -23.28
CA LYS A 318 15.12 31.97 -21.93
C LYS A 318 15.56 30.67 -21.29
N VAL A 319 14.86 29.57 -21.52
CA VAL A 319 15.27 28.24 -20.96
C VAL A 319 16.67 27.92 -21.50
N ILE A 320 16.91 28.10 -22.80
CA ILE A 320 18.20 27.73 -23.47
C ILE A 320 19.31 28.56 -22.86
N ARG A 321 19.08 29.88 -22.73
CA ARG A 321 20.04 30.88 -22.18
C ARG A 321 20.23 30.70 -20.66
N GLY A 322 19.67 29.64 -20.07
CA GLY A 322 19.93 29.23 -18.68
C GLY A 322 19.22 30.11 -17.66
N GLU A 323 18.44 31.10 -18.09
CA GLU A 323 17.68 32.03 -17.20
C GLU A 323 16.48 31.31 -16.56
N GLU A 324 16.11 30.12 -17.08
CA GLU A 324 15.18 29.14 -16.43
C GLU A 324 15.28 27.80 -17.18
N GLN B 11 -26.80 -16.34 12.28
CA GLN B 11 -25.66 -15.59 11.69
C GLN B 11 -25.30 -14.37 12.57
N GLY B 12 -25.50 -14.48 13.90
CA GLY B 12 -25.40 -13.35 14.84
C GLY B 12 -24.05 -13.30 15.53
N LEU B 13 -23.59 -14.44 16.04
CA LEU B 13 -22.31 -14.59 16.80
C LEU B 13 -21.13 -14.78 15.82
N MET B 14 -21.03 -13.90 14.82
CA MET B 14 -19.86 -13.77 13.92
C MET B 14 -18.98 -12.64 14.46
N GLN B 15 -17.68 -12.88 14.53
CA GLN B 15 -16.68 -11.83 14.81
C GLN B 15 -15.61 -11.92 13.74
N PHE B 16 -15.04 -10.78 13.35
CA PHE B 16 -13.86 -10.73 12.46
C PHE B 16 -12.63 -11.07 13.30
N THR B 17 -11.79 -11.93 12.78
CA THR B 17 -10.46 -12.28 13.33
C THR B 17 -9.43 -11.81 12.32
N LEU B 18 -8.25 -11.45 12.80
CA LEU B 18 -7.14 -10.99 11.96
C LEU B 18 -6.00 -11.99 12.12
N PRO B 19 -5.13 -12.13 11.10
CA PRO B 19 -3.88 -12.85 11.28
C PRO B 19 -3.19 -12.36 12.57
N VAL B 20 -2.49 -13.27 13.24
CA VAL B 20 -1.83 -13.03 14.55
C VAL B 20 -1.13 -11.68 14.51
N ARG B 21 -0.21 -11.45 13.56
CA ARG B 21 0.67 -10.25 13.55
C ARG B 21 -0.19 -8.99 13.58
N LEU B 22 -1.34 -9.00 12.90
CA LEU B 22 -2.21 -7.80 12.80
C LEU B 22 -2.95 -7.65 14.13
N CYS B 23 -3.56 -8.72 14.60
CA CYS B 23 -4.35 -8.79 15.86
C CYS B 23 -3.58 -8.12 17.01
N LYS B 24 -2.29 -8.42 17.16
CA LYS B 24 -1.45 -7.85 18.24
C LYS B 24 -1.08 -6.41 17.88
N GLU B 25 -0.74 -6.15 16.61
CA GLU B 25 -0.10 -4.88 16.17
C GLU B 25 -1.16 -3.78 16.11
N ILE B 26 -2.42 -4.12 15.81
CA ILE B 26 -3.51 -3.13 15.58
C ILE B 26 -3.79 -2.37 16.88
N GLU B 27 -3.44 -2.96 18.03
CA GLU B 27 -3.68 -2.32 19.35
C GLU B 27 -2.67 -1.20 19.56
N LEU B 28 -1.59 -1.14 18.78
CA LEU B 28 -0.52 -0.11 18.90
C LEU B 28 -0.88 1.14 18.08
N PHE B 29 -0.54 2.32 18.59
CA PHE B 29 -0.79 3.62 17.91
C PHE B 29 -0.06 3.64 16.55
N HIS B 30 1.14 3.06 16.44
CA HIS B 30 1.97 3.15 15.20
C HIS B 30 1.67 2.03 14.19
N PHE B 31 0.59 1.28 14.35
CA PHE B 31 0.15 0.26 13.37
C PHE B 31 -0.01 0.87 11.97
N ASP B 32 0.61 0.27 10.96
CA ASP B 32 0.38 0.60 9.53
C ASP B 32 -0.59 -0.46 8.97
N ILE B 33 -1.70 -0.07 8.32
CA ILE B 33 -2.76 -1.05 7.89
C ILE B 33 -2.31 -1.89 6.68
N GLY B 34 -1.12 -1.66 6.12
CA GLY B 34 -0.54 -2.52 5.07
C GLY B 34 -1.10 -2.25 3.67
N PRO B 35 -0.54 -2.91 2.62
CA PRO B 35 -0.83 -2.59 1.23
C PRO B 35 -1.95 -3.43 0.58
N PHE B 36 -2.60 -4.30 1.35
CA PHE B 36 -3.68 -5.18 0.84
C PHE B 36 -5.03 -4.49 1.05
N GLU B 37 -5.46 -3.67 0.08
CA GLU B 37 -6.74 -2.90 0.08
C GLU B 37 -7.92 -3.77 0.49
N ASN B 38 -7.94 -5.04 0.08
CA ASN B 38 -9.10 -5.94 0.30
C ASN B 38 -9.21 -6.33 1.77
N MET B 39 -8.16 -6.14 2.57
CA MET B 39 -8.21 -6.39 4.04
C MET B 39 -8.75 -5.18 4.82
N TRP B 40 -8.67 -3.97 4.27
CA TRP B 40 -8.98 -2.72 5.02
C TRP B 40 -10.38 -2.77 5.60
N PRO B 41 -11.43 -3.13 4.82
CA PRO B 41 -12.79 -3.15 5.35
C PRO B 41 -12.93 -4.07 6.57
N GLY B 42 -12.26 -5.21 6.55
CA GLY B 42 -12.29 -6.19 7.64
C GLY B 42 -11.60 -5.61 8.85
N ILE B 43 -10.46 -4.96 8.63
CA ILE B 43 -9.71 -4.24 9.69
C ILE B 43 -10.65 -3.22 10.35
N PHE B 44 -11.51 -2.56 9.57
CA PHE B 44 -12.39 -1.50 10.11
C PHE B 44 -13.51 -2.11 10.96
N VAL B 45 -14.21 -3.13 10.43
CA VAL B 45 -15.32 -3.85 11.13
C VAL B 45 -14.76 -4.52 12.40
N TYR B 46 -13.54 -5.04 12.35
CA TYR B 46 -12.85 -5.59 13.55
C TYR B 46 -12.72 -4.50 14.61
N MET B 47 -12.34 -3.28 14.20
CA MET B 47 -12.18 -2.13 15.13
C MET B 47 -13.54 -1.71 15.69
N VAL B 48 -14.60 -1.67 14.88
CA VAL B 48 -15.96 -1.28 15.31
C VAL B 48 -16.49 -2.27 16.36
N HIS B 49 -16.29 -3.57 16.15
CA HIS B 49 -16.83 -4.66 17.01
C HIS B 49 -16.15 -4.60 18.39
N ARG B 50 -14.82 -4.51 18.44
CA ARG B 50 -14.05 -4.44 19.71
C ARG B 50 -14.26 -3.08 20.41
N SER B 51 -14.55 -2.03 19.67
CA SER B 51 -14.61 -0.65 20.23
C SER B 51 -15.97 -0.38 20.87
N CYS B 52 -17.06 -0.87 20.28
CA CYS B 52 -18.41 -0.57 20.82
C CYS B 52 -19.35 -1.76 20.75
N GLY B 53 -18.92 -2.91 20.20
CA GLY B 53 -19.66 -4.19 20.28
C GLY B 53 -20.11 -4.72 18.93
N THR B 54 -20.43 -6.02 18.89
CA THR B 54 -20.90 -6.77 17.69
C THR B 54 -22.36 -6.45 17.38
N SER B 55 -23.01 -5.64 18.20
CA SER B 55 -24.45 -5.28 18.10
C SER B 55 -24.62 -3.80 17.76
N CYS B 56 -23.54 -3.02 17.79
CA CYS B 56 -23.54 -1.56 17.47
C CYS B 56 -24.27 -1.34 16.13
N PHE B 57 -24.08 -2.27 15.19
CA PHE B 57 -24.53 -2.16 13.78
C PHE B 57 -24.97 -3.53 13.27
N GLU B 58 -26.02 -3.56 12.43
CA GLU B 58 -26.36 -4.77 11.64
C GLU B 58 -25.25 -4.93 10.60
N LEU B 59 -24.53 -6.06 10.63
CA LEU B 59 -23.35 -6.36 9.78
C LEU B 59 -23.66 -6.18 8.28
N GLU B 60 -24.89 -6.49 7.83
CA GLU B 60 -25.31 -6.35 6.41
C GLU B 60 -25.20 -4.87 6.03
N LYS B 61 -25.88 -3.99 6.79
CA LYS B 61 -25.94 -2.52 6.55
C LYS B 61 -24.53 -1.91 6.64
N LEU B 62 -23.75 -2.25 7.65
CA LEU B 62 -22.37 -1.75 7.86
C LEU B 62 -21.50 -2.08 6.64
N CME B 63 -21.50 -3.34 6.20
CA CME B 63 -20.67 -3.78 5.04
CB CME B 63 -20.66 -5.29 4.87
SG CME B 63 -19.63 -6.23 6.04
SD CME B 63 -17.71 -5.64 5.58
CE CME B 63 -17.20 -6.66 4.16
CZ CME B 63 -16.49 -7.89 4.63
OH CME B 63 -16.34 -8.84 3.59
C CME B 63 -21.12 -3.00 3.80
O CME B 63 -20.25 -2.56 3.02
N ARG B 64 -22.40 -2.73 3.66
CA ARG B 64 -22.94 -1.98 2.50
C ARG B 64 -22.52 -0.51 2.60
N PHE B 65 -22.55 0.06 3.81
CA PHE B 65 -22.13 1.44 4.12
C PHE B 65 -20.65 1.60 3.74
N ILE B 66 -19.79 0.76 4.32
CA ILE B 66 -18.32 0.74 4.08
C ILE B 66 -18.02 0.70 2.58
N MET B 67 -18.62 -0.22 1.82
CA MET B 67 -18.30 -0.36 0.38
C MET B 67 -18.78 0.88 -0.38
N SER B 68 -19.90 1.50 0.02
CA SER B 68 -20.35 2.81 -0.54
C SER B 68 -19.34 3.94 -0.20
N VAL B 69 -18.82 3.98 1.02
CA VAL B 69 -17.82 5.00 1.44
C VAL B 69 -16.55 4.81 0.59
N LYS B 70 -16.03 3.59 0.51
CA LYS B 70 -14.81 3.26 -0.29
C LYS B 70 -14.99 3.74 -1.74
N LYS B 71 -16.15 3.48 -2.31
CA LYS B 71 -16.46 3.83 -3.72
C LYS B 71 -16.42 5.36 -3.88
N ASN B 72 -16.71 6.14 -2.83
CA ASN B 72 -16.81 7.63 -2.92
C ASN B 72 -15.50 8.32 -2.50
N TYR B 73 -14.43 7.58 -2.23
CA TYR B 73 -13.03 8.09 -2.10
C TYR B 73 -12.34 7.94 -3.45
N ARG B 74 -11.55 8.92 -3.87
CA ARG B 74 -10.92 8.93 -5.21
C ARG B 74 -9.49 8.41 -5.14
N ARG B 75 -8.93 8.14 -6.31
CA ARG B 75 -7.56 7.60 -6.47
C ARG B 75 -6.62 8.79 -6.54
N VAL B 76 -6.43 9.47 -5.42
CA VAL B 76 -5.49 10.61 -5.27
C VAL B 76 -4.32 10.11 -4.44
N PRO B 77 -3.14 10.74 -4.50
CA PRO B 77 -1.97 10.18 -3.80
C PRO B 77 -2.13 10.01 -2.28
N TYR B 78 -2.89 10.88 -1.61
CA TYR B 78 -2.92 10.91 -0.13
C TYR B 78 -4.34 10.82 0.43
N HIS B 79 -5.24 11.74 0.04
CA HIS B 79 -6.64 11.86 0.55
C HIS B 79 -7.52 10.78 -0.07
N ASN B 80 -7.11 9.54 0.12
CA ASN B 80 -7.71 8.34 -0.50
C ASN B 80 -8.26 7.42 0.60
N TRP B 81 -8.78 6.28 0.21
CA TRP B 81 -9.43 5.28 1.07
C TRP B 81 -8.46 4.80 2.17
N LYS B 82 -7.19 4.62 1.86
CA LYS B 82 -6.21 4.15 2.86
C LYS B 82 -6.11 5.18 3.98
N HIS B 83 -6.17 6.47 3.64
CA HIS B 83 -6.07 7.57 4.63
C HIS B 83 -7.27 7.45 5.56
N ALA B 84 -8.46 7.29 4.98
CA ALA B 84 -9.71 7.15 5.75
C ALA B 84 -9.55 6.06 6.82
N VAL B 85 -9.02 4.89 6.47
CA VAL B 85 -8.97 3.72 7.40
C VAL B 85 -7.85 3.96 8.40
N THR B 86 -6.71 4.48 7.96
CA THR B 86 -5.58 4.86 8.84
C THR B 86 -6.04 5.82 9.95
N VAL B 87 -6.84 6.83 9.61
CA VAL B 87 -7.35 7.87 10.56
C VAL B 87 -8.33 7.18 11.51
N ALA B 88 -9.21 6.32 10.99
CA ALA B 88 -10.13 5.49 11.81
C ALA B 88 -9.36 4.62 12.78
N HIS B 89 -8.24 4.04 12.36
CA HIS B 89 -7.42 3.16 13.22
C HIS B 89 -6.86 3.96 14.39
N CYS B 90 -6.31 5.16 14.11
CA CYS B 90 -5.78 6.05 15.18
C CYS B 90 -6.88 6.34 16.19
N MET B 91 -8.09 6.66 15.74
CA MET B 91 -9.23 6.94 16.64
C MET B 91 -9.55 5.67 17.44
N TYR B 92 -9.44 4.50 16.82
CA TYR B 92 -9.69 3.19 17.47
C TYR B 92 -8.71 3.05 18.64
N ALA B 93 -7.42 3.30 18.40
CA ALA B 93 -6.35 3.22 19.42
C ALA B 93 -6.65 4.17 20.58
N ILE B 94 -7.12 5.39 20.29
CA ILE B 94 -7.40 6.40 21.34
C ILE B 94 -8.56 5.90 22.21
N LEU B 95 -9.63 5.45 21.57
CA LEU B 95 -10.86 5.02 22.27
C LEU B 95 -10.57 3.77 23.10
N GLN B 96 -9.74 2.85 22.62
CA GLN B 96 -9.44 1.58 23.34
C GLN B 96 -8.63 1.89 24.60
N ASN B 97 -7.77 2.91 24.58
CA ASN B 97 -6.95 3.30 25.75
C ASN B 97 -7.71 4.30 26.65
N ASN B 98 -8.91 4.72 26.31
CA ASN B 98 -9.66 5.73 27.10
C ASN B 98 -11.14 5.35 27.09
N HIS B 99 -11.46 4.07 27.26
CA HIS B 99 -12.79 3.53 26.85
C HIS B 99 -13.91 4.06 27.76
N THR B 100 -13.62 4.32 29.04
CA THR B 100 -14.67 4.76 30.01
C THR B 100 -15.04 6.22 29.77
N LEU B 101 -14.14 7.03 29.20
CA LEU B 101 -14.33 8.50 29.01
C LEU B 101 -15.48 8.81 28.03
N PHE B 102 -15.75 7.93 27.05
CA PHE B 102 -16.70 8.23 25.93
C PHE B 102 -17.95 7.38 26.05
N THR B 103 -19.09 7.94 25.68
CA THR B 103 -20.41 7.27 25.62
C THR B 103 -20.38 6.27 24.45
N ASP B 104 -21.41 5.42 24.36
CA ASP B 104 -21.56 4.42 23.26
C ASP B 104 -21.87 5.18 21.96
N LEU B 105 -22.65 6.26 22.04
CA LEU B 105 -22.95 7.14 20.88
C LEU B 105 -21.64 7.71 20.32
N GLU B 106 -20.77 8.20 21.17
CA GLU B 106 -19.51 8.84 20.72
C GLU B 106 -18.63 7.76 20.07
N ARG B 107 -18.48 6.59 20.69
CA ARG B 107 -17.60 5.51 20.14
C ARG B 107 -18.11 5.16 18.74
N LYS B 108 -19.42 4.93 18.60
CA LYS B 108 -20.14 4.71 17.32
C LYS B 108 -19.82 5.81 16.31
N GLY B 109 -20.17 7.05 16.64
CA GLY B 109 -20.10 8.21 15.73
C GLY B 109 -18.68 8.51 15.25
N LEU B 110 -17.68 8.33 16.12
CA LEU B 110 -16.32 8.82 15.89
C LEU B 110 -15.57 7.92 14.89
N LEU B 111 -15.69 6.60 14.98
CA LEU B 111 -15.01 5.70 13.99
C LEU B 111 -15.64 5.93 12.61
N ILE B 112 -16.96 6.10 12.55
CA ILE B 112 -17.70 6.44 11.30
C ILE B 112 -17.25 7.82 10.81
N ALA B 113 -17.09 8.79 11.70
CA ALA B 113 -16.66 10.16 11.33
C ALA B 113 -15.29 10.07 10.64
N CYS B 114 -14.37 9.33 11.24
CA CYS B 114 -12.99 9.14 10.71
C CYS B 114 -13.01 8.47 9.33
N LEU B 115 -13.83 7.45 9.16
CA LEU B 115 -13.91 6.72 7.88
C LEU B 115 -14.40 7.67 6.78
N CYS B 116 -15.27 8.61 7.14
CA CYS B 116 -15.99 9.49 6.20
C CYS B 116 -15.35 10.88 6.12
N HIS B 117 -14.30 11.19 6.88
CA HIS B 117 -13.90 12.61 7.13
C HIS B 117 -13.37 13.26 5.87
N ASP B 118 -12.86 12.52 4.88
CA ASP B 118 -12.31 13.11 3.64
C ASP B 118 -13.11 12.63 2.41
N LEU B 119 -14.36 12.19 2.58
CA LEU B 119 -15.17 11.61 1.47
C LEU B 119 -15.14 12.55 0.24
N ASP B 120 -14.76 12.01 -0.91
CA ASP B 120 -14.91 12.67 -2.24
C ASP B 120 -13.90 13.80 -2.34
N HIS B 121 -12.80 13.69 -1.62
CA HIS B 121 -11.65 14.63 -1.71
C HIS B 121 -11.08 14.57 -3.12
N ARG B 122 -10.73 15.72 -3.69
CA ARG B 122 -10.25 15.82 -5.10
C ARG B 122 -8.72 15.95 -5.11
N GLY B 123 -8.08 16.04 -3.95
CA GLY B 123 -6.62 16.27 -3.84
C GLY B 123 -6.28 17.75 -3.75
N PHE B 124 -7.26 18.61 -3.49
CA PHE B 124 -7.03 20.07 -3.48
C PHE B 124 -7.51 20.68 -2.17
N SER B 125 -6.76 21.67 -1.68
CA SER B 125 -7.08 22.46 -0.46
C SER B 125 -8.30 23.38 -0.67
N ASN B 126 -8.85 23.89 0.44
CA ASN B 126 -9.93 24.89 0.44
C ASN B 126 -9.49 26.15 -0.33
N SER B 127 -8.23 26.60 -0.19
CA SER B 127 -7.69 27.78 -0.90
C SER B 127 -7.76 27.56 -2.41
N TYR B 128 -7.33 26.39 -2.91
CA TYR B 128 -7.31 26.14 -4.36
C TYR B 128 -8.75 26.24 -4.89
N LEU B 129 -9.70 25.57 -4.23
CA LEU B 129 -11.15 25.57 -4.60
C LEU B 129 -11.66 27.02 -4.64
N GLN B 130 -11.24 27.85 -3.67
CA GLN B 130 -11.61 29.29 -3.62
C GLN B 130 -11.01 30.02 -4.82
N LYS B 131 -9.71 29.89 -5.07
CA LYS B 131 -9.03 30.63 -6.15
C LYS B 131 -9.52 30.15 -7.52
N PHE B 132 -9.78 28.85 -7.69
CA PHE B 132 -10.30 28.27 -8.95
C PHE B 132 -11.75 28.71 -9.20
N ASP B 133 -12.47 29.03 -8.13
CA ASP B 133 -13.91 29.38 -8.18
C ASP B 133 -14.71 28.10 -8.46
N HIS B 134 -14.36 27.00 -7.80
CA HIS B 134 -15.13 25.72 -7.82
C HIS B 134 -16.54 25.94 -7.26
N PRO B 135 -17.59 25.31 -7.84
CA PRO B 135 -18.95 25.36 -7.28
C PRO B 135 -19.02 25.06 -5.76
N LEU B 136 -18.19 24.14 -5.26
CA LEU B 136 -18.21 23.81 -3.81
C LEU B 136 -17.89 25.05 -2.98
N ALA B 137 -17.04 25.97 -3.46
CA ALA B 137 -16.64 27.20 -2.73
C ALA B 137 -17.82 28.18 -2.63
N ALA B 138 -18.74 28.19 -3.61
CA ALA B 138 -19.96 29.03 -3.55
C ALA B 138 -20.95 28.43 -2.55
N LEU B 139 -21.06 27.11 -2.52
CA LEU B 139 -22.01 26.41 -1.63
C LEU B 139 -21.52 26.47 -0.17
N TYR B 140 -20.22 26.48 0.05
CA TYR B 140 -19.60 26.40 1.41
C TYR B 140 -18.42 27.38 1.50
N SER B 141 -18.68 28.58 2.04
CA SER B 141 -17.74 29.72 2.05
C SER B 141 -16.56 29.41 2.99
N THR B 142 -16.79 28.67 4.08
CA THR B 142 -15.73 28.25 5.03
C THR B 142 -15.74 26.73 5.15
N SER B 143 -14.59 26.17 5.53
CA SER B 143 -14.38 24.72 5.70
C SER B 143 -15.04 23.99 4.51
N THR B 144 -14.72 24.41 3.29
CA THR B 144 -15.43 24.05 2.03
C THR B 144 -15.41 22.53 1.85
N MET B 145 -14.24 21.92 1.81
CA MET B 145 -14.18 20.45 1.59
C MET B 145 -14.86 19.75 2.77
N GLU B 146 -14.66 20.25 3.99
CA GLU B 146 -15.11 19.49 5.19
C GLU B 146 -16.66 19.54 5.23
N GLN B 147 -17.30 20.66 4.91
CA GLN B 147 -18.78 20.64 4.77
C GLN B 147 -19.21 19.68 3.65
N HIS B 148 -18.43 19.57 2.57
CA HIS B 148 -18.72 18.62 1.46
C HIS B 148 -18.59 17.17 1.96
N HIS B 149 -17.53 16.83 2.70
CA HIS B 149 -17.33 15.49 3.28
C HIS B 149 -18.56 15.12 4.13
N PHE B 150 -19.07 16.03 4.95
CA PHE B 150 -20.19 15.70 5.85
C PHE B 150 -21.44 15.41 5.00
N SER B 151 -21.69 16.26 4.01
CA SER B 151 -22.85 16.19 3.09
C SER B 151 -22.87 14.85 2.36
N GLN B 152 -21.69 14.40 1.93
CA GLN B 152 -21.48 13.09 1.30
C GLN B 152 -21.82 12.00 2.29
N THR B 153 -21.43 12.16 3.55
CA THR B 153 -21.68 11.16 4.61
C THR B 153 -23.18 10.97 4.76
N VAL B 154 -23.94 12.07 4.77
CA VAL B 154 -25.41 12.03 5.00
C VAL B 154 -26.08 11.37 3.79
N SER B 155 -25.61 11.68 2.57
CA SER B 155 -26.08 11.06 1.30
C SER B 155 -26.02 9.54 1.38
N ILE B 156 -24.89 9.01 1.84
CA ILE B 156 -24.65 7.54 1.81
C ILE B 156 -25.52 6.91 2.89
N LEU B 157 -25.72 7.57 4.03
CA LEU B 157 -26.59 7.07 5.12
C LEU B 157 -28.04 6.93 4.62
N GLN B 158 -28.44 7.73 3.63
CA GLN B 158 -29.83 7.82 3.15
C GLN B 158 -30.07 6.81 2.02
N LEU B 159 -29.02 6.25 1.41
CA LEU B 159 -29.14 5.17 0.40
C LEU B 159 -29.96 4.00 1.01
N GLU B 160 -30.84 3.36 0.21
CA GLU B 160 -31.65 2.16 0.59
C GLU B 160 -30.67 1.16 1.24
N GLY B 161 -30.94 0.75 2.48
CA GLY B 161 -30.18 -0.32 3.17
C GLY B 161 -28.84 0.13 3.76
N HIS B 162 -28.57 1.44 3.84
CA HIS B 162 -27.26 2.00 4.25
C HIS B 162 -27.36 2.69 5.63
N ASN B 163 -28.53 2.72 6.28
CA ASN B 163 -28.71 3.48 7.54
C ASN B 163 -28.30 2.63 8.74
N ILE B 164 -26.98 2.62 8.99
CA ILE B 164 -26.31 1.85 10.07
C ILE B 164 -26.81 2.29 11.45
N PHE B 165 -27.54 3.41 11.56
CA PHE B 165 -28.10 3.95 12.83
C PHE B 165 -29.62 3.77 12.85
N SER B 166 -30.15 2.76 12.14
CA SER B 166 -31.61 2.51 12.03
C SER B 166 -32.16 2.20 13.43
N THR B 167 -31.38 1.55 14.29
CA THR B 167 -31.81 1.07 15.64
C THR B 167 -31.79 2.17 16.71
N LEU B 168 -31.36 3.40 16.40
CA LEU B 168 -31.27 4.53 17.38
C LEU B 168 -32.62 5.26 17.45
N SER B 169 -33.02 5.73 18.63
CA SER B 169 -34.17 6.65 18.81
C SER B 169 -33.90 7.91 18.00
N SER B 170 -34.94 8.67 17.67
CA SER B 170 -34.87 9.94 16.91
C SER B 170 -33.84 10.87 17.56
N SER B 171 -33.89 10.98 18.89
CA SER B 171 -32.93 11.77 19.71
C SER B 171 -31.50 11.26 19.52
N GLU B 172 -31.25 9.98 19.79
CA GLU B 172 -29.90 9.37 19.66
C GLU B 172 -29.37 9.59 18.23
N TYR B 173 -30.21 9.46 17.21
CA TYR B 173 -29.84 9.60 15.77
C TYR B 173 -29.38 11.04 15.53
N GLU B 174 -30.15 12.01 16.03
CA GLU B 174 -29.83 13.46 15.90
C GLU B 174 -28.52 13.77 16.63
N GLN B 175 -28.29 13.17 17.79
CA GLN B 175 -27.04 13.41 18.55
C GLN B 175 -25.85 12.88 17.76
N VAL B 176 -25.94 11.69 17.17
CA VAL B 176 -24.77 10.99 16.56
C VAL B 176 -24.43 11.71 15.25
N LEU B 177 -25.42 12.18 14.50
CA LEU B 177 -25.19 13.00 13.29
C LEU B 177 -24.52 14.33 13.68
N GLU B 178 -24.87 14.87 14.83
CA GLU B 178 -24.26 16.14 15.32
C GLU B 178 -22.83 15.87 15.79
N ILE B 179 -22.55 14.74 16.43
CA ILE B 179 -21.16 14.33 16.77
C ILE B 179 -20.34 14.20 15.48
N ILE B 180 -20.90 13.53 14.47
CA ILE B 180 -20.19 13.23 13.19
C ILE B 180 -19.91 14.57 12.50
N ARG B 181 -20.89 15.46 12.42
CA ARG B 181 -20.72 16.78 11.74
C ARG B 181 -19.58 17.55 12.42
N LYS B 182 -19.64 17.74 13.73
CA LYS B 182 -18.60 18.53 14.43
C LYS B 182 -17.24 17.86 14.25
N ALA B 183 -17.16 16.53 14.26
CA ALA B 183 -15.85 15.85 14.17
C ALA B 183 -15.28 16.12 12.77
N ILE B 184 -16.11 16.04 11.72
CA ILE B 184 -15.61 16.22 10.34
C ILE B 184 -15.20 17.68 10.12
N ILE B 185 -15.99 18.65 10.58
CA ILE B 185 -15.63 20.09 10.46
C ILE B 185 -14.31 20.35 11.19
N ALA B 186 -14.06 19.67 12.31
CA ALA B 186 -12.82 19.88 13.11
C ALA B 186 -11.60 19.44 12.31
N THR B 187 -11.73 18.63 11.25
CA THR B 187 -10.55 18.17 10.48
C THR B 187 -10.03 19.31 9.59
N ASP B 188 -10.77 20.42 9.46
CA ASP B 188 -10.27 21.67 8.82
C ASP B 188 -9.15 22.23 9.69
N LEU B 189 -7.88 22.08 9.28
CA LEU B 189 -6.70 22.44 10.11
C LEU B 189 -6.74 23.94 10.43
N ALA B 190 -7.38 24.78 9.62
CA ALA B 190 -7.58 26.22 9.95
C ALA B 190 -8.25 26.35 11.33
N LEU B 191 -9.12 25.42 11.72
CA LEU B 191 -9.88 25.54 13.00
C LEU B 191 -9.07 24.96 14.16
N TYR B 192 -8.04 24.20 13.88
CA TYR B 192 -7.24 23.46 14.90
C TYR B 192 -6.55 24.46 15.85
N PHE B 193 -5.92 25.51 15.30
CA PHE B 193 -5.05 26.44 16.08
C PHE B 193 -5.83 27.08 17.22
N GLY B 194 -7.01 27.64 16.94
CA GLY B 194 -7.95 28.15 17.96
C GLY B 194 -8.41 27.07 18.92
N ASN B 195 -8.85 25.92 18.41
CA ASN B 195 -9.37 24.83 19.27
C ASN B 195 -8.29 24.43 20.28
N ARG B 196 -7.07 24.13 19.83
CA ARG B 196 -5.96 23.72 20.72
C ARG B 196 -5.61 24.84 21.71
N LYS B 197 -5.54 26.09 21.26
CA LYS B 197 -5.22 27.23 22.15
C LYS B 197 -6.23 27.24 23.30
N GLN B 198 -7.53 27.22 23.02
CA GLN B 198 -8.56 27.21 24.10
C GLN B 198 -8.39 25.99 25.02
N LEU B 199 -8.12 24.81 24.47
CA LEU B 199 -8.01 23.56 25.28
C LEU B 199 -6.78 23.66 26.18
N GLU B 200 -5.66 24.15 25.65
CA GLU B 200 -4.41 24.33 26.41
C GLU B 200 -4.65 25.30 27.57
N GLU B 201 -5.44 26.34 27.33
CA GLU B 201 -5.77 27.35 28.37
C GLU B 201 -6.69 26.73 29.43
N MET B 202 -7.75 26.04 29.02
CA MET B 202 -8.71 25.38 29.95
C MET B 202 -7.97 24.32 30.78
N TYR B 203 -7.11 23.52 30.17
CA TYR B 203 -6.45 22.42 30.91
C TYR B 203 -5.49 23.00 31.93
N GLN B 204 -4.79 24.05 31.55
CA GLN B 204 -3.67 24.59 32.35
C GLN B 204 -4.20 25.39 33.54
N THR B 205 -5.43 25.89 33.49
CA THR B 205 -6.08 26.62 34.61
C THR B 205 -6.91 25.66 35.46
N GLY B 206 -7.15 24.44 34.97
CA GLY B 206 -8.02 23.44 35.62
C GLY B 206 -9.49 23.78 35.48
N SER B 207 -9.92 24.44 34.42
CA SER B 207 -11.35 24.73 34.13
C SER B 207 -11.92 23.72 33.11
N LEU B 208 -11.07 22.92 32.47
CA LEU B 208 -11.50 21.87 31.50
C LEU B 208 -12.43 20.90 32.23
N ASN B 209 -13.65 20.76 31.73
CA ASN B 209 -14.72 19.96 32.34
C ASN B 209 -15.35 19.06 31.26
N LEU B 210 -15.07 17.75 31.28
CA LEU B 210 -15.54 16.79 30.25
C LEU B 210 -17.06 16.58 30.35
N ASN B 211 -17.73 17.06 31.40
CA ASN B 211 -19.21 17.00 31.52
C ASN B 211 -19.82 18.23 30.90
N ASN B 212 -18.98 19.20 30.55
CA ASN B 212 -19.36 20.36 29.73
C ASN B 212 -19.33 19.89 28.26
N GLN B 213 -20.48 19.86 27.59
CA GLN B 213 -20.60 19.34 26.20
C GLN B 213 -19.70 20.15 25.26
N SER B 214 -19.62 21.46 25.50
CA SER B 214 -18.82 22.43 24.70
C SER B 214 -17.34 22.11 24.90
N HIS B 215 -16.96 21.60 26.06
CA HIS B 215 -15.58 21.17 26.33
C HIS B 215 -15.34 19.85 25.62
N ARG B 216 -16.31 18.92 25.69
CA ARG B 216 -16.19 17.59 25.04
C ARG B 216 -15.98 17.80 23.56
N ASP B 217 -16.81 18.67 22.97
CA ASP B 217 -16.77 19.02 21.53
C ASP B 217 -15.33 19.40 21.18
N ARG B 218 -14.70 20.25 21.99
CA ARG B 218 -13.33 20.72 21.72
C ARG B 218 -12.35 19.54 21.79
N VAL B 219 -12.51 18.67 22.79
CA VAL B 219 -11.57 17.54 23.01
C VAL B 219 -11.78 16.56 21.86
N ILE B 220 -13.00 16.39 21.38
CA ILE B 220 -13.24 15.51 20.21
C ILE B 220 -12.60 16.16 18.98
N GLY B 221 -12.75 17.48 18.85
CA GLY B 221 -12.10 18.24 17.79
C GLY B 221 -10.61 17.95 17.75
N LEU B 222 -9.96 17.99 18.92
CA LEU B 222 -8.50 17.79 19.02
C LEU B 222 -8.18 16.33 18.68
N MET B 223 -8.99 15.38 19.16
CA MET B 223 -8.78 13.96 18.81
C MET B 223 -8.82 13.78 17.28
N MET B 224 -9.72 14.44 16.58
CA MET B 224 -9.86 14.35 15.11
C MET B 224 -8.60 14.89 14.43
N THR B 225 -8.08 16.03 14.88
CA THR B 225 -6.81 16.57 14.34
C THR B 225 -5.70 15.55 14.54
N ALA B 226 -5.55 15.04 15.76
CA ALA B 226 -4.48 14.08 16.11
C ALA B 226 -4.58 12.83 15.21
N CYS B 227 -5.78 12.30 15.01
CA CYS B 227 -5.96 11.13 14.11
C CYS B 227 -5.62 11.54 12.67
N ASP B 228 -6.07 12.72 12.24
CA ASP B 228 -5.88 13.20 10.86
C ASP B 228 -4.39 13.39 10.59
N LEU B 229 -3.59 13.79 11.59
CA LEU B 229 -2.14 14.03 11.39
C LEU B 229 -1.29 12.78 11.70
N CYS B 230 -1.90 11.62 11.96
CA CYS B 230 -1.21 10.47 12.62
C CYS B 230 -0.04 9.98 11.77
N SER B 231 0.06 10.36 10.50
CA SER B 231 1.26 10.11 9.65
C SER B 231 2.55 10.37 10.45
N VAL B 232 2.57 11.43 11.27
CA VAL B 232 3.78 11.92 11.98
C VAL B 232 4.03 11.09 13.25
N THR B 233 3.11 10.20 13.62
CA THR B 233 3.21 9.38 14.87
C THR B 233 3.54 7.92 14.53
N LYS B 234 3.85 7.63 13.26
CA LYS B 234 4.23 6.26 12.85
C LYS B 234 5.74 6.14 13.06
N LEU B 235 6.27 4.94 12.88
CA LEU B 235 7.73 4.73 12.83
C LEU B 235 8.31 5.44 11.61
N TRP B 236 9.55 5.89 11.71
CA TRP B 236 10.24 6.74 10.71
C TRP B 236 9.98 6.25 9.27
N PRO B 237 10.16 4.96 8.91
CA PRO B 237 10.06 4.58 7.50
C PRO B 237 8.66 4.79 6.91
N VAL B 238 7.61 4.50 7.68
CA VAL B 238 6.19 4.82 7.31
C VAL B 238 6.01 6.33 7.17
N THR B 239 6.38 7.10 8.19
CA THR B 239 6.30 8.58 8.20
C THR B 239 6.97 9.15 6.94
N LYS B 240 8.18 8.70 6.63
CA LYS B 240 8.98 9.15 5.47
C LYS B 240 8.24 8.87 4.16
N LEU B 241 7.79 7.62 3.97
CA LEU B 241 7.10 7.20 2.72
C LEU B 241 5.74 7.88 2.62
N THR B 242 5.01 8.06 3.72
CA THR B 242 3.73 8.79 3.71
C THR B 242 3.97 10.23 3.26
N ALA B 243 5.10 10.84 3.63
CA ALA B 243 5.43 12.23 3.25
C ALA B 243 5.51 12.37 1.71
N ASN B 244 6.00 11.34 1.01
CA ASN B 244 6.06 11.34 -0.48
C ASN B 244 4.64 11.52 -1.08
N ASP B 245 3.63 10.87 -0.50
CA ASP B 245 2.22 10.92 -0.95
C ASP B 245 1.66 12.31 -0.67
N ILE B 246 1.87 12.84 0.53
CA ILE B 246 1.35 14.17 0.96
C ILE B 246 1.86 15.23 -0.03
N TYR B 247 3.16 15.24 -0.31
CA TYR B 247 3.79 16.24 -1.22
C TYR B 247 3.37 15.99 -2.67
N ALA B 248 3.11 14.75 -3.08
CA ALA B 248 2.68 14.45 -4.46
C ALA B 248 1.40 15.24 -4.74
N GLU B 249 0.46 15.24 -3.78
CA GLU B 249 -0.79 16.04 -3.86
C GLU B 249 -0.48 17.53 -3.81
N PHE B 250 0.31 17.97 -2.84
CA PHE B 250 0.61 19.40 -2.67
C PHE B 250 1.27 19.95 -3.93
N TRP B 251 2.16 19.19 -4.54
CA TRP B 251 2.92 19.66 -5.72
C TRP B 251 1.99 19.76 -6.93
N ALA B 252 1.11 18.79 -7.14
CA ALA B 252 0.05 18.83 -8.17
C ALA B 252 -0.83 20.07 -7.95
N GLU B 253 -1.19 20.38 -6.70
CA GLU B 253 -2.00 21.58 -6.37
C GLU B 253 -1.17 22.81 -6.74
N GLY B 254 0.10 22.84 -6.34
CA GLY B 254 1.08 23.89 -6.75
C GLY B 254 1.09 24.12 -8.24
N ASP B 255 1.10 23.04 -9.02
CA ASP B 255 1.13 23.09 -10.51
C ASP B 255 -0.15 23.78 -11.01
N GLU B 256 -1.28 23.44 -10.39
CA GLU B 256 -2.60 24.01 -10.75
C GLU B 256 -2.69 25.49 -10.34
N MET B 257 -2.08 25.89 -9.23
CA MET B 257 -2.00 27.32 -8.83
C MET B 257 -1.26 28.11 -9.93
N LYS B 258 -0.11 27.61 -10.39
CA LYS B 258 0.70 28.27 -11.44
C LYS B 258 -0.13 28.36 -12.72
N LYS B 259 -0.93 27.33 -13.04
CA LYS B 259 -1.83 27.40 -14.22
C LYS B 259 -2.87 28.50 -14.05
N LEU B 260 -3.24 28.87 -12.82
CA LEU B 260 -4.16 30.03 -12.58
C LEU B 260 -3.37 31.34 -12.61
N GLY B 261 -2.05 31.29 -12.71
CA GLY B 261 -1.19 32.48 -12.71
C GLY B 261 -0.88 32.97 -11.30
N ILE B 262 -0.93 32.08 -10.30
CA ILE B 262 -0.68 32.41 -8.88
C ILE B 262 0.54 31.63 -8.41
N GLN B 263 1.51 32.30 -7.78
CA GLN B 263 2.69 31.62 -7.17
C GLN B 263 2.17 30.82 -5.99
N PRO B 264 2.31 29.49 -5.97
CA PRO B 264 1.87 28.71 -4.81
C PRO B 264 2.82 29.00 -3.66
N ILE B 265 2.39 28.73 -2.42
CA ILE B 265 3.29 28.74 -1.24
C ILE B 265 4.36 27.66 -1.42
N PRO B 266 5.55 27.82 -0.80
CA PRO B 266 6.66 26.87 -0.98
C PRO B 266 6.30 25.38 -0.79
N MET B 267 5.50 25.09 0.22
CA MET B 267 5.04 23.73 0.56
C MET B 267 4.47 23.03 -0.68
N MET B 268 3.83 23.77 -1.58
CA MET B 268 3.11 23.23 -2.77
C MET B 268 3.91 23.42 -4.07
N ASP B 269 5.11 23.99 -3.99
CA ASP B 269 5.99 24.31 -5.14
C ASP B 269 7.03 23.22 -5.30
N ARG B 270 6.87 22.34 -6.29
CA ARG B 270 7.83 21.23 -6.52
C ARG B 270 9.23 21.82 -6.77
N ASP B 271 9.35 23.08 -7.22
CA ASP B 271 10.70 23.68 -7.43
C ASP B 271 11.42 23.94 -6.10
N LYS B 272 10.73 23.90 -4.96
CA LYS B 272 11.36 24.16 -3.62
C LYS B 272 11.41 22.86 -2.80
N LYS B 273 11.41 21.72 -3.48
CA LYS B 273 11.64 20.36 -2.93
C LYS B 273 12.72 20.30 -1.85
N ASP B 274 13.85 20.97 -2.06
CA ASP B 274 15.06 20.80 -1.22
C ASP B 274 14.83 21.42 0.17
N GLU B 275 13.85 22.33 0.30
CA GLU B 275 13.46 22.95 1.60
C GLU B 275 12.45 22.07 2.36
N VAL B 276 12.20 20.83 1.93
CA VAL B 276 11.17 19.94 2.55
C VAL B 276 11.56 19.64 4.00
N PRO B 277 12.82 19.27 4.31
CA PRO B 277 13.17 18.90 5.69
C PRO B 277 12.96 20.04 6.69
N GLN B 278 13.31 21.28 6.31
CA GLN B 278 13.13 22.48 7.16
C GLN B 278 11.63 22.77 7.32
N GLY B 279 10.80 22.56 6.29
CA GLY B 279 9.33 22.70 6.36
C GLY B 279 8.68 21.68 7.28
N GLN B 280 9.14 20.43 7.26
CA GLN B 280 8.72 19.36 8.20
C GLN B 280 9.08 19.78 9.63
N LEU B 281 10.33 20.20 9.83
CA LEU B 281 10.79 20.79 11.12
C LEU B 281 9.77 21.85 11.57
N GLY B 282 9.41 22.81 10.71
CA GLY B 282 8.50 23.91 11.10
C GLY B 282 7.11 23.38 11.44
N PHE B 283 6.68 22.35 10.73
CA PHE B 283 5.33 21.76 10.90
C PHE B 283 5.25 21.03 12.24
N TYR B 284 6.29 20.28 12.61
CA TYR B 284 6.32 19.54 13.90
C TYR B 284 6.29 20.55 15.05
N ASN B 285 7.09 21.60 14.96
CA ASN B 285 7.21 22.62 16.04
C ASN B 285 5.91 23.41 16.15
N ALA B 286 5.26 23.79 15.02
CA ALA B 286 4.13 24.74 14.98
C ALA B 286 2.79 24.02 15.12
N VAL B 287 2.67 22.74 14.74
CA VAL B 287 1.35 22.04 14.67
C VAL B 287 1.40 20.67 15.38
N ALA B 288 2.24 19.74 14.92
CA ALA B 288 2.23 18.34 15.40
C ALA B 288 2.56 18.26 16.90
N ILE B 289 3.71 18.80 17.34
CA ILE B 289 4.16 18.58 18.76
C ILE B 289 3.14 19.23 19.69
N PRO B 290 2.69 20.49 19.46
CA PRO B 290 1.65 21.10 20.28
C PRO B 290 0.35 20.28 20.36
N CYS B 291 -0.05 19.70 19.22
CA CYS B 291 -1.29 18.91 19.10
C CYS B 291 -1.24 17.73 20.07
N TYR B 292 -0.17 16.92 19.99
CA TYR B 292 0.00 15.63 20.72
C TYR B 292 0.41 15.91 22.18
N THR B 293 1.09 17.03 22.45
CA THR B 293 1.40 17.49 23.83
C THR B 293 0.07 17.79 24.51
N THR B 294 -0.79 18.64 23.94
CA THR B 294 -2.09 19.00 24.54
C THR B 294 -2.95 17.75 24.70
N LEU B 295 -2.90 16.81 23.75
CA LEU B 295 -3.79 15.63 23.78
C LEU B 295 -3.33 14.72 24.93
N THR B 296 -2.02 14.57 25.10
CA THR B 296 -1.42 13.76 26.19
C THR B 296 -1.81 14.32 27.57
N GLN B 297 -1.78 15.62 27.75
CA GLN B 297 -2.22 16.29 29.00
C GLN B 297 -3.67 15.94 29.28
N ILE B 298 -4.53 15.92 28.27
CA ILE B 298 -5.98 15.67 28.50
C ILE B 298 -6.23 14.17 28.58
N LEU B 299 -5.56 13.37 27.73
CA LEU B 299 -5.74 11.90 27.64
C LEU B 299 -4.36 11.25 27.76
N PRO B 300 -3.81 11.14 28.99
CA PRO B 300 -2.46 10.63 29.20
C PRO B 300 -2.10 9.34 28.48
N PRO B 301 -3.02 8.35 28.35
CA PRO B 301 -2.71 7.13 27.59
C PRO B 301 -2.45 7.33 26.08
N THR B 302 -2.71 8.52 25.52
CA THR B 302 -2.31 8.87 24.13
C THR B 302 -0.80 9.21 24.05
N GLU B 303 -0.08 9.05 25.15
CA GLU B 303 1.37 9.37 25.30
C GLU B 303 2.17 8.90 24.10
N PRO B 304 2.01 7.64 23.65
CA PRO B 304 2.84 7.10 22.56
C PRO B 304 2.78 7.89 21.25
N LEU B 305 1.66 8.57 20.99
CA LEU B 305 1.53 9.47 19.81
C LEU B 305 2.59 10.58 19.94
N LEU B 306 2.63 11.24 21.10
CA LEU B 306 3.61 12.33 21.33
C LEU B 306 5.03 11.78 21.23
N LYS B 307 5.30 10.61 21.83
CA LYS B 307 6.66 10.00 21.81
C LYS B 307 7.10 9.74 20.36
N ALA B 308 6.25 9.08 19.56
CA ALA B 308 6.50 8.81 18.12
C ALA B 308 6.71 10.12 17.35
N CYS B 309 5.91 11.14 17.64
CA CYS B 309 6.03 12.48 16.99
C CYS B 309 7.41 13.08 17.31
N ARG B 310 7.86 13.03 18.57
CA ARG B 310 9.19 13.55 18.99
CA ARG B 310 9.19 13.50 19.03
C ARG B 310 10.31 12.73 18.31
N ASP B 311 10.19 11.41 18.20
CA ASP B 311 11.20 10.62 17.45
C ASP B 311 11.32 11.11 16.01
N ASN B 312 10.19 11.27 15.31
CA ASN B 312 10.13 11.78 13.93
C ASN B 312 10.73 13.19 13.85
N LEU B 313 10.44 14.09 14.79
CA LEU B 313 11.05 15.44 14.77
C LEU B 313 12.57 15.29 14.74
N SER B 314 13.09 14.41 15.59
CA SER B 314 14.55 14.15 15.72
C SER B 314 15.11 13.58 14.41
N GLN B 315 14.36 12.69 13.72
CA GLN B 315 14.79 12.14 12.39
C GLN B 315 14.84 13.25 11.34
N TRP B 316 13.90 14.20 11.33
CA TRP B 316 13.92 15.33 10.35
C TRP B 316 15.13 16.24 10.63
N GLU B 317 15.46 16.43 11.92
CA GLU B 317 16.65 17.20 12.37
C GLU B 317 17.91 16.55 11.79
N LYS B 318 18.02 15.23 11.86
CA LYS B 318 19.18 14.47 11.30
C LYS B 318 19.27 14.74 9.80
N VAL B 319 18.14 14.69 9.10
CA VAL B 319 18.09 14.90 7.62
C VAL B 319 18.55 16.32 7.30
N ILE B 320 18.18 17.30 8.13
CA ILE B 320 18.54 18.73 7.89
C ILE B 320 20.06 18.86 7.96
N ARG B 321 20.68 18.23 8.97
CA ARG B 321 22.14 18.28 9.22
C ARG B 321 22.89 17.47 8.15
N GLY B 322 22.21 16.51 7.51
CA GLY B 322 22.77 15.68 6.43
C GLY B 322 23.12 14.28 6.92
N GLU B 323 22.89 13.99 8.20
CA GLU B 323 23.29 12.71 8.86
C GLU B 323 22.42 11.55 8.36
N GLU B 324 21.32 11.81 7.64
CA GLU B 324 20.45 10.75 7.04
C GLU B 324 19.86 11.20 5.69
N THR B 325 19.67 10.24 4.76
CA THR B 325 18.92 10.38 3.48
C THR B 325 17.42 10.26 3.75
N GLY C 12 -13.70 -25.46 -35.83
CA GLY C 12 -12.54 -24.53 -35.88
C GLY C 12 -12.41 -23.85 -37.23
N LEU C 13 -13.52 -23.39 -37.82
CA LEU C 13 -13.53 -22.78 -39.18
C LEU C 13 -12.82 -21.41 -39.13
N MET C 14 -13.06 -20.63 -38.08
CA MET C 14 -12.36 -19.35 -37.84
C MET C 14 -10.92 -19.64 -37.40
N GLN C 15 -9.97 -18.98 -38.03
CA GLN C 15 -8.55 -18.92 -37.61
C GLN C 15 -8.24 -17.46 -37.26
N PHE C 16 -7.08 -17.25 -36.64
CA PHE C 16 -6.49 -15.91 -36.44
C PHE C 16 -5.32 -15.77 -37.41
N THR C 17 -5.18 -14.58 -38.02
CA THR C 17 -3.98 -14.19 -38.79
C THR C 17 -3.38 -12.96 -38.12
N LEU C 18 -2.06 -12.95 -38.05
CA LEU C 18 -1.26 -11.80 -37.58
C LEU C 18 -0.74 -11.04 -38.79
N PRO C 19 -0.60 -9.70 -38.68
CA PRO C 19 0.13 -8.93 -39.68
C PRO C 19 1.41 -9.66 -40.06
N VAL C 20 1.88 -9.45 -41.28
CA VAL C 20 3.12 -10.11 -41.79
C VAL C 20 4.24 -10.02 -40.74
N ARG C 21 4.56 -8.85 -40.17
CA ARG C 21 5.75 -8.77 -39.26
C ARG C 21 5.52 -9.69 -38.05
N LEU C 22 4.32 -9.73 -37.47
CA LEU C 22 4.03 -10.56 -36.26
C LEU C 22 4.08 -12.05 -36.64
N CYS C 23 3.51 -12.41 -37.81
CA CYS C 23 3.43 -13.82 -38.30
C CYS C 23 4.83 -14.42 -38.35
N LYS C 24 5.80 -13.65 -38.83
CA LYS C 24 7.22 -14.01 -39.02
C LYS C 24 7.93 -14.00 -37.66
N GLU C 25 7.87 -12.88 -36.94
CA GLU C 25 8.63 -12.60 -35.70
C GLU C 25 8.17 -13.49 -34.54
N ILE C 26 6.90 -13.91 -34.48
CA ILE C 26 6.32 -14.65 -33.33
C ILE C 26 6.97 -16.03 -33.20
N GLU C 27 7.62 -16.52 -34.26
CA GLU C 27 8.26 -17.85 -34.26
C GLU C 27 9.59 -17.78 -33.51
N LEU C 28 10.17 -16.58 -33.38
CA LEU C 28 11.49 -16.37 -32.73
C LEU C 28 11.32 -16.32 -31.20
N PHE C 29 12.25 -16.93 -30.49
CA PHE C 29 12.25 -16.95 -29.01
C PHE C 29 12.24 -15.51 -28.46
N HIS C 30 12.90 -14.53 -29.10
CA HIS C 30 13.09 -13.16 -28.56
C HIS C 30 11.94 -12.24 -28.93
N PHE C 31 10.93 -12.73 -29.65
CA PHE C 31 9.74 -11.91 -29.98
C PHE C 31 9.20 -11.17 -28.75
N ASP C 32 8.86 -9.90 -28.92
CA ASP C 32 8.20 -9.05 -27.91
C ASP C 32 6.76 -8.83 -28.39
N ILE C 33 5.76 -8.99 -27.53
CA ILE C 33 4.33 -8.99 -27.98
C ILE C 33 3.82 -7.55 -28.20
N GLY C 34 4.63 -6.52 -27.90
CA GLY C 34 4.29 -5.13 -28.23
C GLY C 34 3.29 -4.49 -27.27
N PRO C 35 3.03 -3.17 -27.41
CA PRO C 35 2.27 -2.41 -26.41
C PRO C 35 0.76 -2.33 -26.62
N PHE C 36 0.20 -3.01 -27.61
CA PHE C 36 -1.25 -2.95 -27.91
C PHE C 36 -1.96 -4.09 -27.16
N GLU C 37 -2.47 -3.78 -25.95
CA GLU C 37 -3.15 -4.74 -25.05
C GLU C 37 -4.20 -5.57 -25.81
N ASN C 38 -4.95 -4.95 -26.72
CA ASN C 38 -6.16 -5.56 -27.33
C ASN C 38 -5.76 -6.59 -28.39
N MET C 39 -4.49 -6.67 -28.74
CA MET C 39 -3.99 -7.69 -29.70
C MET C 39 -3.57 -8.98 -28.97
N TRP C 40 -3.29 -8.88 -27.66
CA TRP C 40 -2.64 -9.98 -26.90
C TRP C 40 -3.54 -11.21 -26.90
N PRO C 41 -4.87 -11.09 -26.68
CA PRO C 41 -5.75 -12.27 -26.73
C PRO C 41 -5.66 -13.01 -28.07
N GLY C 42 -5.79 -12.30 -29.19
CA GLY C 42 -5.66 -12.89 -30.54
C GLY C 42 -4.30 -13.53 -30.77
N ILE C 43 -3.23 -12.90 -30.27
CA ILE C 43 -1.85 -13.48 -30.32
C ILE C 43 -1.85 -14.83 -29.58
N PHE C 44 -2.49 -14.92 -28.40
CA PHE C 44 -2.56 -16.15 -27.59
C PHE C 44 -3.36 -17.24 -28.34
N VAL C 45 -4.53 -16.89 -28.86
CA VAL C 45 -5.39 -17.83 -29.63
C VAL C 45 -4.58 -18.31 -30.86
N TYR C 46 -3.88 -17.43 -31.57
CA TYR C 46 -3.02 -17.82 -32.72
C TYR C 46 -2.04 -18.91 -32.26
N MET C 47 -1.42 -18.72 -31.10
CA MET C 47 -0.39 -19.65 -30.57
C MET C 47 -1.04 -20.97 -30.17
N VAL C 48 -2.23 -20.94 -29.58
CA VAL C 48 -3.04 -22.15 -29.26
C VAL C 48 -3.44 -22.89 -30.56
N HIS C 49 -3.95 -22.23 -31.60
CA HIS C 49 -4.35 -22.90 -32.87
C HIS C 49 -3.13 -23.54 -33.55
N ARG C 50 -2.00 -22.85 -33.63
CA ARG C 50 -0.78 -23.37 -34.31
C ARG C 50 -0.11 -24.48 -33.49
N SER C 51 -0.10 -24.40 -32.16
CA SER C 51 0.68 -25.37 -31.31
C SER C 51 -0.20 -26.55 -30.91
N CYS C 52 -1.50 -26.33 -30.74
CA CYS C 52 -2.45 -27.31 -30.18
C CYS C 52 -3.29 -27.94 -31.30
N GLY C 53 -3.72 -27.11 -32.27
CA GLY C 53 -4.71 -27.45 -33.31
C GLY C 53 -5.93 -26.56 -33.17
N THR C 54 -6.68 -26.36 -34.26
CA THR C 54 -7.80 -25.39 -34.39
C THR C 54 -9.08 -25.90 -33.70
N SER C 55 -9.09 -27.12 -33.21
CA SER C 55 -10.26 -27.74 -32.53
C SER C 55 -9.87 -28.26 -31.13
N CYS C 56 -8.68 -27.92 -30.63
CA CYS C 56 -8.25 -28.21 -29.23
C CYS C 56 -9.30 -27.68 -28.25
N PHE C 57 -9.80 -26.47 -28.50
CA PHE C 57 -10.75 -25.74 -27.64
C PHE C 57 -11.87 -25.21 -28.51
N GLU C 58 -13.06 -25.05 -27.93
CA GLU C 58 -14.18 -24.35 -28.59
C GLU C 58 -13.92 -22.85 -28.44
N LEU C 59 -13.87 -22.12 -29.55
CA LEU C 59 -13.45 -20.68 -29.58
C LEU C 59 -14.28 -19.85 -28.62
N GLU C 60 -15.59 -20.04 -28.55
CA GLU C 60 -16.51 -19.27 -27.65
C GLU C 60 -16.04 -19.41 -26.21
N LYS C 61 -15.74 -20.63 -25.76
CA LYS C 61 -15.33 -20.94 -24.36
C LYS C 61 -13.92 -20.42 -24.10
N LEU C 62 -13.00 -20.64 -25.04
CA LEU C 62 -11.61 -20.14 -24.96
C LEU C 62 -11.65 -18.62 -24.75
N CME C 63 -12.39 -17.90 -25.58
CA CME C 63 -12.38 -16.41 -25.60
CB CME C 63 -13.06 -15.81 -26.82
SG CME C 63 -11.97 -15.66 -28.26
SD CME C 63 -10.62 -14.25 -27.67
CE CME C 63 -10.53 -13.08 -29.05
CZ CME C 63 -10.46 -11.67 -28.56
OH CME C 63 -9.77 -10.85 -29.48
C CME C 63 -12.89 -15.88 -24.26
O CME C 63 -12.33 -14.90 -23.79
N ARG C 64 -13.89 -16.51 -23.64
CA ARG C 64 -14.44 -15.96 -22.37
C ARG C 64 -13.54 -16.41 -21.21
N PHE C 65 -12.92 -17.60 -21.29
CA PHE C 65 -11.86 -18.02 -20.34
C PHE C 65 -10.74 -16.98 -20.34
N ILE C 66 -10.25 -16.60 -21.53
CA ILE C 66 -9.14 -15.64 -21.72
C ILE C 66 -9.52 -14.31 -21.08
N MET C 67 -10.73 -13.80 -21.33
CA MET C 67 -11.12 -12.46 -20.86
C MET C 67 -11.33 -12.50 -19.34
N SER C 68 -11.71 -13.65 -18.78
CA SER C 68 -11.86 -13.87 -17.30
C SER C 68 -10.48 -13.91 -16.64
N VAL C 69 -9.53 -14.58 -17.29
CA VAL C 69 -8.12 -14.64 -16.81
C VAL C 69 -7.54 -13.21 -16.79
N LYS C 70 -7.65 -12.45 -17.89
CA LYS C 70 -7.16 -11.05 -17.99
C LYS C 70 -7.72 -10.20 -16.84
N LYS C 71 -9.02 -10.28 -16.64
CA LYS C 71 -9.83 -9.60 -15.58
C LYS C 71 -9.22 -9.87 -14.19
N ASN C 72 -8.55 -11.01 -13.99
CA ASN C 72 -8.05 -11.41 -12.66
C ASN C 72 -6.54 -11.18 -12.54
N TYR C 73 -5.88 -10.61 -13.56
CA TYR C 73 -4.55 -9.97 -13.40
C TYR C 73 -4.76 -8.54 -12.92
N ARG C 74 -3.84 -8.06 -12.09
CA ARG C 74 -3.90 -6.71 -11.49
C ARG C 74 -2.94 -5.77 -12.21
N ARG C 75 -3.12 -4.48 -11.96
CA ARG C 75 -2.32 -3.39 -12.55
C ARG C 75 -1.08 -3.19 -11.68
N VAL C 76 -0.18 -4.17 -11.72
CA VAL C 76 1.14 -4.14 -11.04
C VAL C 76 2.18 -3.90 -12.11
N PRO C 77 3.38 -3.39 -11.78
CA PRO C 77 4.38 -3.06 -12.80
C PRO C 77 4.84 -4.22 -13.69
N TYR C 78 4.93 -5.44 -13.15
CA TYR C 78 5.56 -6.58 -13.87
C TYR C 78 4.65 -7.82 -13.95
N HIS C 79 4.15 -8.30 -12.81
CA HIS C 79 3.31 -9.53 -12.72
C HIS C 79 1.89 -9.24 -13.19
N ASN C 80 1.78 -8.76 -14.42
CA ASN C 80 0.52 -8.26 -15.03
C ASN C 80 0.15 -9.19 -16.20
N TRP C 81 -0.92 -8.86 -16.90
CA TRP C 81 -1.43 -9.58 -18.10
C TRP C 81 -0.36 -9.68 -19.19
N LYS C 82 0.44 -8.64 -19.38
CA LYS C 82 1.49 -8.63 -20.43
C LYS C 82 2.49 -9.76 -20.15
N HIS C 83 2.89 -9.94 -18.88
CA HIS C 83 3.85 -10.97 -18.41
C HIS C 83 3.26 -12.34 -18.73
N ALA C 84 1.98 -12.51 -18.46
CA ALA C 84 1.25 -13.79 -18.67
C ALA C 84 1.36 -14.20 -20.14
N VAL C 85 1.00 -13.31 -21.06
CA VAL C 85 1.03 -13.62 -22.53
C VAL C 85 2.50 -13.81 -22.97
N THR C 86 3.43 -13.04 -22.43
CA THR C 86 4.88 -13.13 -22.73
C THR C 86 5.40 -14.51 -22.31
N VAL C 87 4.97 -15.02 -21.17
CA VAL C 87 5.41 -16.35 -20.70
C VAL C 87 4.77 -17.42 -21.59
N ALA C 88 3.49 -17.27 -21.92
CA ALA C 88 2.80 -18.19 -22.85
C ALA C 88 3.53 -18.24 -24.18
N HIS C 89 4.01 -17.10 -24.70
CA HIS C 89 4.69 -17.05 -26.02
C HIS C 89 6.00 -17.84 -25.96
N CYS C 90 6.77 -17.69 -24.88
CA CYS C 90 8.05 -18.42 -24.71
C CYS C 90 7.76 -19.91 -24.73
N MET C 91 6.74 -20.36 -24.01
CA MET C 91 6.23 -21.77 -24.05
C MET C 91 5.87 -22.13 -25.50
N TYR C 92 5.21 -21.25 -26.25
CA TYR C 92 4.85 -21.47 -27.67
C TYR C 92 6.11 -21.84 -28.49
N ALA C 93 7.15 -21.02 -28.43
CA ALA C 93 8.43 -21.25 -29.15
C ALA C 93 9.06 -22.58 -28.69
N ILE C 94 9.06 -22.91 -27.39
CA ILE C 94 9.66 -24.19 -26.94
C ILE C 94 8.86 -25.35 -27.56
N LEU C 95 7.53 -25.29 -27.52
CA LEU C 95 6.64 -26.37 -28.04
C LEU C 95 6.79 -26.52 -29.57
N GLN C 96 6.85 -25.43 -30.35
CA GLN C 96 6.89 -25.51 -31.83
C GLN C 96 8.25 -26.06 -32.28
N ASN C 97 9.32 -25.79 -31.53
CA ASN C 97 10.70 -26.22 -31.85
C ASN C 97 10.97 -27.61 -31.27
N ASN C 98 10.01 -28.23 -30.59
CA ASN C 98 10.22 -29.56 -29.95
C ASN C 98 8.93 -30.36 -30.08
N HIS C 99 8.24 -30.27 -31.21
CA HIS C 99 6.81 -30.70 -31.32
C HIS C 99 6.68 -32.22 -31.15
N THR C 100 7.71 -33.01 -31.46
CA THR C 100 7.63 -34.48 -31.38
C THR C 100 7.62 -34.92 -29.91
N LEU C 101 8.11 -34.10 -28.98
CA LEU C 101 8.42 -34.57 -27.60
C LEU C 101 7.20 -34.51 -26.68
N PHE C 102 6.10 -33.83 -27.05
CA PHE C 102 5.00 -33.54 -26.08
C PHE C 102 3.66 -34.03 -26.61
N THR C 103 2.84 -34.51 -25.67
CA THR C 103 1.52 -35.11 -25.93
C THR C 103 0.53 -33.98 -26.25
N ASP C 104 -0.65 -34.36 -26.73
CA ASP C 104 -1.80 -33.43 -26.97
C ASP C 104 -2.21 -32.76 -25.65
N LEU C 105 -2.40 -33.55 -24.58
CA LEU C 105 -2.77 -33.02 -23.24
C LEU C 105 -1.73 -32.01 -22.76
N GLU C 106 -0.45 -32.34 -22.84
CA GLU C 106 0.66 -31.44 -22.44
C GLU C 106 0.56 -30.11 -23.20
N ARG C 107 0.31 -30.13 -24.50
CA ARG C 107 0.28 -28.91 -25.36
C ARG C 107 -0.86 -27.98 -24.92
N LYS C 108 -2.11 -28.50 -24.87
CA LYS C 108 -3.30 -27.79 -24.30
C LYS C 108 -2.96 -27.23 -22.92
N GLY C 109 -2.42 -28.08 -22.04
CA GLY C 109 -2.17 -27.78 -20.62
C GLY C 109 -1.17 -26.65 -20.41
N LEU C 110 -0.05 -26.66 -21.13
CA LEU C 110 1.13 -25.82 -20.77
C LEU C 110 0.88 -24.36 -21.15
N LEU C 111 0.21 -24.08 -22.26
CA LEU C 111 -0.14 -22.70 -22.68
C LEU C 111 -1.17 -22.10 -21.72
N ILE C 112 -2.16 -22.89 -21.31
CA ILE C 112 -3.16 -22.45 -20.29
C ILE C 112 -2.41 -22.21 -18.97
N ALA C 113 -1.55 -23.13 -18.54
CA ALA C 113 -0.79 -22.98 -17.28
C ALA C 113 -0.01 -21.66 -17.33
N CYS C 114 0.65 -21.38 -18.46
CA CYS C 114 1.53 -20.19 -18.63
C CYS C 114 0.67 -18.94 -18.52
N LEU C 115 -0.45 -18.92 -19.23
CA LEU C 115 -1.40 -17.79 -19.20
C LEU C 115 -1.87 -17.54 -17.75
N CYS C 116 -2.04 -18.58 -16.96
CA CYS C 116 -2.67 -18.49 -15.62
C CYS C 116 -1.63 -18.43 -14.46
N HIS C 117 -0.32 -18.54 -14.72
CA HIS C 117 0.68 -18.95 -13.69
C HIS C 117 0.91 -17.85 -12.66
N ASP C 118 0.50 -16.59 -12.94
CA ASP C 118 0.63 -15.47 -11.97
C ASP C 118 -0.75 -14.83 -11.72
N LEU C 119 -1.84 -15.59 -11.82
CA LEU C 119 -3.21 -15.06 -11.63
C LEU C 119 -3.35 -14.40 -10.26
N ASP C 120 -3.82 -13.15 -10.27
CA ASP C 120 -4.21 -12.40 -9.05
C ASP C 120 -2.95 -12.10 -8.23
N HIS C 121 -1.80 -12.02 -8.88
CA HIS C 121 -0.52 -11.61 -8.23
C HIS C 121 -0.70 -10.19 -7.72
N ARG C 122 -0.17 -9.88 -6.54
CA ARG C 122 -0.39 -8.52 -5.95
CA ARG C 122 -0.36 -8.58 -5.82
C ARG C 122 0.91 -7.72 -5.96
N GLY C 123 1.96 -8.26 -6.59
CA GLY C 123 3.24 -7.55 -6.73
C GLY C 123 4.18 -7.84 -5.57
N PHE C 124 3.84 -8.81 -4.72
CA PHE C 124 4.63 -9.16 -3.51
C PHE C 124 5.03 -10.63 -3.55
N SER C 125 6.23 -10.88 -3.05
CA SER C 125 6.87 -12.21 -3.00
C SER C 125 6.26 -13.04 -1.86
N ASN C 126 6.52 -14.35 -1.90
CA ASN C 126 6.13 -15.29 -0.82
C ASN C 126 6.71 -14.84 0.53
N SER C 127 7.94 -14.30 0.57
CA SER C 127 8.53 -13.78 1.84
C SER C 127 7.61 -12.71 2.43
N TYR C 128 7.32 -11.67 1.67
CA TYR C 128 6.56 -10.52 2.17
C TYR C 128 5.22 -11.02 2.69
N LEU C 129 4.55 -11.94 1.98
CA LEU C 129 3.24 -12.48 2.46
C LEU C 129 3.46 -13.17 3.80
N GLN C 130 4.57 -13.87 3.96
CA GLN C 130 4.88 -14.64 5.19
C GLN C 130 5.11 -13.63 6.33
N LYS C 131 6.02 -12.68 6.13
CA LYS C 131 6.42 -11.66 7.13
C LYS C 131 5.25 -10.72 7.44
N PHE C 132 4.42 -10.40 6.45
CA PHE C 132 3.18 -9.61 6.65
C PHE C 132 2.15 -10.43 7.45
N ASP C 133 2.25 -11.77 7.39
CA ASP C 133 1.25 -12.71 7.97
C ASP C 133 -0.08 -12.55 7.22
N HIS C 134 -0.01 -12.57 5.89
CA HIS C 134 -1.18 -12.53 4.99
C HIS C 134 -1.99 -13.81 5.15
N PRO C 135 -3.33 -13.77 5.09
CA PRO C 135 -4.14 -14.99 5.13
C PRO C 135 -3.73 -16.12 4.16
N LEU C 136 -3.32 -15.77 2.93
CA LEU C 136 -2.84 -16.78 1.93
C LEU C 136 -1.68 -17.58 2.53
N ALA C 137 -0.81 -16.98 3.34
CA ALA C 137 0.40 -17.63 3.94
C ALA C 137 0.00 -18.65 5.01
N ALA C 138 -1.17 -18.50 5.63
CA ALA C 138 -1.75 -19.46 6.59
C ALA C 138 -2.35 -20.64 5.81
N LEU C 139 -3.10 -20.33 4.76
CA LEU C 139 -3.74 -21.33 3.85
C LEU C 139 -2.66 -22.17 3.11
N TYR C 140 -1.56 -21.55 2.68
CA TYR C 140 -0.54 -22.20 1.81
C TYR C 140 0.84 -21.91 2.38
N SER C 141 1.37 -22.82 3.21
CA SER C 141 2.62 -22.61 3.98
C SER C 141 3.81 -22.43 3.02
N THR C 142 3.90 -23.21 1.94
CA THR C 142 4.98 -23.10 0.91
C THR C 142 4.39 -22.82 -0.47
N SER C 143 5.18 -22.23 -1.39
CA SER C 143 4.71 -21.77 -2.72
C SER C 143 3.37 -21.05 -2.59
N THR C 144 3.26 -20.10 -1.66
CA THR C 144 1.98 -19.46 -1.24
C THR C 144 1.24 -18.91 -2.46
N MET C 145 1.89 -18.02 -3.21
CA MET C 145 1.27 -17.31 -4.35
C MET C 145 0.95 -18.35 -5.45
N GLU C 146 1.80 -19.36 -5.62
CA GLU C 146 1.67 -20.31 -6.76
C GLU C 146 0.48 -21.22 -6.50
N GLN C 147 0.29 -21.63 -5.27
CA GLN C 147 -0.91 -22.41 -4.88
C GLN C 147 -2.16 -21.53 -5.08
N HIS C 148 -2.06 -20.24 -4.78
CA HIS C 148 -3.17 -19.30 -5.04
C HIS C 148 -3.42 -19.21 -6.55
N HIS C 149 -2.37 -19.10 -7.38
CA HIS C 149 -2.53 -18.90 -8.86
C HIS C 149 -3.28 -20.10 -9.43
N PHE C 150 -2.90 -21.32 -9.02
CA PHE C 150 -3.59 -22.55 -9.48
C PHE C 150 -5.03 -22.56 -8.97
N SER C 151 -5.24 -22.27 -7.69
CA SER C 151 -6.58 -22.10 -7.09
C SER C 151 -7.44 -21.14 -7.92
N GLN C 152 -6.93 -19.94 -8.23
CA GLN C 152 -7.64 -18.96 -9.10
C GLN C 152 -7.99 -19.59 -10.44
N THR C 153 -7.07 -20.35 -11.04
CA THR C 153 -7.25 -21.04 -12.34
C THR C 153 -8.46 -21.98 -12.26
N VAL C 154 -8.54 -22.81 -11.22
CA VAL C 154 -9.65 -23.81 -11.08
C VAL C 154 -10.97 -23.06 -10.88
N SER C 155 -10.98 -21.97 -10.10
CA SER C 155 -12.14 -21.07 -9.95
C SER C 155 -12.65 -20.61 -11.31
N ILE C 156 -11.77 -20.20 -12.22
CA ILE C 156 -12.18 -19.64 -13.53
C ILE C 156 -12.73 -20.79 -14.38
N LEU C 157 -12.09 -21.97 -14.36
CA LEU C 157 -12.57 -23.15 -15.13
C LEU C 157 -13.99 -23.55 -14.73
N GLN C 158 -14.38 -23.31 -13.47
CA GLN C 158 -15.71 -23.72 -12.91
C GLN C 158 -16.78 -22.62 -13.09
N LEU C 159 -16.45 -21.44 -13.60
CA LEU C 159 -17.47 -20.41 -14.01
C LEU C 159 -18.32 -21.01 -15.16
N GLU C 160 -19.60 -20.64 -15.21
CA GLU C 160 -20.58 -21.06 -16.26
C GLU C 160 -19.95 -20.65 -17.60
N GLY C 161 -19.87 -21.58 -18.56
CA GLY C 161 -19.39 -21.35 -19.93
C GLY C 161 -17.87 -21.26 -20.05
N HIS C 162 -17.10 -21.48 -18.98
CA HIS C 162 -15.63 -21.21 -18.98
C HIS C 162 -14.83 -22.52 -19.01
N ASN C 163 -15.49 -23.68 -19.00
CA ASN C 163 -14.78 -24.99 -18.91
C ASN C 163 -14.28 -25.38 -20.30
N ILE C 164 -13.14 -24.81 -20.69
CA ILE C 164 -12.47 -25.04 -22.01
C ILE C 164 -12.07 -26.52 -22.16
N PHE C 165 -12.14 -27.32 -21.09
CA PHE C 165 -11.72 -28.75 -21.12
C PHE C 165 -12.95 -29.66 -21.05
N SER C 166 -14.16 -29.15 -21.30
CA SER C 166 -15.43 -29.92 -21.17
C SER C 166 -15.45 -31.14 -22.10
N THR C 167 -14.81 -31.07 -23.27
CA THR C 167 -14.80 -32.15 -24.29
C THR C 167 -13.94 -33.34 -23.83
N LEU C 168 -12.94 -33.13 -22.98
CA LEU C 168 -12.03 -34.20 -22.49
C LEU C 168 -12.83 -35.22 -21.69
N SER C 169 -12.36 -36.46 -21.61
CA SER C 169 -12.84 -37.51 -20.68
C SER C 169 -12.49 -37.11 -19.24
N SER C 170 -13.04 -37.81 -18.25
CA SER C 170 -12.76 -37.56 -16.81
C SER C 170 -11.28 -37.79 -16.51
N SER C 171 -10.68 -38.84 -17.10
CA SER C 171 -9.28 -39.26 -16.85
C SER C 171 -8.34 -38.18 -17.40
N GLU C 172 -8.55 -37.84 -18.67
CA GLU C 172 -7.82 -36.77 -19.40
C GLU C 172 -7.96 -35.43 -18.66
N TYR C 173 -9.16 -35.09 -18.20
CA TYR C 173 -9.48 -33.84 -17.48
C TYR C 173 -8.64 -33.75 -16.20
N GLU C 174 -8.57 -34.86 -15.48
CA GLU C 174 -7.79 -35.05 -14.23
C GLU C 174 -6.29 -34.89 -14.51
N GLN C 175 -5.81 -35.40 -15.64
CA GLN C 175 -4.36 -35.33 -16.00
C GLN C 175 -4.00 -33.89 -16.38
N VAL C 176 -4.83 -33.24 -17.20
CA VAL C 176 -4.55 -31.87 -17.67
C VAL C 176 -4.51 -30.94 -16.46
N LEU C 177 -5.45 -31.09 -15.51
CA LEU C 177 -5.47 -30.26 -14.29
C LEU C 177 -4.19 -30.53 -13.48
N GLU C 178 -3.71 -31.77 -13.47
CA GLU C 178 -2.48 -32.13 -12.74
C GLU C 178 -1.24 -31.58 -13.47
N ILE C 179 -1.22 -31.61 -14.80
CA ILE C 179 -0.12 -30.98 -15.61
C ILE C 179 -0.05 -29.48 -15.26
N ILE C 180 -1.21 -28.83 -15.13
CA ILE C 180 -1.33 -27.36 -14.91
C ILE C 180 -0.85 -27.05 -13.50
N ARG C 181 -1.31 -27.83 -12.53
CA ARG C 181 -0.94 -27.63 -11.10
C ARG C 181 0.58 -27.69 -10.95
N LYS C 182 1.20 -28.77 -11.39
CA LYS C 182 2.67 -28.99 -11.23
C LYS C 182 3.42 -27.89 -11.97
N ALA C 183 2.98 -27.52 -13.16
CA ALA C 183 3.60 -26.47 -14.00
C ALA C 183 3.59 -25.12 -13.26
N ILE C 184 2.47 -24.75 -12.63
CA ILE C 184 2.30 -23.44 -11.93
C ILE C 184 3.12 -23.45 -10.63
N ILE C 185 3.04 -24.54 -9.86
CA ILE C 185 3.89 -24.68 -8.63
C ILE C 185 5.36 -24.54 -9.04
N ALA C 186 5.76 -25.12 -10.19
CA ALA C 186 7.17 -25.10 -10.62
C ALA C 186 7.67 -23.65 -10.80
N THR C 187 6.79 -22.67 -11.06
CA THR C 187 7.19 -21.25 -11.24
C THR C 187 7.60 -20.61 -9.92
N ASP C 188 7.45 -21.31 -8.79
CA ASP C 188 8.06 -20.85 -7.51
C ASP C 188 9.57 -20.99 -7.65
N LEU C 189 10.31 -19.90 -7.75
CA LEU C 189 11.77 -19.92 -8.00
C LEU C 189 12.49 -20.69 -6.87
N ALA C 190 11.92 -20.76 -5.67
CA ALA C 190 12.52 -21.50 -4.54
C ALA C 190 12.64 -23.00 -4.89
N LEU C 191 11.71 -23.53 -5.69
CA LEU C 191 11.72 -24.97 -6.08
C LEU C 191 12.66 -25.22 -7.28
N TYR C 192 13.03 -24.17 -8.03
CA TYR C 192 13.80 -24.28 -9.29
C TYR C 192 15.19 -24.88 -8.99
N PHE C 193 15.84 -24.43 -7.92
CA PHE C 193 17.25 -24.78 -7.61
C PHE C 193 17.40 -26.30 -7.47
N GLY C 194 16.56 -26.92 -6.63
CA GLY C 194 16.46 -28.38 -6.44
C GLY C 194 16.06 -29.10 -7.73
N ASN C 195 15.03 -28.62 -8.43
CA ASN C 195 14.58 -29.23 -9.71
C ASN C 195 15.74 -29.29 -10.70
N ARG C 196 16.44 -28.18 -10.95
CA ARG C 196 17.49 -28.09 -11.97
C ARG C 196 18.66 -29.01 -11.58
N LYS C 197 18.99 -29.08 -10.30
CA LYS C 197 20.10 -29.94 -9.80
C LYS C 197 19.76 -31.41 -10.05
N GLN C 198 18.55 -31.86 -9.73
CA GLN C 198 18.11 -33.25 -9.99
C GLN C 198 18.14 -33.53 -11.49
N LEU C 199 17.60 -32.62 -12.30
CA LEU C 199 17.49 -32.79 -13.77
C LEU C 199 18.90 -32.89 -14.36
N GLU C 200 19.81 -32.08 -13.86
CA GLU C 200 21.22 -32.01 -14.32
C GLU C 200 21.91 -33.35 -14.05
N GLU C 201 21.71 -33.93 -12.87
CA GLU C 201 22.29 -35.24 -12.50
C GLU C 201 21.67 -36.34 -13.38
N MET C 202 20.37 -36.29 -13.67
CA MET C 202 19.71 -37.33 -14.50
C MET C 202 20.27 -37.26 -15.92
N TYR C 203 20.51 -36.06 -16.42
CA TYR C 203 21.00 -35.82 -17.80
C TYR C 203 22.44 -36.34 -17.91
N GLN C 204 23.30 -35.94 -16.97
CA GLN C 204 24.75 -36.22 -17.01
C GLN C 204 24.99 -37.72 -16.79
N THR C 205 24.19 -38.38 -15.95
CA THR C 205 24.33 -39.83 -15.65
C THR C 205 23.63 -40.64 -16.75
N GLY C 206 22.85 -40.01 -17.62
CA GLY C 206 22.13 -40.69 -18.71
C GLY C 206 20.88 -41.40 -18.23
N SER C 207 20.42 -41.14 -17.00
CA SER C 207 19.24 -41.81 -16.40
C SER C 207 17.96 -41.08 -16.84
N LEU C 208 18.08 -39.88 -17.41
CA LEU C 208 16.90 -39.07 -17.82
C LEU C 208 16.09 -39.86 -18.86
N ASN C 209 14.79 -40.03 -18.61
CA ASN C 209 13.92 -40.87 -19.46
C ASN C 209 12.58 -40.16 -19.60
N LEU C 210 12.26 -39.65 -20.80
CA LEU C 210 11.02 -38.88 -21.05
C LEU C 210 9.78 -39.78 -21.02
N ASN C 211 9.94 -41.10 -20.89
CA ASN C 211 8.82 -42.06 -20.71
C ASN C 211 8.48 -42.18 -19.22
N ASN C 212 9.36 -41.71 -18.34
CA ASN C 212 9.12 -41.71 -16.88
C ASN C 212 8.41 -40.39 -16.54
N GLN C 213 7.24 -40.46 -15.90
CA GLN C 213 6.33 -39.30 -15.68
C GLN C 213 6.96 -38.31 -14.71
N SER C 214 7.67 -38.79 -13.69
CA SER C 214 8.32 -37.91 -12.70
C SER C 214 9.51 -37.19 -13.35
N HIS C 215 10.16 -37.81 -14.32
CA HIS C 215 11.21 -37.15 -15.14
C HIS C 215 10.53 -36.08 -16.01
N ARG C 216 9.45 -36.46 -16.70
CA ARG C 216 8.71 -35.52 -17.58
C ARG C 216 8.29 -34.28 -16.79
N ASP C 217 7.76 -34.48 -15.57
CA ASP C 217 7.32 -33.39 -14.68
C ASP C 217 8.50 -32.45 -14.41
N ARG C 218 9.70 -32.98 -14.17
CA ARG C 218 10.90 -32.15 -13.88
C ARG C 218 11.24 -31.31 -15.12
N VAL C 219 11.27 -31.93 -16.30
CA VAL C 219 11.54 -31.21 -17.58
C VAL C 219 10.51 -30.07 -17.75
N ILE C 220 9.23 -30.34 -17.49
CA ILE C 220 8.16 -29.33 -17.71
C ILE C 220 8.38 -28.21 -16.69
N GLY C 221 8.77 -28.57 -15.47
CA GLY C 221 9.11 -27.61 -14.40
C GLY C 221 10.19 -26.63 -14.83
N LEU C 222 11.24 -27.15 -15.44
CA LEU C 222 12.40 -26.36 -15.92
C LEU C 222 11.95 -25.49 -17.09
N MET C 223 11.14 -26.04 -17.98
CA MET C 223 10.49 -25.27 -19.07
C MET C 223 9.72 -24.08 -18.50
N MET C 224 8.91 -24.30 -17.45
CA MET C 224 8.14 -23.21 -16.78
C MET C 224 9.10 -22.15 -16.26
N THR C 225 10.20 -22.54 -15.61
CA THR C 225 11.16 -21.55 -15.09
C THR C 225 11.70 -20.75 -16.28
N ALA C 226 12.09 -21.43 -17.35
CA ALA C 226 12.75 -20.78 -18.50
C ALA C 226 11.78 -19.78 -19.12
N CYS C 227 10.49 -20.12 -19.21
CA CYS C 227 9.44 -19.21 -19.75
C CYS C 227 9.21 -18.02 -18.80
N ASP C 228 9.22 -18.30 -17.50
CA ASP C 228 8.98 -17.28 -16.45
C ASP C 228 10.11 -16.24 -16.49
N LEU C 229 11.34 -16.70 -16.74
CA LEU C 229 12.51 -15.81 -16.69
C LEU C 229 12.77 -15.14 -18.05
N CYS C 230 11.92 -15.32 -19.07
CA CYS C 230 12.32 -15.09 -20.48
C CYS C 230 12.69 -13.62 -20.77
N SER C 231 12.44 -12.66 -19.87
CA SER C 231 12.87 -11.25 -20.09
C SER C 231 14.39 -11.21 -20.27
N VAL C 232 15.16 -12.12 -19.66
CA VAL C 232 16.64 -12.18 -19.81
C VAL C 232 17.02 -12.78 -21.17
N THR C 233 16.07 -13.13 -22.03
CA THR C 233 16.38 -13.78 -23.34
C THR C 233 15.86 -12.92 -24.48
N LYS C 234 15.41 -11.71 -24.17
CA LYS C 234 15.01 -10.74 -25.19
C LYS C 234 16.25 -10.00 -25.66
N LEU C 235 16.07 -9.21 -26.72
CA LEU C 235 17.05 -8.22 -27.20
C LEU C 235 17.23 -7.15 -26.11
N TRP C 236 18.45 -6.66 -25.96
CA TRP C 236 18.89 -5.80 -24.83
C TRP C 236 17.89 -4.66 -24.54
N PRO C 237 17.38 -3.91 -25.54
CA PRO C 237 16.47 -2.82 -25.23
C PRO C 237 15.21 -3.29 -24.47
N VAL C 238 14.62 -4.41 -24.90
CA VAL C 238 13.46 -5.04 -24.20
C VAL C 238 13.88 -5.49 -22.79
N THR C 239 15.01 -6.19 -22.68
CA THR C 239 15.52 -6.75 -21.41
C THR C 239 15.78 -5.64 -20.39
N LYS C 240 16.45 -4.57 -20.82
CA LYS C 240 16.75 -3.36 -20.01
C LYS C 240 15.44 -2.71 -19.55
N LEU C 241 14.49 -2.48 -20.45
CA LEU C 241 13.19 -1.83 -20.10
C LEU C 241 12.37 -2.72 -19.18
N THR C 242 12.31 -4.04 -19.42
CA THR C 242 11.61 -4.97 -18.50
C THR C 242 12.24 -4.91 -17.10
N ALA C 243 13.57 -4.77 -16.97
CA ALA C 243 14.25 -4.66 -15.67
C ALA C 243 13.67 -3.50 -14.83
N ASN C 244 13.24 -2.40 -15.46
CA ASN C 244 12.62 -1.24 -14.74
C ASN C 244 11.31 -1.66 -14.08
N ASP C 245 10.52 -2.47 -14.77
CA ASP C 245 9.20 -2.95 -14.28
C ASP C 245 9.43 -3.97 -13.18
N ILE C 246 10.42 -4.85 -13.34
CA ILE C 246 10.80 -5.85 -12.30
C ILE C 246 11.22 -5.10 -11.03
N TYR C 247 12.12 -4.13 -11.14
CA TYR C 247 12.63 -3.41 -9.94
C TYR C 247 11.54 -2.49 -9.36
N ALA C 248 10.65 -1.92 -10.18
CA ALA C 248 9.53 -1.10 -9.65
C ALA C 248 8.72 -1.94 -8.67
N GLU C 249 8.44 -3.21 -8.99
CA GLU C 249 7.73 -4.10 -8.05
C GLU C 249 8.61 -4.36 -6.84
N PHE C 250 9.86 -4.73 -7.06
CA PHE C 250 10.79 -5.09 -5.97
C PHE C 250 10.92 -3.92 -5.00
N TRP C 251 11.17 -2.72 -5.50
CA TRP C 251 11.38 -1.53 -4.65
C TRP C 251 10.12 -1.22 -3.82
N ALA C 252 8.93 -1.41 -4.38
CA ALA C 252 7.67 -1.19 -3.64
C ALA C 252 7.59 -2.20 -2.50
N GLU C 253 7.95 -3.45 -2.73
CA GLU C 253 7.97 -4.51 -1.68
C GLU C 253 9.00 -4.14 -0.61
N GLY C 254 10.19 -3.70 -1.02
CA GLY C 254 11.19 -3.14 -0.09
C GLY C 254 10.58 -2.10 0.83
N ASP C 255 9.93 -1.09 0.25
CA ASP C 255 9.28 0.01 1.01
C ASP C 255 8.33 -0.63 2.02
N GLU C 256 7.59 -1.67 1.61
CA GLU C 256 6.58 -2.30 2.49
C GLU C 256 7.30 -3.11 3.59
N MET C 257 8.45 -3.68 3.29
CA MET C 257 9.29 -4.39 4.29
C MET C 257 9.71 -3.36 5.35
N LYS C 258 10.19 -2.19 4.91
CA LYS C 258 10.60 -1.09 5.82
C LYS C 258 9.42 -0.72 6.72
N LYS C 259 8.21 -0.69 6.17
CA LYS C 259 7.01 -0.33 6.95
C LYS C 259 6.69 -1.40 7.99
N LEU C 260 7.13 -2.64 7.81
CA LEU C 260 6.93 -3.74 8.80
C LEU C 260 8.00 -3.69 9.90
N GLY C 261 9.06 -2.89 9.74
CA GLY C 261 10.18 -2.82 10.69
C GLY C 261 11.35 -3.72 10.29
N ILE C 262 11.30 -4.32 9.10
CA ILE C 262 12.33 -5.27 8.59
C ILE C 262 13.16 -4.60 7.50
N GLN C 263 14.48 -4.57 7.66
CA GLN C 263 15.37 -4.12 6.57
C GLN C 263 15.18 -5.11 5.42
N PRO C 264 14.87 -4.64 4.20
CA PRO C 264 14.70 -5.54 3.06
C PRO C 264 16.07 -5.95 2.52
N ILE C 265 16.12 -7.01 1.71
CA ILE C 265 17.36 -7.44 0.99
C ILE C 265 17.75 -6.35 0.00
N PRO C 266 19.05 -6.18 -0.32
CA PRO C 266 19.48 -5.15 -1.27
C PRO C 266 18.68 -5.06 -2.58
N MET C 267 18.33 -6.22 -3.15
CA MET C 267 17.59 -6.32 -4.43
C MET C 267 16.26 -5.53 -4.33
N MET C 268 15.65 -5.46 -3.15
CA MET C 268 14.32 -4.83 -2.97
C MET C 268 14.44 -3.45 -2.30
N ASP C 269 15.64 -2.90 -2.16
CA ASP C 269 15.88 -1.61 -1.44
C ASP C 269 16.24 -0.55 -2.47
N ARG C 270 15.38 0.45 -2.66
CA ARG C 270 15.59 1.48 -3.71
C ARG C 270 16.83 2.32 -3.40
N ASP C 271 17.21 2.49 -2.13
CA ASP C 271 18.43 3.24 -1.73
C ASP C 271 19.71 2.55 -2.28
N LYS C 272 19.62 1.29 -2.71
CA LYS C 272 20.77 0.54 -3.26
C LYS C 272 20.63 0.31 -4.77
N LYS C 273 19.93 1.19 -5.49
CA LYS C 273 19.79 1.20 -6.98
C LYS C 273 21.15 1.07 -7.67
N ASP C 274 22.20 1.68 -7.13
CA ASP C 274 23.54 1.79 -7.77
C ASP C 274 24.13 0.38 -7.98
N GLU C 275 23.81 -0.58 -7.10
CA GLU C 275 24.32 -1.98 -7.12
C GLU C 275 23.46 -2.88 -8.06
N VAL C 276 22.60 -2.33 -8.91
CA VAL C 276 21.67 -3.14 -9.77
C VAL C 276 22.52 -3.95 -10.77
N PRO C 277 23.47 -3.33 -11.51
CA PRO C 277 24.25 -4.06 -12.50
C PRO C 277 25.02 -5.25 -11.91
N GLN C 278 25.68 -5.05 -10.76
CA GLN C 278 26.36 -6.12 -9.99
C GLN C 278 25.34 -7.21 -9.66
N GLY C 279 24.11 -6.82 -9.36
CA GLY C 279 23.04 -7.72 -8.90
C GLY C 279 22.54 -8.58 -10.04
N GLN C 280 22.43 -7.99 -11.23
CA GLN C 280 21.99 -8.71 -12.45
C GLN C 280 23.07 -9.75 -12.79
N LEU C 281 24.33 -9.32 -12.85
CA LEU C 281 25.51 -10.22 -13.04
C LEU C 281 25.31 -11.49 -12.23
N GLY C 282 25.18 -11.34 -10.91
CA GLY C 282 24.99 -12.45 -9.97
C GLY C 282 23.78 -13.28 -10.35
N PHE C 283 22.67 -12.64 -10.75
CA PHE C 283 21.41 -13.36 -11.06
C PHE C 283 21.63 -14.19 -12.33
N TYR C 284 22.32 -13.65 -13.32
CA TYR C 284 22.61 -14.37 -14.60
C TYR C 284 23.55 -15.55 -14.29
N ASN C 285 24.58 -15.35 -13.46
CA ASN C 285 25.58 -16.41 -13.18
C ASN C 285 24.92 -17.53 -12.38
N ALA C 286 24.10 -17.19 -11.40
CA ALA C 286 23.55 -18.14 -10.38
C ALA C 286 22.25 -18.79 -10.87
N VAL C 287 21.40 -18.10 -11.62
CA VAL C 287 20.00 -18.55 -11.91
C VAL C 287 19.82 -18.75 -13.41
N ALA C 288 19.83 -17.67 -14.17
CA ALA C 288 19.45 -17.64 -15.60
C ALA C 288 20.35 -18.56 -16.43
N ILE C 289 21.67 -18.36 -16.38
CA ILE C 289 22.60 -19.11 -17.27
C ILE C 289 22.44 -20.60 -16.99
N PRO C 290 22.55 -21.11 -15.74
CA PRO C 290 22.36 -22.53 -15.48
C PRO C 290 21.02 -23.08 -16.01
N CYS C 291 19.96 -22.28 -15.83
CA CYS C 291 18.59 -22.64 -16.22
C CYS C 291 18.55 -22.93 -17.72
N TYR C 292 18.98 -21.99 -18.53
CA TYR C 292 18.96 -22.14 -20.01
C TYR C 292 20.05 -23.11 -20.48
N THR C 293 21.09 -23.36 -19.68
CA THR C 293 22.17 -24.34 -20.02
C THR C 293 21.57 -25.76 -19.96
N THR C 294 21.02 -26.13 -18.81
CA THR C 294 20.31 -27.40 -18.60
C THR C 294 19.18 -27.55 -19.62
N LEU C 295 18.41 -26.51 -19.88
CA LEU C 295 17.27 -26.64 -20.82
C LEU C 295 17.81 -26.93 -22.23
N THR C 296 18.93 -26.35 -22.61
CA THR C 296 19.56 -26.58 -23.93
C THR C 296 20.11 -28.01 -24.00
N GLN C 297 20.68 -28.55 -22.92
CA GLN C 297 21.17 -29.95 -22.85
C GLN C 297 20.00 -30.90 -23.13
N ILE C 298 18.86 -30.68 -22.49
CA ILE C 298 17.68 -31.59 -22.62
C ILE C 298 16.94 -31.27 -23.92
N LEU C 299 16.80 -30.01 -24.33
CA LEU C 299 16.08 -29.62 -25.57
C LEU C 299 16.97 -28.71 -26.41
N PRO C 300 17.89 -29.28 -27.24
CA PRO C 300 18.83 -28.47 -28.01
C PRO C 300 18.22 -27.36 -28.87
N PRO C 301 17.02 -27.53 -29.49
CA PRO C 301 16.41 -26.43 -30.24
C PRO C 301 16.02 -25.18 -29.40
N THR C 302 16.16 -25.21 -28.06
CA THR C 302 15.94 -24.04 -27.16
C THR C 302 17.23 -23.21 -27.07
N GLU C 303 18.26 -23.58 -27.82
CA GLU C 303 19.62 -22.96 -27.79
C GLU C 303 19.55 -21.43 -27.86
N PRO C 304 18.76 -20.84 -28.78
CA PRO C 304 18.66 -19.39 -28.88
C PRO C 304 18.35 -18.65 -27.58
N LEU C 305 17.62 -19.29 -26.65
CA LEU C 305 17.34 -18.71 -25.30
C LEU C 305 18.65 -18.57 -24.55
N LEU C 306 19.50 -19.60 -24.53
CA LEU C 306 20.84 -19.56 -23.86
C LEU C 306 21.69 -18.48 -24.52
N LYS C 307 21.67 -18.41 -25.85
CA LYS C 307 22.55 -17.47 -26.59
C LYS C 307 22.13 -16.05 -26.18
N ALA C 308 20.83 -15.74 -26.23
CA ALA C 308 20.31 -14.37 -25.97
C ALA C 308 20.64 -13.99 -24.53
N CYS C 309 20.51 -14.93 -23.60
CA CYS C 309 20.82 -14.73 -22.17
C CYS C 309 22.32 -14.41 -21.99
N ARG C 310 23.23 -15.11 -22.71
CA ARG C 310 24.69 -14.82 -22.63
CA ARG C 310 24.69 -14.84 -22.68
C ARG C 310 24.94 -13.43 -23.25
N ASP C 311 24.26 -13.07 -24.33
CA ASP C 311 24.37 -11.71 -24.92
C ASP C 311 24.00 -10.67 -23.87
N ASN C 312 22.90 -10.87 -23.13
CA ASN C 312 22.42 -9.89 -22.11
C ASN C 312 23.40 -9.86 -20.94
N LEU C 313 23.98 -11.01 -20.57
CA LEU C 313 24.97 -11.08 -19.47
C LEU C 313 26.15 -10.15 -19.82
N SER C 314 26.58 -10.21 -21.08
CA SER C 314 27.69 -9.38 -21.63
C SER C 314 27.30 -7.88 -21.58
N GLN C 315 26.05 -7.53 -21.88
CA GLN C 315 25.58 -6.13 -21.80
C GLN C 315 25.64 -5.61 -20.37
N TRP C 316 25.33 -6.43 -19.36
CA TRP C 316 25.35 -6.02 -17.93
C TRP C 316 26.79 -5.81 -17.46
N GLU C 317 27.73 -6.60 -17.97
CA GLU C 317 29.19 -6.41 -17.74
C GLU C 317 29.62 -5.05 -18.33
N LYS C 318 29.18 -4.71 -19.55
CA LYS C 318 29.50 -3.40 -20.19
C LYS C 318 28.96 -2.26 -19.35
N VAL C 319 27.73 -2.37 -18.84
CA VAL C 319 27.13 -1.38 -17.89
C VAL C 319 28.05 -1.26 -16.67
N ILE C 320 28.49 -2.38 -16.08
CA ILE C 320 29.33 -2.43 -14.85
C ILE C 320 30.68 -1.72 -15.10
N ARG C 321 31.19 -1.71 -16.33
CA ARG C 321 32.50 -1.10 -16.66
C ARG C 321 32.32 0.35 -17.16
N GLY C 322 31.21 1.01 -16.82
CA GLY C 322 30.95 2.43 -17.13
C GLY C 322 30.80 2.71 -18.63
N GLU C 323 30.63 1.68 -19.46
CA GLU C 323 30.45 1.80 -20.95
C GLU C 323 28.98 2.03 -21.28
N GLU C 324 28.09 1.87 -20.29
CA GLU C 324 26.64 2.17 -20.38
C GLU C 324 26.02 2.08 -18.97
N LEU D 13 10.90 -43.77 34.71
CA LEU D 13 9.63 -43.84 33.93
C LEU D 13 8.45 -43.45 34.84
N MET D 14 8.69 -42.60 35.83
CA MET D 14 7.75 -42.31 36.96
C MET D 14 7.33 -40.84 36.91
N GLN D 15 6.40 -40.50 36.02
CA GLN D 15 5.99 -39.09 35.75
C GLN D 15 4.96 -38.62 36.78
N PHE D 16 4.68 -37.32 36.78
CA PHE D 16 3.59 -36.71 37.59
C PHE D 16 2.41 -36.45 36.67
N THR D 17 1.22 -36.81 37.17
CA THR D 17 -0.08 -36.49 36.54
C THR D 17 -0.80 -35.57 37.52
N LEU D 18 -1.47 -34.55 37.00
CA LEU D 18 -2.31 -33.65 37.82
C LEU D 18 -3.76 -34.07 37.62
N PRO D 19 -4.68 -33.63 38.50
CA PRO D 19 -6.11 -33.74 38.23
C PRO D 19 -6.52 -33.06 36.91
N VAL D 20 -7.54 -33.61 36.23
CA VAL D 20 -7.96 -33.14 34.88
C VAL D 20 -7.99 -31.61 34.88
N ARG D 21 -8.67 -30.96 35.83
CA ARG D 21 -8.89 -29.49 35.76
C ARG D 21 -7.52 -28.79 35.70
N LEU D 22 -6.60 -29.17 36.58
CA LEU D 22 -5.25 -28.56 36.72
C LEU D 22 -4.38 -28.89 35.50
N CYS D 23 -4.40 -30.16 35.09
CA CYS D 23 -3.71 -30.69 33.89
C CYS D 23 -4.08 -29.82 32.66
N LYS D 24 -5.36 -29.45 32.53
CA LYS D 24 -5.86 -28.61 31.41
C LYS D 24 -5.54 -27.13 31.66
N GLU D 25 -5.84 -26.60 32.86
CA GLU D 25 -5.80 -25.13 33.13
C GLU D 25 -4.35 -24.67 33.33
N ILE D 26 -3.42 -25.59 33.64
CA ILE D 26 -2.00 -25.23 33.90
C ILE D 26 -1.40 -24.68 32.61
N GLU D 27 -2.00 -25.01 31.46
CA GLU D 27 -1.49 -24.54 30.15
C GLU D 27 -1.90 -23.09 29.94
N LEU D 28 -2.88 -22.57 30.70
CA LEU D 28 -3.35 -21.15 30.56
C LEU D 28 -2.42 -20.22 31.36
N PHE D 29 -2.07 -19.06 30.78
CA PHE D 29 -1.23 -18.02 31.43
C PHE D 29 -1.84 -17.62 32.79
N HIS D 30 -3.16 -17.48 32.91
CA HIS D 30 -3.85 -16.94 34.12
C HIS D 30 -4.12 -18.05 35.16
N PHE D 31 -3.68 -19.28 34.91
CA PHE D 31 -3.77 -20.38 35.91
C PHE D 31 -3.28 -19.87 37.29
N ASP D 32 -3.98 -20.29 38.34
CA ASP D 32 -3.62 -20.06 39.77
C ASP D 32 -3.29 -21.43 40.38
N ILE D 33 -2.18 -21.55 41.11
CA ILE D 33 -1.64 -22.87 41.58
C ILE D 33 -2.47 -23.38 42.77
N GLY D 34 -3.37 -22.54 43.30
CA GLY D 34 -4.33 -22.92 44.36
C GLY D 34 -3.73 -22.87 45.76
N PRO D 35 -4.55 -23.11 46.82
CA PRO D 35 -4.14 -22.92 48.22
C PRO D 35 -3.50 -24.10 48.95
N PHE D 36 -3.38 -25.27 48.30
CA PHE D 36 -2.76 -26.50 48.89
C PHE D 36 -1.25 -26.49 48.64
N GLU D 37 -0.47 -25.99 49.60
CA GLU D 37 1.02 -25.96 49.60
C GLU D 37 1.62 -27.31 49.21
N ASN D 38 1.02 -28.41 49.66
CA ASN D 38 1.61 -29.78 49.50
C ASN D 38 1.56 -30.25 48.04
N MET D 39 0.79 -29.60 47.16
CA MET D 39 0.73 -29.96 45.72
C MET D 39 1.73 -29.15 44.88
N TRP D 40 2.22 -28.00 45.35
CA TRP D 40 3.08 -27.08 44.56
C TRP D 40 4.35 -27.79 44.07
N PRO D 41 5.07 -28.59 44.88
CA PRO D 41 6.22 -29.33 44.35
C PRO D 41 5.85 -30.20 43.14
N GLY D 42 4.76 -30.96 43.21
CA GLY D 42 4.30 -31.83 42.11
C GLY D 42 3.96 -31.03 40.86
N ILE D 43 3.33 -29.86 41.03
CA ILE D 43 3.03 -28.90 39.94
C ILE D 43 4.35 -28.45 39.29
N PHE D 44 5.37 -28.20 40.10
CA PHE D 44 6.68 -27.74 39.59
C PHE D 44 7.34 -28.86 38.79
N VAL D 45 7.49 -30.05 39.37
CA VAL D 45 8.11 -31.23 38.68
C VAL D 45 7.34 -31.46 37.36
N TYR D 46 6.00 -31.44 37.41
CA TYR D 46 5.15 -31.62 36.21
C TYR D 46 5.62 -30.68 35.10
N MET D 47 5.70 -29.37 35.40
CA MET D 47 6.09 -28.30 34.44
C MET D 47 7.51 -28.52 33.92
N VAL D 48 8.44 -28.93 34.80
CA VAL D 48 9.84 -29.25 34.39
C VAL D 48 9.82 -30.42 33.40
N HIS D 49 9.02 -31.47 33.62
CA HIS D 49 8.98 -32.66 32.72
C HIS D 49 8.46 -32.25 31.33
N ARG D 50 7.31 -31.60 31.26
CA ARG D 50 6.68 -31.17 29.97
C ARG D 50 7.54 -30.12 29.26
N SER D 51 8.16 -29.21 30.00
CA SER D 51 8.85 -28.01 29.44
C SER D 51 10.21 -28.46 28.92
N CYS D 52 10.90 -29.24 29.73
CA CYS D 52 12.35 -29.54 29.60
C CYS D 52 12.53 -30.93 28.99
N GLY D 53 11.86 -31.93 29.55
CA GLY D 53 11.98 -33.37 29.20
C GLY D 53 12.06 -34.24 30.44
N THR D 54 11.53 -35.46 30.40
CA THR D 54 11.35 -36.34 31.59
C THR D 54 12.69 -36.70 32.23
N SER D 55 13.79 -36.56 31.49
CA SER D 55 15.15 -37.01 31.88
C SER D 55 16.10 -35.81 32.05
N CYS D 56 15.59 -34.58 31.91
CA CYS D 56 16.36 -33.32 32.11
C CYS D 56 17.14 -33.35 33.43
N PHE D 57 16.51 -33.79 34.52
CA PHE D 57 17.12 -33.90 35.86
C PHE D 57 16.82 -35.29 36.41
N GLU D 58 17.71 -35.80 37.27
CA GLU D 58 17.48 -37.01 38.10
C GLU D 58 16.45 -36.63 39.19
N LEU D 59 15.34 -37.37 39.29
CA LEU D 59 14.15 -37.01 40.13
C LEU D 59 14.50 -36.89 41.62
N GLU D 60 15.40 -37.73 42.14
CA GLU D 60 15.77 -37.75 43.59
C GLU D 60 16.45 -36.41 43.94
N LYS D 61 17.45 -36.01 43.16
CA LYS D 61 18.19 -34.73 43.32
C LYS D 61 17.23 -33.54 43.18
N LEU D 62 16.36 -33.56 42.15
CA LEU D 62 15.37 -32.49 41.87
C LEU D 62 14.46 -32.33 43.08
N CME D 63 13.89 -33.42 43.57
CA CME D 63 12.90 -33.41 44.67
CB CME D 63 12.28 -34.77 44.92
SG CME D 63 10.87 -35.21 43.87
SD CME D 63 9.39 -33.90 44.42
CE CME D 63 9.04 -34.29 46.16
CZ CME D 63 7.57 -34.55 46.39
OH CME D 63 7.22 -34.28 47.73
C CME D 63 13.53 -32.78 45.90
O CME D 63 12.87 -31.93 46.54
N ARG D 64 14.78 -33.14 46.21
CA ARG D 64 15.44 -32.66 47.45
C ARG D 64 15.99 -31.24 47.22
N PHE D 65 16.35 -30.89 45.97
CA PHE D 65 16.64 -29.48 45.59
C PHE D 65 15.40 -28.61 45.87
N ILE D 66 14.21 -29.09 45.53
CA ILE D 66 12.93 -28.35 45.69
C ILE D 66 12.62 -28.14 47.19
N MET D 67 12.78 -29.16 48.02
CA MET D 67 12.38 -29.06 49.45
C MET D 67 13.40 -28.19 50.21
N SER D 68 14.63 -28.07 49.72
CA SER D 68 15.65 -27.14 50.27
C SER D 68 15.34 -25.69 49.84
N VAL D 69 14.98 -25.48 48.57
CA VAL D 69 14.52 -24.14 48.09
C VAL D 69 13.35 -23.70 48.98
N LYS D 70 12.31 -24.52 49.10
CA LYS D 70 11.09 -24.24 49.92
C LYS D 70 11.50 -23.83 51.34
N LYS D 71 12.41 -24.59 51.95
CA LYS D 71 12.86 -24.36 53.35
C LYS D 71 13.52 -22.99 53.47
N ASN D 72 14.05 -22.42 52.38
CA ASN D 72 14.83 -21.15 52.41
C ASN D 72 13.97 -19.97 51.96
N TYR D 73 12.71 -20.19 51.56
CA TYR D 73 11.69 -19.12 51.48
C TYR D 73 11.11 -18.93 52.87
N ARG D 74 10.80 -17.68 53.24
CA ARG D 74 10.31 -17.29 54.58
C ARG D 74 8.81 -17.10 54.56
N ARG D 75 8.19 -16.99 55.75
CA ARG D 75 6.73 -16.80 55.93
C ARG D 75 6.47 -15.30 55.92
N VAL D 76 6.63 -14.69 54.76
CA VAL D 76 6.35 -13.27 54.49
C VAL D 76 5.04 -13.23 53.71
N PRO D 77 4.27 -12.13 53.73
CA PRO D 77 2.95 -12.13 53.08
C PRO D 77 2.95 -12.37 51.57
N TYR D 78 3.98 -11.91 50.85
CA TYR D 78 4.01 -11.97 49.36
C TYR D 78 5.23 -12.72 48.82
N HIS D 79 6.46 -12.35 49.21
CA HIS D 79 7.72 -12.90 48.63
C HIS D 79 8.06 -14.25 49.24
N ASN D 80 7.14 -15.20 49.05
CA ASN D 80 7.12 -16.50 49.77
C ASN D 80 7.16 -17.61 48.72
N TRP D 81 7.09 -18.85 49.18
CA TRP D 81 7.14 -20.09 48.36
C TRP D 81 6.09 -20.05 47.25
N LYS D 82 4.87 -19.59 47.57
CA LYS D 82 3.73 -19.54 46.62
C LYS D 82 4.09 -18.65 45.43
N HIS D 83 4.74 -17.50 45.70
CA HIS D 83 5.24 -16.53 44.68
C HIS D 83 6.30 -17.22 43.79
N ALA D 84 7.25 -17.93 44.38
CA ALA D 84 8.29 -18.67 43.63
C ALA D 84 7.65 -19.59 42.57
N VAL D 85 6.65 -20.39 42.97
CA VAL D 85 6.04 -21.44 42.10
C VAL D 85 5.14 -20.77 41.06
N THR D 86 4.46 -19.67 41.43
CA THR D 86 3.61 -18.86 40.52
C THR D 86 4.48 -18.27 39.41
N VAL D 87 5.62 -17.67 39.77
CA VAL D 87 6.57 -17.08 38.79
C VAL D 87 7.06 -18.20 37.84
N ALA D 88 7.46 -19.34 38.38
CA ALA D 88 7.92 -20.51 37.59
C ALA D 88 6.82 -20.94 36.61
N HIS D 89 5.56 -21.00 37.04
CA HIS D 89 4.44 -21.37 36.16
C HIS D 89 4.30 -20.40 34.96
N CYS D 90 4.40 -19.09 35.19
CA CYS D 90 4.33 -18.08 34.10
C CYS D 90 5.47 -18.36 33.12
N MET D 91 6.68 -18.62 33.62
CA MET D 91 7.82 -18.99 32.74
C MET D 91 7.46 -20.26 31.96
N TYR D 92 6.85 -21.25 32.61
CA TYR D 92 6.40 -22.51 31.95
C TYR D 92 5.47 -22.17 30.77
N ALA D 93 4.44 -21.36 31.03
CA ALA D 93 3.44 -20.95 30.01
C ALA D 93 4.20 -20.33 28.83
N ILE D 94 5.06 -19.34 29.11
CA ILE D 94 5.89 -18.65 28.07
C ILE D 94 6.67 -19.70 27.27
N LEU D 95 7.35 -20.64 27.94
CA LEU D 95 8.28 -21.57 27.25
C LEU D 95 7.49 -22.57 26.40
N GLN D 96 6.33 -23.03 26.86
CA GLN D 96 5.53 -24.01 26.08
C GLN D 96 5.08 -23.36 24.76
N ASN D 97 4.77 -22.07 24.80
CA ASN D 97 4.10 -21.32 23.71
C ASN D 97 5.13 -20.68 22.78
N ASN D 98 6.43 -20.81 23.12
CA ASN D 98 7.56 -20.33 22.29
C ASN D 98 8.66 -21.40 22.25
N HIS D 99 8.28 -22.68 22.18
CA HIS D 99 9.17 -23.84 22.47
C HIS D 99 10.33 -23.91 21.47
N THR D 100 10.15 -23.49 20.22
CA THR D 100 11.20 -23.53 19.15
C THR D 100 12.25 -22.43 19.35
N LEU D 101 11.97 -21.39 20.14
CA LEU D 101 12.86 -20.20 20.27
C LEU D 101 14.02 -20.43 21.28
N PHE D 102 13.89 -21.37 22.24
CA PHE D 102 14.83 -21.50 23.40
C PHE D 102 15.61 -22.80 23.38
N THR D 103 16.90 -22.70 23.72
CA THR D 103 17.85 -23.84 23.84
C THR D 103 17.46 -24.71 25.03
N ASP D 104 17.97 -25.94 25.09
CA ASP D 104 17.69 -26.94 26.16
C ASP D 104 18.22 -26.43 27.51
N LEU D 105 19.40 -25.78 27.51
CA LEU D 105 20.03 -25.13 28.70
C LEU D 105 19.13 -24.01 29.22
N GLU D 106 18.59 -23.18 28.32
CA GLU D 106 17.68 -22.07 28.70
C GLU D 106 16.43 -22.66 29.37
N ARG D 107 15.87 -23.73 28.79
CA ARG D 107 14.66 -24.40 29.33
C ARG D 107 14.93 -24.87 30.77
N LYS D 108 15.99 -25.66 31.00
CA LYS D 108 16.43 -26.13 32.34
C LYS D 108 16.60 -24.93 33.27
N GLY D 109 17.47 -24.00 32.88
CA GLY D 109 17.95 -22.85 33.67
C GLY D 109 16.83 -21.94 34.12
N LEU D 110 15.92 -21.55 33.23
CA LEU D 110 14.91 -20.48 33.48
C LEU D 110 13.83 -20.92 34.48
N LEU D 111 13.40 -22.18 34.49
CA LEU D 111 12.42 -22.66 35.50
C LEU D 111 13.07 -22.63 36.89
N ILE D 112 14.32 -23.12 36.97
CA ILE D 112 15.09 -23.12 38.26
C ILE D 112 15.25 -21.66 38.67
N ALA D 113 15.64 -20.79 37.74
CA ALA D 113 15.85 -19.35 38.05
C ALA D 113 14.59 -18.76 38.67
N CYS D 114 13.40 -19.12 38.16
CA CYS D 114 12.11 -18.51 38.61
C CYS D 114 11.81 -19.01 40.03
N LEU D 115 12.02 -20.30 40.29
CA LEU D 115 11.77 -20.95 41.60
C LEU D 115 12.70 -20.36 42.67
N CYS D 116 13.92 -19.97 42.28
CA CYS D 116 14.99 -19.50 43.20
C CYS D 116 15.09 -17.97 43.23
N HIS D 117 14.32 -17.26 42.40
CA HIS D 117 14.54 -15.82 42.09
C HIS D 117 14.37 -14.92 43.32
N ASP D 118 13.68 -15.37 44.37
CA ASP D 118 13.41 -14.53 45.57
C ASP D 118 13.87 -15.23 46.87
N LEU D 119 14.78 -16.20 46.77
CA LEU D 119 15.24 -17.04 47.92
C LEU D 119 15.63 -16.15 49.11
N ASP D 120 15.08 -16.44 50.28
CA ASP D 120 15.48 -15.83 51.57
C ASP D 120 15.12 -14.34 51.59
N HIS D 121 14.04 -13.97 50.89
CA HIS D 121 13.44 -12.61 50.94
C HIS D 121 12.88 -12.37 52.34
N ARG D 122 13.04 -11.15 52.87
CA ARG D 122 12.62 -10.76 54.24
C ARG D 122 11.37 -9.89 54.22
N GLY D 123 10.91 -9.51 53.03
CA GLY D 123 9.73 -8.67 52.80
C GLY D 123 10.09 -7.20 52.72
N PHE D 124 11.38 -6.90 52.50
CA PHE D 124 11.94 -5.51 52.50
C PHE D 124 12.67 -5.28 51.17
N SER D 125 12.44 -4.10 50.58
CA SER D 125 13.09 -3.60 49.33
C SER D 125 14.58 -3.35 49.56
N ASN D 126 15.36 -3.29 48.48
CA ASN D 126 16.78 -2.89 48.47
C ASN D 126 16.93 -1.53 49.16
N SER D 127 16.00 -0.60 48.88
CA SER D 127 15.99 0.77 49.46
C SER D 127 16.07 0.67 50.97
N TYR D 128 15.22 -0.19 51.56
CA TYR D 128 15.08 -0.24 53.03
C TYR D 128 16.37 -0.80 53.62
N LEU D 129 16.92 -1.88 53.04
CA LEU D 129 18.21 -2.48 53.49
C LEU D 129 19.25 -1.36 53.51
N GLN D 130 19.28 -0.51 52.49
CA GLN D 130 20.28 0.58 52.36
C GLN D 130 20.07 1.62 53.47
N LYS D 131 18.81 1.99 53.75
CA LYS D 131 18.49 3.05 54.74
C LYS D 131 18.63 2.49 56.16
N PHE D 132 18.32 1.22 56.35
CA PHE D 132 18.53 0.48 57.62
C PHE D 132 20.04 0.33 57.88
N ASP D 133 20.81 0.16 56.80
CA ASP D 133 22.27 -0.07 56.81
C ASP D 133 22.49 -1.54 57.12
N HIS D 134 21.81 -2.42 56.37
CA HIS D 134 21.87 -3.89 56.55
C HIS D 134 23.22 -4.40 56.03
N PRO D 135 23.86 -5.37 56.73
CA PRO D 135 25.07 -6.03 56.22
C PRO D 135 25.02 -6.39 54.72
N LEU D 136 23.89 -6.92 54.24
CA LEU D 136 23.68 -7.26 52.80
C LEU D 136 23.92 -6.02 51.89
N ALA D 137 23.56 -4.80 52.33
CA ALA D 137 23.76 -3.56 51.54
C ALA D 137 25.26 -3.21 51.48
N ALA D 138 26.06 -3.69 52.43
CA ALA D 138 27.53 -3.54 52.41
C ALA D 138 28.13 -4.53 51.40
N LEU D 139 27.68 -5.77 51.42
CA LEU D 139 28.22 -6.89 50.59
C LEU D 139 27.84 -6.69 49.10
N TYR D 140 26.65 -6.11 48.83
CA TYR D 140 26.07 -5.91 47.46
C TYR D 140 25.44 -4.51 47.35
N SER D 141 26.16 -3.57 46.73
CA SER D 141 25.80 -2.13 46.64
C SER D 141 24.66 -1.88 45.65
N THR D 142 24.45 -2.78 44.68
CA THR D 142 23.36 -2.72 43.67
C THR D 142 22.65 -4.07 43.60
N SER D 143 21.38 -4.04 43.22
CA SER D 143 20.46 -5.20 43.19
C SER D 143 20.71 -6.06 44.44
N THR D 144 20.65 -5.42 45.61
CA THR D 144 21.13 -6.01 46.88
C THR D 144 20.51 -7.39 47.06
N MET D 145 19.18 -7.46 47.19
CA MET D 145 18.45 -8.73 47.44
C MET D 145 18.74 -9.74 46.32
N GLU D 146 18.78 -9.29 45.05
CA GLU D 146 18.86 -10.19 43.86
C GLU D 146 20.23 -10.89 43.83
N GLN D 147 21.28 -10.21 44.28
CA GLN D 147 22.61 -10.86 44.41
C GLN D 147 22.56 -11.88 45.55
N HIS D 148 21.89 -11.55 46.65
CA HIS D 148 21.68 -12.52 47.76
C HIS D 148 20.93 -13.74 47.22
N HIS D 149 19.83 -13.53 46.48
CA HIS D 149 18.99 -14.62 45.90
C HIS D 149 19.88 -15.60 45.14
N PHE D 150 20.72 -15.10 44.23
CA PHE D 150 21.62 -15.97 43.41
C PHE D 150 22.64 -16.67 44.30
N SER D 151 23.23 -15.96 45.27
CA SER D 151 24.18 -16.53 46.27
C SER D 151 23.54 -17.73 46.98
N GLN D 152 22.34 -17.54 47.54
CA GLN D 152 21.52 -18.60 48.20
C GLN D 152 21.28 -19.77 47.23
N THR D 153 21.03 -19.48 45.95
CA THR D 153 20.78 -20.50 44.91
C THR D 153 22.02 -21.39 44.77
N VAL D 154 23.22 -20.80 44.79
CA VAL D 154 24.50 -21.53 44.55
C VAL D 154 24.80 -22.38 45.79
N SER D 155 24.58 -21.82 46.98
CA SER D 155 24.72 -22.54 48.27
C SER D 155 23.95 -23.85 48.21
N ILE D 156 22.69 -23.80 47.80
CA ILE D 156 21.80 -24.99 47.77
C ILE D 156 22.32 -25.99 46.72
N LEU D 157 22.70 -25.51 45.53
CA LEU D 157 23.18 -26.41 44.42
C LEU D 157 24.44 -27.15 44.88
N GLN D 158 25.14 -26.64 45.89
CA GLN D 158 26.41 -27.20 46.43
C GLN D 158 26.15 -28.02 47.71
N LEU D 159 24.92 -28.13 48.17
CA LEU D 159 24.57 -29.11 49.25
C LEU D 159 24.78 -30.52 48.69
N GLU D 160 25.21 -31.46 49.53
CA GLU D 160 25.46 -32.90 49.18
C GLU D 160 24.16 -33.42 48.57
N GLY D 161 24.23 -33.97 47.34
CA GLY D 161 23.10 -34.61 46.65
C GLY D 161 22.09 -33.63 46.08
N HIS D 162 22.40 -32.33 46.02
CA HIS D 162 21.48 -31.25 45.56
C HIS D 162 21.81 -30.74 44.15
N ASN D 163 22.96 -31.12 43.57
CA ASN D 163 23.36 -30.61 42.24
C ASN D 163 22.61 -31.37 41.13
N ILE D 164 21.54 -30.73 40.68
CA ILE D 164 20.61 -31.18 39.59
C ILE D 164 21.28 -30.99 38.22
N PHE D 165 22.38 -30.25 38.14
CA PHE D 165 23.12 -30.00 36.86
C PHE D 165 24.38 -30.85 36.77
N SER D 166 24.43 -31.99 37.46
CA SER D 166 25.68 -32.80 37.59
C SER D 166 25.96 -33.54 36.27
N THR D 167 24.95 -33.91 35.49
CA THR D 167 25.13 -34.63 34.19
C THR D 167 25.52 -33.64 33.07
N LEU D 168 25.47 -32.33 33.33
CA LEU D 168 25.94 -31.31 32.33
C LEU D 168 27.47 -31.39 32.25
N SER D 169 28.04 -31.10 31.07
CA SER D 169 29.48 -30.84 30.87
C SER D 169 29.89 -29.61 31.69
N SER D 170 31.19 -29.33 31.84
CA SER D 170 31.72 -28.20 32.62
C SER D 170 31.31 -26.89 31.94
N SER D 171 31.40 -26.84 30.61
CA SER D 171 31.02 -25.67 29.77
C SER D 171 29.53 -25.40 29.90
N GLU D 172 28.71 -26.45 29.80
CA GLU D 172 27.23 -26.35 29.90
C GLU D 172 26.85 -25.90 31.31
N TYR D 173 27.58 -26.37 32.33
CA TYR D 173 27.32 -26.04 33.75
C TYR D 173 27.54 -24.53 33.98
N GLU D 174 28.70 -24.00 33.60
CA GLU D 174 29.03 -22.56 33.86
C GLU D 174 28.08 -21.67 33.04
N GLN D 175 27.57 -22.19 31.94
CA GLN D 175 26.63 -21.47 31.05
C GLN D 175 25.25 -21.40 31.71
N VAL D 176 24.72 -22.54 32.16
CA VAL D 176 23.38 -22.60 32.80
C VAL D 176 23.41 -21.76 34.07
N LEU D 177 24.51 -21.80 34.85
CA LEU D 177 24.65 -20.99 36.09
C LEU D 177 24.61 -19.51 35.73
N GLU D 178 25.19 -19.15 34.58
CA GLU D 178 25.23 -17.77 34.05
C GLU D 178 23.86 -17.34 33.49
N ILE D 179 23.05 -18.24 32.94
CA ILE D 179 21.63 -17.94 32.58
C ILE D 179 20.88 -17.55 33.87
N ILE D 180 21.04 -18.37 34.91
CA ILE D 180 20.28 -18.25 36.19
C ILE D 180 20.62 -16.92 36.84
N ARG D 181 21.90 -16.56 36.86
CA ARG D 181 22.38 -15.30 37.49
C ARG D 181 21.76 -14.11 36.77
N LYS D 182 21.86 -14.06 35.44
CA LYS D 182 21.36 -12.93 34.63
C LYS D 182 19.86 -12.79 34.88
N ALA D 183 19.16 -13.91 34.87
CA ALA D 183 17.69 -13.99 35.01
C ALA D 183 17.28 -13.49 36.41
N ILE D 184 17.99 -13.91 37.47
CA ILE D 184 17.65 -13.51 38.87
C ILE D 184 17.96 -12.01 39.01
N ILE D 185 19.13 -11.56 38.55
CA ILE D 185 19.51 -10.11 38.64
C ILE D 185 18.43 -9.28 37.94
N ALA D 186 17.89 -9.75 36.80
CA ALA D 186 16.91 -9.01 35.95
C ALA D 186 15.60 -8.75 36.71
N THR D 187 15.29 -9.54 37.75
CA THR D 187 14.07 -9.40 38.59
C THR D 187 14.13 -8.14 39.47
N ASP D 188 15.26 -7.44 39.52
CA ASP D 188 15.38 -6.06 40.08
C ASP D 188 14.63 -5.11 39.15
N LEU D 189 13.48 -4.58 39.58
CA LEU D 189 12.63 -3.73 38.71
C LEU D 189 13.38 -2.44 38.32
N ALA D 190 14.41 -2.05 39.08
CA ALA D 190 15.21 -0.85 38.79
C ALA D 190 15.83 -0.97 37.39
N LEU D 191 16.30 -2.17 37.03
CA LEU D 191 17.02 -2.46 35.76
C LEU D 191 16.01 -2.73 34.63
N TYR D 192 14.73 -2.97 34.95
CA TYR D 192 13.69 -3.30 33.95
C TYR D 192 13.45 -2.11 32.99
N PHE D 193 13.40 -0.88 33.51
CA PHE D 193 12.99 0.33 32.74
C PHE D 193 13.94 0.53 31.55
N GLY D 194 15.25 0.56 31.81
CA GLY D 194 16.31 0.60 30.80
C GLY D 194 16.29 -0.58 29.85
N ASN D 195 15.99 -1.79 30.35
CA ASN D 195 16.02 -3.05 29.54
C ASN D 195 14.92 -2.98 28.49
N ARG D 196 13.69 -2.65 28.90
CA ARG D 196 12.51 -2.57 28.01
C ARG D 196 12.70 -1.47 26.94
N LYS D 197 13.32 -0.34 27.31
CA LYS D 197 13.62 0.81 26.40
C LYS D 197 14.59 0.37 25.31
N GLN D 198 15.67 -0.34 25.66
CA GLN D 198 16.62 -0.93 24.68
C GLN D 198 15.88 -1.92 23.78
N LEU D 199 15.11 -2.86 24.33
CA LEU D 199 14.46 -3.92 23.52
C LEU D 199 13.43 -3.28 22.57
N GLU D 200 12.69 -2.28 23.05
CA GLU D 200 11.67 -1.56 22.26
C GLU D 200 12.36 -0.96 21.03
N GLU D 201 13.47 -0.26 21.26
CA GLU D 201 14.25 0.44 20.21
C GLU D 201 14.75 -0.60 19.20
N MET D 202 15.31 -1.71 19.66
CA MET D 202 15.83 -2.80 18.81
C MET D 202 14.70 -3.43 18.00
N TYR D 203 13.55 -3.73 18.60
CA TYR D 203 12.46 -4.47 17.93
C TYR D 203 11.79 -3.60 16.85
N GLN D 204 11.61 -2.31 17.12
CA GLN D 204 10.88 -1.35 16.25
C GLN D 204 11.74 -1.00 15.02
N THR D 205 13.06 -0.83 15.20
CA THR D 205 14.01 -0.54 14.09
C THR D 205 14.60 -1.86 13.55
N GLY D 206 13.92 -2.99 13.79
CA GLY D 206 14.25 -4.34 13.27
C GLY D 206 15.72 -4.75 13.42
N SER D 207 16.45 -4.23 14.41
CA SER D 207 17.85 -4.62 14.71
C SER D 207 17.91 -5.70 15.80
N LEU D 208 16.78 -6.16 16.34
CA LEU D 208 16.74 -7.23 17.38
C LEU D 208 17.07 -8.57 16.70
N ASN D 209 18.01 -9.32 17.29
CA ASN D 209 18.57 -10.57 16.73
C ASN D 209 18.78 -11.60 17.84
N LEU D 210 17.99 -12.67 17.83
CA LEU D 210 18.02 -13.76 18.85
C LEU D 210 19.28 -14.62 18.71
N ASN D 211 20.05 -14.49 17.62
CA ASN D 211 21.37 -15.20 17.48
C ASN D 211 22.45 -14.39 18.19
N ASN D 212 22.16 -13.15 18.60
CA ASN D 212 23.06 -12.29 19.40
C ASN D 212 22.78 -12.59 20.87
N GLN D 213 23.77 -13.14 21.61
CA GLN D 213 23.63 -13.57 23.02
C GLN D 213 23.19 -12.39 23.91
N SER D 214 23.79 -11.22 23.70
CA SER D 214 23.47 -9.94 24.39
C SER D 214 21.97 -9.63 24.25
N HIS D 215 21.40 -9.93 23.08
CA HIS D 215 19.97 -9.70 22.74
C HIS D 215 19.11 -10.74 23.47
N ARG D 216 19.52 -12.01 23.47
CA ARG D 216 18.78 -13.09 24.17
C ARG D 216 18.65 -12.71 25.66
N ASP D 217 19.75 -12.23 26.26
CA ASP D 217 19.83 -11.89 27.71
C ASP D 217 18.78 -10.83 28.05
N ARG D 218 18.70 -9.79 27.22
CA ARG D 218 17.71 -8.70 27.37
C ARG D 218 16.29 -9.26 27.27
N VAL D 219 16.03 -10.13 26.28
CA VAL D 219 14.70 -10.79 26.08
C VAL D 219 14.38 -11.61 27.33
N ILE D 220 15.35 -12.41 27.78
CA ILE D 220 15.21 -13.26 29.00
C ILE D 220 14.97 -12.35 30.21
N GLY D 221 15.73 -11.26 30.32
CA GLY D 221 15.53 -10.24 31.37
C GLY D 221 14.10 -9.75 31.40
N LEU D 222 13.55 -9.43 30.23
CA LEU D 222 12.15 -8.95 30.09
C LEU D 222 11.17 -10.09 30.39
N MET D 223 11.48 -11.32 29.99
CA MET D 223 10.63 -12.49 30.35
C MET D 223 10.56 -12.61 31.88
N MET D 224 11.68 -12.42 32.57
CA MET D 224 11.77 -12.54 34.06
C MET D 224 10.88 -11.47 34.70
N THR D 225 11.01 -10.21 34.29
CA THR D 225 10.12 -9.13 34.80
C THR D 225 8.67 -9.54 34.52
N ALA D 226 8.38 -10.06 33.32
CA ALA D 226 7.00 -10.40 32.90
C ALA D 226 6.43 -11.43 33.88
N CYS D 227 7.20 -12.49 34.15
CA CYS D 227 6.83 -13.58 35.10
C CYS D 227 6.71 -13.02 36.53
N ASP D 228 7.63 -12.14 36.92
CA ASP D 228 7.71 -11.61 38.29
C ASP D 228 6.45 -10.80 38.61
N LEU D 229 5.89 -10.10 37.62
CA LEU D 229 4.75 -9.15 37.81
C LEU D 229 3.43 -9.86 37.52
N CYS D 230 3.44 -11.18 37.34
CA CYS D 230 2.35 -11.95 36.67
C CYS D 230 1.05 -11.97 37.50
N SER D 231 1.03 -11.45 38.74
CA SER D 231 -0.23 -11.25 39.52
C SER D 231 -1.20 -10.31 38.78
N VAL D 232 -0.69 -9.41 37.94
CA VAL D 232 -1.52 -8.42 37.20
C VAL D 232 -2.08 -9.06 35.92
N THR D 233 -1.74 -10.32 35.64
CA THR D 233 -2.17 -11.03 34.40
C THR D 233 -3.15 -12.14 34.77
N LYS D 234 -3.55 -12.18 36.04
CA LYS D 234 -4.49 -13.18 36.56
C LYS D 234 -5.89 -12.64 36.36
N LEU D 235 -6.89 -13.50 36.56
CA LEU D 235 -8.30 -13.06 36.63
C LEU D 235 -8.45 -12.14 37.84
N TRP D 236 -9.42 -11.21 37.77
CA TRP D 236 -9.52 -10.03 38.67
C TRP D 236 -9.56 -10.45 40.15
N PRO D 237 -10.32 -11.49 40.54
CA PRO D 237 -10.39 -11.88 41.95
C PRO D 237 -9.02 -12.32 42.51
N VAL D 238 -8.20 -13.01 41.69
CA VAL D 238 -6.81 -13.40 42.04
C VAL D 238 -5.94 -12.14 42.13
N THR D 239 -6.06 -11.22 41.17
CA THR D 239 -5.24 -9.98 41.08
C THR D 239 -5.53 -9.12 42.33
N LYS D 240 -6.81 -8.91 42.63
CA LYS D 240 -7.31 -8.08 43.77
C LYS D 240 -6.81 -8.70 45.09
N LEU D 241 -6.91 -10.02 45.24
CA LEU D 241 -6.54 -10.71 46.51
C LEU D 241 -5.01 -10.71 46.68
N THR D 242 -4.25 -10.92 45.60
CA THR D 242 -2.76 -10.89 45.65
C THR D 242 -2.30 -9.47 46.02
N ALA D 243 -3.04 -8.44 45.58
CA ALA D 243 -2.74 -7.02 45.86
C ALA D 243 -2.64 -6.78 47.37
N ASN D 244 -3.53 -7.37 48.17
CA ASN D 244 -3.51 -7.29 49.66
C ASN D 244 -2.19 -7.85 50.22
N ASP D 245 -1.75 -9.02 49.75
CA ASP D 245 -0.46 -9.65 50.15
C ASP D 245 0.70 -8.69 49.83
N ILE D 246 0.73 -8.13 48.63
CA ILE D 246 1.81 -7.20 48.18
C ILE D 246 1.82 -5.95 49.09
N TYR D 247 0.66 -5.39 49.39
CA TYR D 247 0.55 -4.14 50.19
C TYR D 247 0.85 -4.45 51.66
N ALA D 248 0.52 -5.67 52.11
CA ALA D 248 0.82 -6.14 53.48
C ALA D 248 2.32 -5.97 53.73
N GLU D 249 3.16 -6.43 52.79
CA GLU D 249 4.64 -6.26 52.87
C GLU D 249 5.01 -4.78 52.79
N PHE D 250 4.46 -4.07 51.81
CA PHE D 250 4.80 -2.65 51.55
C PHE D 250 4.56 -1.83 52.82
N TRP D 251 3.39 -2.00 53.45
CA TRP D 251 2.96 -1.23 54.63
C TRP D 251 3.82 -1.58 55.85
N ALA D 252 4.21 -2.85 56.02
CA ALA D 252 5.17 -3.29 57.06
C ALA D 252 6.52 -2.59 56.84
N GLU D 253 6.97 -2.49 55.58
CA GLU D 253 8.23 -1.75 55.25
C GLU D 253 8.04 -0.26 55.53
N GLY D 254 6.91 0.33 55.14
CA GLY D 254 6.59 1.73 55.47
C GLY D 254 6.67 1.97 56.97
N ASP D 255 6.13 1.06 57.78
CA ASP D 255 6.15 1.16 59.27
C ASP D 255 7.61 1.24 59.73
N GLU D 256 8.46 0.35 59.20
CA GLU D 256 9.91 0.29 59.52
C GLU D 256 10.63 1.54 59.02
N MET D 257 10.20 2.15 57.91
CA MET D 257 10.73 3.45 57.42
C MET D 257 10.39 4.54 58.47
N LYS D 258 9.15 4.65 58.94
CA LYS D 258 8.74 5.61 60.00
C LYS D 258 9.54 5.35 61.28
N LYS D 259 9.88 4.09 61.56
CA LYS D 259 10.67 3.67 62.74
C LYS D 259 12.12 4.13 62.59
N LEU D 260 12.60 4.31 61.35
CA LEU D 260 13.95 4.86 61.04
C LEU D 260 13.92 6.41 61.06
N GLY D 261 12.75 7.04 61.23
CA GLY D 261 12.60 8.50 61.26
C GLY D 261 12.46 9.11 59.87
N ILE D 262 12.02 8.31 58.89
CA ILE D 262 11.86 8.69 57.45
C ILE D 262 10.39 8.54 57.05
N GLN D 263 9.80 9.55 56.42
CA GLN D 263 8.45 9.46 55.79
C GLN D 263 8.56 8.53 54.59
N PRO D 264 7.86 7.37 54.56
CA PRO D 264 7.95 6.46 53.43
C PRO D 264 7.18 7.02 52.23
N ILE D 265 7.41 6.48 51.02
CA ILE D 265 6.62 6.83 49.81
C ILE D 265 5.16 6.42 50.05
N PRO D 266 4.17 7.14 49.48
CA PRO D 266 2.75 6.84 49.71
C PRO D 266 2.36 5.36 49.52
N MET D 267 2.96 4.69 48.54
CA MET D 267 2.73 3.26 48.19
C MET D 267 2.96 2.37 49.44
N MET D 268 3.96 2.71 50.26
CA MET D 268 4.34 1.94 51.46
C MET D 268 3.73 2.56 52.72
N ASP D 269 2.87 3.58 52.60
CA ASP D 269 2.23 4.25 53.76
C ASP D 269 0.80 3.73 53.94
N ARG D 270 0.51 3.09 55.08
CA ARG D 270 -0.83 2.48 55.33
C ARG D 270 -1.84 3.59 55.63
N ASP D 271 -1.39 4.76 56.11
CA ASP D 271 -2.28 5.91 56.36
C ASP D 271 -2.78 6.48 55.03
N LYS D 272 -2.25 5.98 53.90
CA LYS D 272 -2.66 6.39 52.53
C LYS D 272 -3.26 5.20 51.77
N LYS D 273 -3.86 4.24 52.49
CA LYS D 273 -4.64 3.09 51.94
C LYS D 273 -5.58 3.53 50.81
N ASP D 274 -6.40 4.55 51.08
CA ASP D 274 -7.51 5.04 50.22
C ASP D 274 -7.00 5.38 48.82
N GLU D 275 -5.73 5.79 48.66
CA GLU D 275 -5.10 6.13 47.35
C GLU D 275 -4.62 4.87 46.60
N VAL D 276 -5.03 3.64 46.99
CA VAL D 276 -4.51 2.39 46.34
C VAL D 276 -5.00 2.33 44.90
N PRO D 277 -6.32 2.50 44.62
CA PRO D 277 -6.82 2.42 43.25
C PRO D 277 -6.00 3.30 42.28
N GLN D 278 -5.69 4.53 42.71
CA GLN D 278 -4.97 5.56 41.91
C GLN D 278 -3.50 5.13 41.68
N GLY D 279 -2.85 4.56 42.69
CA GLY D 279 -1.47 4.08 42.61
C GLY D 279 -1.35 2.90 41.66
N GLN D 280 -2.32 1.99 41.68
CA GLN D 280 -2.41 0.82 40.77
C GLN D 280 -2.51 1.28 39.32
N LEU D 281 -3.45 2.20 39.06
CA LEU D 281 -3.63 2.86 37.73
C LEU D 281 -2.25 3.29 37.21
N GLY D 282 -1.52 4.04 38.02
CA GLY D 282 -0.17 4.57 37.70
C GLY D 282 0.80 3.44 37.41
N PHE D 283 0.75 2.37 38.21
CA PHE D 283 1.66 1.20 38.10
C PHE D 283 1.39 0.46 36.78
N TYR D 284 0.12 0.24 36.42
CA TYR D 284 -0.26 -0.44 35.15
C TYR D 284 0.19 0.38 33.91
N ASN D 285 0.04 1.70 33.94
CA ASN D 285 0.43 2.62 32.83
C ASN D 285 1.95 2.77 32.75
N ALA D 286 2.64 3.01 33.89
CA ALA D 286 4.11 3.28 33.92
C ALA D 286 4.93 1.98 33.80
N VAL D 287 4.41 0.81 34.20
CA VAL D 287 5.25 -0.42 34.40
C VAL D 287 4.65 -1.64 33.69
N ALA D 288 3.47 -2.09 34.12
CA ALA D 288 2.88 -3.40 33.74
C ALA D 288 2.54 -3.40 32.23
N ILE D 289 1.77 -2.42 31.75
CA ILE D 289 1.29 -2.41 30.33
C ILE D 289 2.51 -2.30 29.41
N PRO D 290 3.46 -1.35 29.61
CA PRO D 290 4.66 -1.35 28.77
C PRO D 290 5.31 -2.74 28.78
N CYS D 291 5.45 -3.35 29.97
CA CYS D 291 6.17 -4.65 30.15
C CYS D 291 5.61 -5.68 29.16
N TYR D 292 4.31 -5.93 29.21
CA TYR D 292 3.60 -7.00 28.44
C TYR D 292 3.34 -6.59 26.98
N THR D 293 3.34 -5.29 26.68
CA THR D 293 3.23 -4.74 25.29
C THR D 293 4.52 -5.10 24.53
N THR D 294 5.69 -4.72 25.07
CA THR D 294 7.01 -5.03 24.46
C THR D 294 7.18 -6.55 24.34
N LEU D 295 6.69 -7.32 25.31
CA LEU D 295 6.93 -8.78 25.36
C LEU D 295 6.14 -9.43 24.22
N THR D 296 4.89 -9.00 24.04
CA THR D 296 3.96 -9.53 23.01
C THR D 296 4.49 -9.17 21.62
N GLN D 297 5.13 -8.01 21.48
CA GLN D 297 5.86 -7.62 20.25
C GLN D 297 6.89 -8.71 19.91
N ILE D 298 7.72 -9.09 20.87
CA ILE D 298 8.90 -9.98 20.65
C ILE D 298 8.46 -11.45 20.60
N LEU D 299 7.52 -11.86 21.46
CA LEU D 299 6.97 -13.25 21.54
C LEU D 299 5.44 -13.17 21.49
N PRO D 300 4.85 -12.97 20.29
CA PRO D 300 3.40 -12.83 20.12
C PRO D 300 2.50 -13.82 20.86
N PRO D 301 2.88 -15.11 21.01
CA PRO D 301 2.08 -16.05 21.81
C PRO D 301 1.90 -15.64 23.30
N THR D 302 2.73 -14.72 23.82
CA THR D 302 2.58 -14.18 25.21
C THR D 302 1.44 -13.14 25.30
N GLU D 303 0.71 -12.90 24.22
CA GLU D 303 -0.34 -11.84 24.15
C GLU D 303 -1.43 -12.06 25.22
N PRO D 304 -1.86 -13.29 25.55
CA PRO D 304 -2.82 -13.46 26.65
C PRO D 304 -2.44 -12.76 27.97
N LEU D 305 -1.15 -12.57 28.24
CA LEU D 305 -0.68 -11.79 29.43
C LEU D 305 -1.13 -10.33 29.29
N LEU D 306 -0.88 -9.72 28.11
CA LEU D 306 -1.22 -8.29 27.80
C LEU D 306 -2.74 -8.06 27.94
N LYS D 307 -3.55 -8.94 27.36
CA LYS D 307 -5.05 -8.91 27.45
C LYS D 307 -5.46 -8.82 28.92
N ALA D 308 -5.10 -9.83 29.73
CA ALA D 308 -5.47 -9.97 31.15
C ALA D 308 -5.00 -8.73 31.93
N CYS D 309 -3.82 -8.20 31.61
CA CYS D 309 -3.29 -6.95 32.20
C CYS D 309 -4.23 -5.77 31.89
N ARG D 310 -4.65 -5.59 30.63
CA ARG D 310 -5.57 -4.50 30.20
C ARG D 310 -6.92 -4.64 30.93
N ASP D 311 -7.44 -5.86 31.04
CA ASP D 311 -8.71 -6.15 31.74
C ASP D 311 -8.61 -5.67 33.20
N ASN D 312 -7.52 -6.02 33.91
CA ASN D 312 -7.32 -5.66 35.34
C ASN D 312 -7.15 -4.14 35.45
N LEU D 313 -6.52 -3.48 34.47
CA LEU D 313 -6.44 -1.99 34.42
C LEU D 313 -7.86 -1.42 34.42
N SER D 314 -8.78 -1.96 33.63
CA SER D 314 -10.16 -1.40 33.53
C SER D 314 -10.96 -1.78 34.77
N GLN D 315 -10.56 -2.84 35.48
CA GLN D 315 -11.13 -3.19 36.82
C GLN D 315 -10.72 -2.14 37.85
N TRP D 316 -9.45 -1.71 37.87
CA TRP D 316 -8.98 -0.64 38.79
C TRP D 316 -9.66 0.71 38.45
N GLU D 317 -9.89 0.98 37.17
CA GLU D 317 -10.64 2.18 36.69
C GLU D 317 -12.07 2.18 37.25
N LYS D 318 -12.71 1.00 37.36
CA LYS D 318 -14.08 0.84 37.93
C LYS D 318 -14.07 1.04 39.44
N VAL D 319 -13.01 0.58 40.12
CA VAL D 319 -12.87 0.72 41.60
C VAL D 319 -12.75 2.22 41.91
N ILE D 320 -12.06 3.00 41.06
CA ILE D 320 -11.87 4.47 41.23
C ILE D 320 -13.23 5.21 41.18
N ARG D 321 -14.32 4.54 40.77
CA ARG D 321 -15.72 5.05 40.96
C ARG D 321 -16.58 3.98 41.67
N GLY D 322 -17.16 3.02 40.94
CA GLY D 322 -18.10 2.01 41.48
C GLY D 322 -17.63 0.58 41.21
ZN ZN E . -5.18 16.17 -31.01
MG MG F . -4.51 13.38 -33.40
C1 K0C G . 11.85 18.03 -30.21
C2 K0C G . 12.96 17.43 -29.57
C3 K0C G . 11.86 18.24 -31.65
N4 K0C G . 10.64 18.47 -29.66
C5 K0C G . 14.07 17.06 -30.38
C6 K0C G . 13.01 17.19 -28.17
N7 K0C G . 10.62 18.82 -31.96
C8 K0C G . 12.97 17.88 -32.44
C9 K0C G . 9.92 18.95 -30.73
C10 K0C G . 14.06 17.33 -31.80
N11 K0C G . 15.19 16.50 -29.79
C12 K0C G . 14.15 16.62 -27.62
S13 K0C G . 8.36 19.62 -30.63
C14 K0C G . 15.23 16.28 -28.48
C15 K0C G . 7.32 18.70 -29.45
C16 K0C G . 5.91 19.27 -29.39
C17 K0C G . 4.89 18.83 -30.27
N18 K0C G . 5.64 20.26 -28.45
C19 K0C G . 3.60 19.41 -30.14
C20 K0C G . 5.12 17.78 -31.29
C21 K0C G . 4.40 20.80 -28.37
C22 K0C G . 3.32 20.41 -29.20
O23 K0C G . 2.60 18.94 -30.98
C24 K0C G . 2.00 21.04 -29.05
C25 K0C G . 1.69 18.03 -30.32
ZN ZN H . -7.82 13.62 6.41
MG MG I . -9.63 16.75 5.13
C1 K0C J . 6.68 22.54 4.03
C2 K0C J . 7.58 22.95 3.01
C3 K0C J . 6.13 23.53 4.91
N4 K0C J . 6.18 21.26 4.37
C5 K0C J . 7.89 24.33 2.90
C6 K0C J . 8.17 22.05 2.08
N7 K0C J . 5.30 22.86 5.78
C8 K0C J . 6.44 24.89 4.81
C9 K0C J . 5.35 21.49 5.45
C10 K0C J . 7.30 25.27 3.81
N11 K0C J . 8.75 24.79 1.92
C12 K0C J . 9.02 22.53 1.11
S13 K0C J . 4.45 20.41 6.39
C14 K0C J . 9.29 23.92 1.08
C15 K0C J . 3.84 19.05 5.41
C16 K0C J . 2.95 18.04 6.14
C17 K0C J . 1.57 18.29 6.36
N18 K0C J . 3.54 16.86 6.51
C19 K0C J . 0.84 17.27 7.02
C20 K0C J . 0.88 19.53 5.99
C21 K0C J . 2.81 15.92 7.12
C22 K0C J . 1.45 16.08 7.42
O23 K0C J . -0.50 17.52 7.26
C24 K0C J . 0.72 14.98 8.08
C25 K0C J . -1.41 16.93 6.31
ZN ZN K . 5.65 -15.20 -13.70
MG MG L . 4.98 -16.14 -9.99
C1 K0C M . 19.87 -7.69 -7.51
C2 K0C M . 20.31 -6.50 -6.85
C3 K0C M . 20.26 -8.98 -6.98
N4 K0C M . 19.10 -7.83 -8.67
C5 K0C M . 21.11 -6.65 -5.67
C6 K0C M . 19.96 -5.18 -7.30
N7 K0C M . 19.68 -9.91 -7.83
C8 K0C M . 21.05 -9.12 -5.81
C9 K0C M . 18.99 -9.19 -8.83
C10 K0C M . 21.46 -7.96 -5.19
N11 K0C M . 21.54 -5.51 -4.99
C12 K0C M . 20.43 -4.08 -6.62
S13 K0C M . 18.20 -10.08 -10.05
C14 K0C M . 21.22 -4.30 -5.45
C15 K0C M . 16.78 -9.18 -10.69
C16 K0C M . 15.96 -9.96 -11.69
C17 K0C M . 15.12 -11.03 -11.26
N18 K0C M . 16.03 -9.57 -13.02
C19 K0C M . 14.36 -11.71 -12.25
C20 K0C M . 15.05 -11.48 -9.84
C21 K0C M . 15.29 -10.24 -13.93
C22 K0C M . 14.43 -11.34 -13.61
O23 K0C M . 13.52 -12.75 -11.87
C24 K0C M . 13.62 -12.02 -14.63
C25 K0C M . 12.14 -12.35 -11.79
ZN ZN N . 9.64 -12.00 42.76
MG MG O . 12.66 -10.02 44.07
C1 K0C P . 0.85 2.73 44.76
C2 K0C P . 0.20 3.51 45.78
C3 K0C P . 1.77 3.38 43.86
N4 K0C P . 0.76 1.37 44.44
C5 K0C P . 0.49 4.90 45.87
C6 K0C P . -0.71 2.96 46.73
N7 K0C P . 2.24 2.37 43.00
C8 K0C P . 2.05 4.77 43.97
C9 K0C P . 1.60 1.15 43.38
C10 K0C P . 1.42 5.51 44.95
N11 K0C P . -0.10 5.68 46.85
C12 K0C P . -1.29 3.76 47.69
S13 K0C P . 1.89 -0.31 42.53
C14 K0C P . -0.94 5.14 47.70
C15 K0C P . 1.90 -1.74 43.62
C16 K0C P . 2.16 -3.07 42.93
C17 K0C P . 3.50 -3.47 42.70
N18 K0C P . 1.10 -3.89 42.59
C19 K0C P . 3.71 -4.72 42.06
C20 K0C P . 4.65 -2.62 43.07
C21 K0C P . 1.33 -5.07 41.97
C22 K0C P . 2.63 -5.54 41.68
O23 K0C P . 5.02 -5.13 41.82
C24 K0C P . 2.87 -6.85 41.03
C25 K0C P . 5.57 -5.90 42.89
#